data_5CPW
#
_entry.id   5CPW
#
_cell.length_a   219.600
_cell.length_b   219.600
_cell.length_c   99.740
_cell.angle_alpha   90.000
_cell.angle_beta   90.000
_cell.angle_gamma   120.000
#
_symmetry.space_group_name_H-M   'P 31 2 1'
#
loop_
_entity.id
_entity.type
_entity.pdbx_description
1 polymer VP1
2 branched 'N-acetyl-alpha-neuraminic acid-(2-8)-N-acetyl-alpha-neuraminic acid-(2-3)-beta-D-galactopyranose-(1-3)-2-acetamido-2-deoxy-beta-D-galactopyranose-(1-4)-beta-D-galactopyranose'
3 branched 'N-acetyl-alpha-neuraminic acid-(2-8)-N-acetyl-alpha-neuraminic acid-(2-3)-beta-D-galactopyranose-(1-3)-2-acetamido-2-deoxy-beta-D-galactopyranose-(1-4)-[N-acetyl-alpha-neuraminic acid-(2-3)]beta-D-galactopyranose'
4 non-polymer GLYCEROL
5 water water
#
_entity_poly.entity_id   1
_entity_poly.type   'polypeptide(L)'
_entity_poly.pdbx_seq_one_letter_code
;GMEVLDLVTGPDSVTEIEAFLNPRMGQPPTPESLTEGGQYYGWSRGINLATSDTEDSPENNTLPTWSMAKLQLPMLNEDL
TCDTLQMWEAVSVKTEVVGSGSLLDVHGFNKPTDTVNTKGISTPVEGSQYHVFAVGGEPLDLQGLVTDARTKYKEEGVVT
IKTITKKDMVNKDQVLNPISKAKLDKDGMYPVEIWHPDPAKNENTRYFGNYTGGTTTPPVLQFTNTLTTVLLDENGVGPL
CKGEGLYLSCVDIMGWRVTRNYDVHHWRGLPRYFKITLRKRWVK
;
_entity_poly.pdbx_strand_id   A,B,C,D,E
#
loop_
_chem_comp.id
_chem_comp.type
_chem_comp.name
_chem_comp.formula
GAL D-saccharide, beta linking beta-D-galactopyranose 'C6 H12 O6'
GOL non-polymer GLYCEROL 'C3 H8 O3'
NGA D-saccharide, beta linking 2-acetamido-2-deoxy-beta-D-galactopyranose 'C8 H15 N O6'
SIA D-saccharide, alpha linking 'N-acetyl-alpha-neuraminic acid' 'C11 H19 N O9'
#
# COMPACT_ATOMS: atom_id res chain seq x y z
N GLY A 1 -29.07 -22.98 25.98
CA GLY A 1 -27.96 -22.89 24.98
C GLY A 1 -28.05 -21.68 24.06
N MET A 2 -29.27 -21.28 23.72
CA MET A 2 -29.50 -20.24 22.71
C MET A 2 -29.59 -18.81 23.27
N GLU A 3 -30.26 -18.63 24.40
CA GLU A 3 -30.44 -17.30 25.01
C GLU A 3 -29.24 -16.90 25.88
N VAL A 4 -28.61 -15.79 25.52
CA VAL A 4 -27.38 -15.33 26.19
C VAL A 4 -27.68 -14.35 27.31
N LEU A 5 -27.23 -14.68 28.53
CA LEU A 5 -27.51 -13.86 29.70
C LEU A 5 -26.25 -13.14 30.19
N ASP A 6 -26.11 -12.97 31.51
CA ASP A 6 -25.01 -12.20 32.10
C ASP A 6 -23.69 -12.95 32.07
N LEU A 7 -22.60 -12.20 32.24
CA LEU A 7 -21.28 -12.79 32.48
C LEU A 7 -21.23 -13.41 33.86
N VAL A 8 -20.58 -14.57 33.98
CA VAL A 8 -20.36 -15.22 35.26
C VAL A 8 -19.18 -14.53 35.97
N THR A 9 -19.34 -14.25 37.26
CA THR A 9 -18.23 -13.71 38.05
C THR A 9 -17.78 -14.71 39.11
N GLY A 10 -16.63 -14.42 39.73
CA GLY A 10 -16.11 -15.26 40.81
C GLY A 10 -14.86 -16.03 40.42
N PRO A 11 -14.33 -16.86 41.35
CA PRO A 11 -13.10 -17.63 41.15
C PRO A 11 -13.11 -18.45 39.86
N ASP A 12 -12.05 -18.32 39.07
CA ASP A 12 -11.86 -19.07 37.81
C ASP A 12 -12.96 -18.86 36.77
N SER A 13 -13.55 -17.67 36.73
CA SER A 13 -14.58 -17.37 35.73
C SER A 13 -13.98 -16.95 34.38
N VAL A 14 -12.67 -16.70 34.38
CA VAL A 14 -11.95 -16.33 33.17
C VAL A 14 -10.74 -17.26 33.05
N THR A 15 -10.42 -17.65 31.82
CA THR A 15 -9.25 -18.47 31.58
C THR A 15 -8.53 -18.02 30.30
N GLU A 16 -7.24 -18.33 30.20
CA GLU A 16 -6.48 -18.09 28.98
C GLU A 16 -5.91 -19.41 28.52
N ILE A 17 -6.04 -19.70 27.23
CA ILE A 17 -5.39 -20.90 26.71
C ILE A 17 -4.55 -20.55 25.49
N GLU A 18 -3.45 -21.28 25.35
CA GLU A 18 -2.56 -21.05 24.22
C GLU A 18 -2.29 -22.32 23.46
N ALA A 19 -2.01 -22.16 22.16
CA ALA A 19 -1.65 -23.27 21.31
C ALA A 19 -0.89 -22.76 20.10
N PHE A 20 -0.07 -23.64 19.54
CA PHE A 20 0.54 -23.38 18.24
CA PHE A 20 0.61 -23.41 18.26
C PHE A 20 0.06 -24.44 17.27
N LEU A 21 -0.21 -24.02 16.05
CA LEU A 21 -0.62 -24.95 15.00
C LEU A 21 0.45 -24.93 13.94
N ASN A 22 1.11 -26.07 13.77
CA ASN A 22 2.11 -26.21 12.70
C ASN A 22 1.45 -26.27 11.32
N PRO A 23 2.14 -25.75 10.28
CA PRO A 23 1.58 -25.73 8.94
C PRO A 23 1.46 -27.13 8.37
N ARG A 24 0.54 -27.28 7.42
CA ARG A 24 0.29 -28.57 6.78
C ARG A 24 0.42 -28.38 5.27
N MET A 25 1.67 -28.26 4.81
CA MET A 25 1.95 -27.89 3.42
C MET A 25 1.98 -29.09 2.45
N GLY A 26 2.04 -30.30 2.99
CA GLY A 26 1.99 -31.52 2.16
C GLY A 26 2.83 -32.67 2.69
N GLN A 27 4.06 -32.38 3.12
CA GLN A 27 4.87 -33.42 3.77
C GLN A 27 4.40 -33.56 5.22
N PRO A 28 4.01 -34.79 5.64
CA PRO A 28 3.56 -34.98 7.03
C PRO A 28 4.74 -34.85 8.02
N PRO A 29 4.44 -34.73 9.32
CA PRO A 29 5.50 -34.65 10.35
C PRO A 29 6.46 -35.85 10.39
N THR A 30 5.99 -37.02 9.98
CA THR A 30 6.84 -38.22 9.92
C THR A 30 6.91 -38.71 8.47
N PRO A 31 8.00 -39.40 8.08
CA PRO A 31 9.17 -39.80 8.89
C PRO A 31 9.99 -38.59 9.33
N GLU A 32 10.57 -38.67 10.52
CA GLU A 32 11.37 -37.57 11.05
C GLU A 32 12.73 -37.45 10.34
N SER A 33 13.20 -38.58 9.80
CA SER A 33 14.52 -38.66 9.16
C SER A 33 14.76 -37.54 8.16
N LEU A 34 15.91 -36.88 8.28
CA LEU A 34 16.24 -35.75 7.40
C LEU A 34 16.74 -36.20 6.02
N THR A 35 16.75 -37.51 5.78
CA THR A 35 17.04 -38.05 4.44
C THR A 35 15.83 -38.77 3.83
N GLU A 36 14.91 -39.23 4.66
CA GLU A 36 13.80 -40.07 4.20
C GLU A 36 12.50 -39.28 3.96
N GLY A 37 12.60 -37.96 3.86
CA GLY A 37 11.42 -37.14 3.60
C GLY A 37 11.19 -36.05 4.63
N GLY A 38 11.70 -36.25 5.84
CA GLY A 38 11.52 -35.27 6.93
C GLY A 38 12.14 -33.91 6.64
N GLN A 39 13.16 -33.88 5.78
CA GLN A 39 13.73 -32.63 5.29
C GLN A 39 12.70 -31.70 4.60
N TYR A 40 11.56 -32.25 4.17
CA TYR A 40 10.50 -31.43 3.55
C TYR A 40 9.42 -30.98 4.53
N TYR A 41 9.54 -31.35 5.80
CA TYR A 41 8.53 -30.94 6.79
C TYR A 41 8.53 -29.42 6.97
N GLY A 42 7.34 -28.81 6.84
CA GLY A 42 7.19 -27.36 6.78
C GLY A 42 6.99 -26.87 5.35
N TRP A 43 7.13 -27.80 4.40
CA TRP A 43 7.05 -27.50 2.98
C TRP A 43 6.16 -28.53 2.31
N SER A 44 5.77 -28.27 1.06
CA SER A 44 5.17 -29.32 0.25
C SER A 44 6.27 -30.14 -0.39
N ARG A 45 5.90 -31.28 -0.97
CA ARG A 45 6.76 -31.95 -1.92
C ARG A 45 6.67 -31.21 -3.27
N GLY A 46 7.56 -31.54 -4.20
CA GLY A 46 7.64 -30.84 -5.50
C GLY A 46 6.32 -30.85 -6.25
N ILE A 47 5.82 -29.68 -6.60
CA ILE A 47 4.51 -29.55 -7.26
C ILE A 47 4.52 -30.28 -8.63
N ASN A 48 3.56 -31.17 -8.84
CA ASN A 48 3.45 -31.92 -10.08
C ASN A 48 2.35 -31.33 -10.96
N LEU A 49 2.63 -31.22 -12.24
CA LEU A 49 1.74 -30.50 -13.15
C LEU A 49 0.91 -31.44 -14.00
N ALA A 50 -0.27 -30.95 -14.39
CA ALA A 50 -1.15 -31.60 -15.37
C ALA A 50 -0.38 -31.97 -16.63
N THR A 51 -0.76 -33.09 -17.24
CA THR A 51 -0.14 -33.56 -18.47
C THR A 51 -0.99 -33.21 -19.71
N SER A 52 -2.21 -32.75 -19.48
CA SER A 52 -3.05 -32.26 -20.57
C SER A 52 -4.21 -31.47 -19.96
N ASP A 53 -5.01 -30.86 -20.82
CA ASP A 53 -6.19 -30.12 -20.38
C ASP A 53 -7.21 -31.01 -19.64
N THR A 54 -7.12 -32.32 -19.84
CA THR A 54 -8.06 -33.26 -19.21
C THR A 54 -7.43 -34.22 -18.19
N GLU A 55 -6.15 -34.01 -17.87
CA GLU A 55 -5.43 -34.89 -16.96
C GLU A 55 -4.65 -34.10 -15.93
N ASP A 56 -5.32 -33.73 -14.85
CA ASP A 56 -4.72 -32.94 -13.77
C ASP A 56 -4.95 -33.71 -12.47
N SER A 57 -3.92 -34.41 -12.01
CA SER A 57 -4.04 -35.19 -10.77
CA SER A 57 -4.02 -35.21 -10.78
C SER A 57 -2.92 -34.82 -9.78
N PRO A 58 -3.19 -33.80 -8.94
CA PRO A 58 -2.15 -33.38 -8.01
C PRO A 58 -1.96 -34.41 -6.90
N GLU A 59 -0.71 -34.67 -6.53
CA GLU A 59 -0.43 -35.59 -5.42
C GLU A 59 -0.80 -34.92 -4.11
N ASN A 60 -1.27 -35.71 -3.15
CA ASN A 60 -1.72 -35.12 -1.88
C ASN A 60 -0.63 -34.33 -1.18
N ASN A 61 0.61 -34.83 -1.27
CA ASN A 61 1.73 -34.18 -0.56
C ASN A 61 2.24 -32.90 -1.26
N THR A 62 1.54 -32.48 -2.32
CA THR A 62 1.80 -31.21 -3.00
C THR A 62 0.70 -30.16 -2.70
N LEU A 63 -0.32 -30.55 -1.94
CA LEU A 63 -1.47 -29.68 -1.66
C LEU A 63 -1.50 -29.22 -0.21
N PRO A 64 -1.32 -27.91 0.02
CA PRO A 64 -1.46 -27.42 1.39
C PRO A 64 -2.88 -27.61 1.87
N THR A 65 -3.02 -28.01 3.13
CA THR A 65 -4.33 -28.24 3.73
C THR A 65 -4.51 -27.35 4.95
N TRP A 66 -5.74 -27.22 5.42
CA TRP A 66 -6.01 -26.47 6.66
C TRP A 66 -5.35 -27.11 7.88
N SER A 67 -4.80 -26.28 8.76
CA SER A 67 -4.46 -26.74 10.11
C SER A 67 -5.66 -26.51 11.00
N MET A 68 -5.87 -27.44 11.93
CA MET A 68 -6.89 -27.24 12.96
CA MET A 68 -6.97 -27.35 12.92
C MET A 68 -6.58 -28.00 14.23
N ALA A 69 -7.14 -27.50 15.33
CA ALA A 69 -7.04 -28.14 16.63
C ALA A 69 -8.35 -27.88 17.37
N LYS A 70 -8.81 -28.88 18.10
CA LYS A 70 -9.91 -28.69 19.04
C LYS A 70 -9.31 -28.77 20.43
N LEU A 71 -9.45 -27.69 21.20
CA LEU A 71 -8.98 -27.68 22.58
C LEU A 71 -10.14 -27.89 23.55
N GLN A 72 -9.88 -28.67 24.59
CA GLN A 72 -10.89 -28.95 25.62
C GLN A 72 -10.77 -27.95 26.76
N LEU A 73 -11.89 -27.34 27.12
CA LEU A 73 -11.94 -26.34 28.18
C LEU A 73 -12.38 -26.97 29.49
N PRO A 74 -12.15 -26.27 30.63
CA PRO A 74 -12.57 -26.83 31.91
C PRO A 74 -14.07 -27.14 31.95
N MET A 75 -14.43 -28.25 32.59
CA MET A 75 -15.83 -28.70 32.68
C MET A 75 -16.67 -27.63 33.37
N LEU A 76 -17.93 -27.52 32.95
N LEU A 76 -17.95 -27.55 33.00
CA LEU A 76 -18.87 -26.56 33.54
CA LEU A 76 -18.82 -26.47 33.49
C LEU A 76 -20.15 -27.29 33.95
C LEU A 76 -20.09 -26.92 34.24
N ASN A 77 -20.90 -26.68 34.86
N ASN A 77 -20.91 -27.70 33.57
CA ASN A 77 -22.20 -27.19 35.26
CA ASN A 77 -22.24 -28.03 34.07
C ASN A 77 -22.11 -28.48 36.08
C ASN A 77 -22.37 -29.45 34.61
N THR A 84 -30.82 -22.77 33.96
CA THR A 84 -29.77 -21.86 33.51
C THR A 84 -28.38 -22.51 33.60
N LEU A 85 -27.70 -22.56 32.47
CA LEU A 85 -26.39 -23.21 32.37
C LEU A 85 -25.28 -22.19 32.12
N GLN A 86 -24.03 -22.68 32.03
CA GLN A 86 -22.87 -21.86 31.70
C GLN A 86 -22.18 -22.41 30.46
N MET A 87 -21.58 -21.51 29.69
CA MET A 87 -20.76 -21.87 28.53
C MET A 87 -19.52 -20.98 28.52
N TRP A 88 -18.42 -21.51 28.01
CA TRP A 88 -17.23 -20.70 27.77
C TRP A 88 -17.44 -19.83 26.54
N GLU A 89 -17.07 -18.56 26.66
CA GLU A 89 -17.20 -17.59 25.58
C GLU A 89 -15.82 -17.04 25.23
N ALA A 90 -15.42 -17.16 23.96
CA ALA A 90 -14.13 -16.63 23.48
C ALA A 90 -14.24 -15.13 23.26
N VAL A 91 -13.48 -14.36 24.04
CA VAL A 91 -13.59 -12.89 24.07
C VAL A 91 -12.64 -12.25 23.08
N SER A 92 -11.42 -12.77 23.04
CA SER A 92 -10.35 -12.17 22.26
C SER A 92 -9.25 -13.19 21.99
N VAL A 93 -8.43 -12.90 21.00
CA VAL A 93 -7.28 -13.74 20.71
C VAL A 93 -6.07 -12.88 20.31
N LYS A 94 -4.90 -13.27 20.81
CA LYS A 94 -3.66 -12.75 20.28
C LYS A 94 -3.09 -13.87 19.42
N THR A 95 -2.87 -13.57 18.14
CA THR A 95 -2.37 -14.57 17.22
C THR A 95 -1.17 -14.01 16.45
N GLU A 96 -0.19 -14.87 16.16
CA GLU A 96 1.06 -14.47 15.54
C GLU A 96 1.57 -15.59 14.64
N VAL A 97 2.04 -15.23 13.44
CA VAL A 97 2.68 -16.20 12.55
C VAL A 97 4.17 -16.08 12.85
N VAL A 98 4.80 -17.20 13.19
CA VAL A 98 6.17 -17.19 13.70
C VAL A 98 7.16 -17.71 12.67
N GLY A 99 8.31 -17.05 12.56
CA GLY A 99 9.42 -17.62 11.78
C GLY A 99 9.72 -16.96 10.45
N SER A 100 9.14 -15.78 10.18
CA SER A 100 9.43 -15.08 8.92
C SER A 100 10.93 -14.78 8.75
N GLY A 101 11.63 -14.53 9.86
CA GLY A 101 13.08 -14.34 9.83
C GLY A 101 13.84 -15.49 9.16
N SER A 102 13.28 -16.69 9.20
CA SER A 102 13.94 -17.86 8.59
C SER A 102 14.03 -17.74 7.06
N LEU A 103 13.18 -16.90 6.48
CA LEU A 103 13.17 -16.67 5.04
C LEU A 103 14.37 -15.83 4.57
N LEU A 104 15.11 -15.28 5.55
CA LEU A 104 16.36 -14.55 5.29
C LEU A 104 17.53 -15.50 5.00
N ASP A 105 17.29 -16.80 5.08
CA ASP A 105 18.29 -17.78 4.63
C ASP A 105 18.34 -17.79 3.10
N VAL A 106 19.30 -17.06 2.54
CA VAL A 106 19.53 -17.03 1.09
C VAL A 106 20.89 -17.67 0.76
N HIS A 107 21.33 -18.59 1.62
CA HIS A 107 22.64 -19.24 1.43
C HIS A 107 22.50 -20.71 1.07
N GLY A 108 21.27 -21.16 0.83
CA GLY A 108 21.00 -22.56 0.46
C GLY A 108 21.29 -22.94 -0.99
N PHE A 109 20.65 -24.01 -1.44
CA PHE A 109 20.88 -24.58 -2.77
C PHE A 109 19.66 -24.40 -3.69
N ASN A 110 18.85 -23.37 -3.44
CA ASN A 110 17.73 -23.04 -4.36
C ASN A 110 18.28 -22.56 -5.69
N LYS A 111 17.40 -22.44 -6.71
CA LYS A 111 17.76 -21.76 -7.95
C LYS A 111 18.45 -20.43 -7.59
N PRO A 112 19.66 -20.19 -8.13
CA PRO A 112 20.39 -18.97 -7.77
C PRO A 112 19.90 -17.77 -8.58
N THR A 113 20.20 -16.57 -8.09
CA THR A 113 19.77 -15.34 -8.76
C THR A 113 20.57 -15.04 -10.03
N ASP A 114 21.80 -15.54 -10.11
CA ASP A 114 22.60 -15.47 -11.35
C ASP A 114 22.67 -16.86 -11.98
N THR A 115 21.81 -17.11 -12.97
CA THR A 115 21.78 -18.43 -13.61
C THR A 115 22.84 -18.59 -14.70
N VAL A 116 23.43 -17.47 -15.16
CA VAL A 116 24.53 -17.50 -16.13
C VAL A 116 25.76 -18.18 -15.53
N ASN A 117 26.14 -17.77 -14.32
CA ASN A 117 27.32 -18.32 -13.66
C ASN A 117 27.00 -19.28 -12.51
N THR A 118 25.71 -19.46 -12.23
CA THR A 118 25.24 -20.22 -11.07
C THR A 118 25.83 -19.56 -9.81
N LYS A 119 25.50 -18.28 -9.63
CA LYS A 119 26.05 -17.48 -8.54
C LYS A 119 24.99 -16.57 -7.96
N GLY A 120 25.40 -15.63 -7.12
CA GLY A 120 24.46 -14.70 -6.52
C GLY A 120 24.03 -15.19 -5.17
N ILE A 121 22.72 -15.26 -4.94
CA ILE A 121 22.18 -15.83 -3.73
C ILE A 121 21.19 -16.93 -4.07
N SER A 122 20.91 -17.77 -3.08
CA SER A 122 19.83 -18.74 -3.17
C SER A 122 18.52 -17.97 -3.14
N THR A 123 17.73 -18.06 -4.22
CA THR A 123 16.49 -17.26 -4.32
C THR A 123 15.59 -17.54 -3.13
N PRO A 124 15.17 -16.47 -2.41
CA PRO A 124 14.32 -16.69 -1.25
C PRO A 124 12.90 -17.04 -1.66
N VAL A 125 12.12 -17.50 -0.69
CA VAL A 125 10.71 -17.84 -0.89
C VAL A 125 9.96 -16.60 -1.44
N GLU A 126 9.17 -16.79 -2.50
CA GLU A 126 8.41 -15.71 -3.15
C GLU A 126 7.12 -16.28 -3.73
N GLY A 127 6.21 -15.40 -4.10
CA GLY A 127 5.02 -15.81 -4.86
C GLY A 127 3.73 -15.69 -4.09
N SER A 128 2.82 -16.63 -4.32
CA SER A 128 1.47 -16.54 -3.77
C SER A 128 1.46 -16.81 -2.28
N GLN A 129 0.67 -16.01 -1.56
CA GLN A 129 0.62 -16.03 -0.10
C GLN A 129 -0.83 -16.09 0.35
N TYR A 130 -1.08 -16.80 1.44
CA TYR A 130 -2.45 -17.01 1.89
C TYR A 130 -2.44 -17.16 3.39
N HIS A 131 -3.17 -16.29 4.07
CA HIS A 131 -3.18 -16.28 5.54
C HIS A 131 -4.59 -16.23 6.01
N VAL A 132 -5.01 -17.28 6.71
CA VAL A 132 -6.34 -17.28 7.31
C VAL A 132 -6.23 -17.83 8.73
N PHE A 133 -6.97 -17.24 9.66
CA PHE A 133 -7.14 -17.88 10.97
C PHE A 133 -8.59 -17.78 11.39
N ALA A 134 -9.01 -18.68 12.27
CA ALA A 134 -10.36 -18.66 12.79
C ALA A 134 -10.36 -19.17 14.21
N VAL A 135 -11.29 -18.63 15.01
CA VAL A 135 -11.55 -19.11 16.36
C VAL A 135 -13.05 -19.27 16.51
N GLY A 136 -13.48 -20.44 16.95
CA GLY A 136 -14.92 -20.71 17.09
C GLY A 136 -15.28 -21.75 18.11
N GLY A 137 -16.59 -21.84 18.38
CA GLY A 137 -17.13 -22.76 19.38
C GLY A 137 -17.60 -24.08 18.77
N GLU A 138 -17.29 -24.27 17.49
CA GLU A 138 -17.62 -25.49 16.73
C GLU A 138 -16.74 -25.48 15.48
N PRO A 139 -16.69 -26.60 14.71
CA PRO A 139 -15.79 -26.58 13.55
C PRO A 139 -16.09 -25.45 12.58
N LEU A 140 -15.03 -24.94 11.95
CA LEU A 140 -15.17 -23.97 10.85
C LEU A 140 -16.01 -24.57 9.72
N ASP A 141 -17.08 -23.88 9.33
CA ASP A 141 -17.89 -24.29 8.18
C ASP A 141 -17.19 -23.94 6.90
N LEU A 142 -17.16 -24.89 5.97
CA LEU A 142 -16.42 -24.78 4.72
C LEU A 142 -17.33 -24.82 3.51
N GLN A 143 -16.98 -24.02 2.51
CA GLN A 143 -17.66 -23.99 1.22
C GLN A 143 -16.64 -24.39 0.18
N GLY A 144 -16.96 -25.41 -0.63
CA GLY A 144 -16.07 -25.83 -1.70
C GLY A 144 -16.18 -24.91 -2.91
N LEU A 145 -15.05 -24.67 -3.57
CA LEU A 145 -15.01 -23.96 -4.85
C LEU A 145 -13.62 -24.22 -5.42
N VAL A 146 -13.56 -24.69 -6.66
CA VAL A 146 -12.29 -25.10 -7.26
C VAL A 146 -12.00 -24.33 -8.55
N THR A 147 -10.72 -24.31 -8.93
CA THR A 147 -10.33 -23.82 -10.24
C THR A 147 -10.93 -24.65 -11.36
N ASP A 148 -10.87 -25.97 -11.20
CA ASP A 148 -11.23 -26.88 -12.28
C ASP A 148 -11.99 -28.09 -11.71
N ALA A 149 -13.28 -28.17 -12.04
CA ALA A 149 -14.13 -29.30 -11.60
C ALA A 149 -13.67 -30.64 -12.21
N ARG A 150 -12.79 -30.57 -13.20
CA ARG A 150 -12.25 -31.81 -13.81
C ARG A 150 -11.00 -32.33 -13.09
N THR A 151 -10.46 -31.56 -12.14
CA THR A 151 -9.26 -31.98 -11.41
C THR A 151 -9.49 -33.33 -10.74
N LYS A 152 -8.56 -34.25 -10.98
CA LYS A 152 -8.66 -35.61 -10.45
C LYS A 152 -7.95 -35.69 -9.10
N TYR A 153 -8.57 -35.12 -8.07
CA TYR A 153 -8.03 -35.23 -6.73
C TYR A 153 -8.02 -36.70 -6.30
N LYS A 154 -7.03 -37.07 -5.49
CA LYS A 154 -6.94 -38.45 -4.99
C LYS A 154 -8.17 -38.79 -4.15
N GLU A 155 -8.58 -40.06 -4.22
CA GLU A 155 -9.72 -40.57 -3.47
C GLU A 155 -9.32 -41.10 -2.08
N GLU A 156 -8.02 -41.13 -1.81
CA GLU A 156 -7.50 -41.52 -0.50
C GLU A 156 -6.75 -40.37 0.15
N GLY A 157 -6.80 -40.32 1.48
CA GLY A 157 -5.91 -39.47 2.28
C GLY A 157 -6.18 -37.98 2.26
N VAL A 158 -7.33 -37.58 1.75
CA VAL A 158 -7.68 -36.16 1.62
C VAL A 158 -9.21 -36.06 1.57
N VAL A 159 -9.77 -34.92 2.00
CA VAL A 159 -11.21 -34.71 1.91
C VAL A 159 -11.47 -33.68 0.81
N THR A 160 -12.20 -34.09 -0.22
CA THR A 160 -12.52 -33.20 -1.34
C THR A 160 -14.03 -33.12 -1.51
N ILE A 161 -14.49 -32.39 -2.52
CA ILE A 161 -15.93 -32.25 -2.74
C ILE A 161 -16.59 -33.61 -2.95
N LYS A 162 -15.97 -34.45 -3.78
CA LYS A 162 -16.49 -35.79 -4.06
C LYS A 162 -16.60 -36.64 -2.79
N THR A 163 -15.66 -36.46 -1.85
CA THR A 163 -15.75 -37.18 -0.55
C THR A 163 -17.10 -36.92 0.12
N ILE A 164 -17.56 -35.68 0.03
CA ILE A 164 -18.80 -35.25 0.70
C ILE A 164 -20.05 -35.60 -0.08
N THR A 165 -20.03 -35.35 -1.38
CA THR A 165 -21.23 -35.51 -2.20
C THR A 165 -21.43 -36.95 -2.68
N LYS A 166 -20.36 -37.74 -2.66
CA LYS A 166 -20.30 -39.09 -3.23
C LYS A 166 -20.50 -39.09 -4.76
N LYS A 167 -20.37 -37.92 -5.38
CA LYS A 167 -20.49 -37.77 -6.82
C LYS A 167 -19.33 -36.94 -7.35
N ASP A 168 -19.00 -37.10 -8.63
CA ASP A 168 -17.99 -36.24 -9.23
C ASP A 168 -18.41 -34.78 -9.20
N MET A 169 -17.42 -33.89 -9.20
CA MET A 169 -17.67 -32.46 -9.28
C MET A 169 -18.43 -32.07 -10.54
N VAL A 170 -19.14 -30.94 -10.46
CA VAL A 170 -19.94 -30.46 -11.58
C VAL A 170 -19.47 -29.05 -11.92
N ASN A 171 -19.89 -28.51 -13.06
CA ASN A 171 -19.39 -27.19 -13.46
C ASN A 171 -19.67 -26.08 -12.42
N LYS A 172 -20.76 -26.23 -11.66
CA LYS A 172 -21.10 -25.26 -10.60
C LYS A 172 -20.08 -25.19 -9.48
N ASP A 173 -19.27 -26.23 -9.33
CA ASP A 173 -18.21 -26.24 -8.33
C ASP A 173 -17.05 -25.29 -8.63
N GLN A 174 -17.04 -24.74 -9.84
CA GLN A 174 -16.09 -23.68 -10.20
C GLN A 174 -16.60 -22.29 -9.78
N VAL A 175 -17.86 -22.23 -9.38
CA VAL A 175 -18.45 -21.03 -8.79
C VAL A 175 -19.01 -21.42 -7.42
N LEU A 176 -20.11 -20.80 -6.98
CA LEU A 176 -20.69 -21.17 -5.68
C LEU A 176 -21.78 -22.21 -5.87
N ASN A 177 -21.49 -23.45 -5.47
CA ASN A 177 -22.46 -24.54 -5.45
C ASN A 177 -22.79 -24.88 -4.00
N PRO A 178 -24.02 -24.52 -3.52
CA PRO A 178 -24.35 -24.68 -2.10
CA PRO A 178 -24.39 -24.68 -2.10
C PRO A 178 -24.38 -26.13 -1.59
N ILE A 179 -24.40 -27.10 -2.50
CA ILE A 179 -24.32 -28.51 -2.12
C ILE A 179 -22.91 -28.87 -1.62
N SER A 180 -21.90 -28.13 -2.08
CA SER A 180 -20.52 -28.52 -1.82
C SER A 180 -20.00 -27.87 -0.55
N LYS A 181 -20.43 -28.42 0.59
CA LYS A 181 -20.09 -27.89 1.90
CA LYS A 181 -20.10 -27.88 1.90
C LYS A 181 -19.51 -28.97 2.80
N ALA A 182 -18.71 -28.54 3.78
CA ALA A 182 -18.08 -29.46 4.73
C ALA A 182 -17.78 -28.72 6.03
N LYS A 183 -17.22 -29.45 7.00
CA LYS A 183 -16.78 -28.85 8.25
C LYS A 183 -15.32 -29.19 8.45
N LEU A 184 -14.55 -28.22 8.95
CA LEU A 184 -13.13 -28.43 9.20
C LEU A 184 -12.95 -29.22 10.49
N ASP A 185 -12.99 -30.54 10.37
CA ASP A 185 -13.01 -31.41 11.54
C ASP A 185 -11.76 -32.28 11.69
N LYS A 186 -10.80 -32.10 10.80
CA LYS A 186 -9.57 -32.88 10.81
C LYS A 186 -8.43 -31.98 10.37
N ASP A 187 -7.29 -32.09 11.05
CA ASP A 187 -6.08 -31.37 10.67
C ASP A 187 -5.41 -32.03 9.44
N GLY A 188 -4.86 -31.22 8.55
CA GLY A 188 -4.04 -31.71 7.43
C GLY A 188 -4.77 -32.58 6.40
N MET A 189 -6.06 -32.31 6.20
CA MET A 189 -6.92 -33.17 5.37
C MET A 189 -7.77 -32.40 4.33
N TYR A 190 -8.07 -31.13 4.59
CA TYR A 190 -8.91 -30.29 3.72
C TYR A 190 -8.06 -29.32 2.89
N PRO A 191 -7.89 -29.57 1.57
CA PRO A 191 -7.04 -28.68 0.76
C PRO A 191 -7.55 -27.25 0.72
N VAL A 192 -6.64 -26.28 0.86
CA VAL A 192 -7.05 -24.88 0.85
C VAL A 192 -7.43 -24.36 -0.54
N GLU A 193 -7.05 -25.09 -1.59
CA GLU A 193 -7.45 -24.71 -2.94
C GLU A 193 -8.85 -25.22 -3.27
N ILE A 194 -9.44 -25.98 -2.33
CA ILE A 194 -10.82 -26.48 -2.46
C ILE A 194 -11.78 -25.84 -1.46
N TRP A 195 -11.33 -25.70 -0.21
CA TRP A 195 -12.26 -25.43 0.91
C TRP A 195 -12.05 -24.05 1.51
N HIS A 196 -13.09 -23.23 1.48
CA HIS A 196 -13.04 -21.83 1.90
C HIS A 196 -13.99 -21.62 3.07
N PRO A 197 -13.71 -20.61 3.92
CA PRO A 197 -14.70 -20.32 4.97
C PRO A 197 -16.06 -19.99 4.36
N ASP A 198 -17.12 -20.56 4.93
CA ASP A 198 -18.48 -20.40 4.39
C ASP A 198 -19.14 -19.19 5.05
N PRO A 199 -19.33 -18.07 4.30
CA PRO A 199 -19.92 -16.89 4.94
C PRO A 199 -21.42 -17.07 5.23
N ALA A 200 -22.03 -18.10 4.64
CA ALA A 200 -23.46 -18.36 4.88
C ALA A 200 -23.72 -19.10 6.19
N LYS A 201 -22.65 -19.60 6.81
CA LYS A 201 -22.76 -20.27 8.09
C LYS A 201 -21.80 -19.58 9.07
N ASN A 202 -21.04 -20.35 9.86
CA ASN A 202 -20.08 -19.75 10.80
C ASN A 202 -20.62 -18.67 11.74
N GLU A 203 -21.85 -18.87 12.21
CA GLU A 203 -22.47 -17.94 13.15
C GLU A 203 -21.73 -17.91 14.48
N ASN A 204 -21.04 -19.00 14.80
CA ASN A 204 -20.36 -19.18 16.08
C ASN A 204 -18.83 -19.26 15.94
N THR A 205 -18.32 -18.68 14.85
CA THR A 205 -16.88 -18.63 14.55
C THR A 205 -16.54 -17.26 13.97
N ARG A 206 -15.35 -16.74 14.28
CA ARG A 206 -14.85 -15.55 13.59
C ARG A 206 -13.66 -15.97 12.75
N TYR A 207 -13.66 -15.57 11.47
CA TYR A 207 -12.51 -15.88 10.61
C TYR A 207 -12.03 -14.63 9.89
N PHE A 208 -10.73 -14.62 9.58
CA PHE A 208 -10.07 -13.46 8.99
C PHE A 208 -9.06 -14.00 7.98
N GLY A 209 -9.20 -13.57 6.72
CA GLY A 209 -8.32 -14.13 5.67
C GLY A 209 -7.81 -13.08 4.70
N ASN A 210 -6.65 -13.36 4.11
CA ASN A 210 -6.17 -12.55 3.00
C ASN A 210 -5.36 -13.37 2.02
N TYR A 211 -5.42 -12.98 0.75
CA TYR A 211 -4.75 -13.67 -0.34
C TYR A 211 -3.98 -12.63 -1.15
N THR A 212 -2.74 -12.97 -1.51
CA THR A 212 -1.96 -12.20 -2.48
C THR A 212 -1.35 -13.19 -3.48
N GLY A 213 -1.62 -12.97 -4.76
CA GLY A 213 -1.20 -13.93 -5.78
C GLY A 213 0.14 -13.65 -6.42
N GLY A 214 0.31 -14.14 -7.65
CA GLY A 214 1.53 -13.91 -8.41
C GLY A 214 2.56 -15.03 -8.26
N THR A 215 3.66 -14.93 -9.02
CA THR A 215 4.68 -15.97 -9.01
C THR A 215 5.95 -15.55 -8.29
N THR A 216 6.29 -14.26 -8.35
CA THR A 216 7.54 -13.78 -7.76
C THR A 216 7.29 -12.66 -6.73
N THR A 217 6.04 -12.57 -6.28
CA THR A 217 5.62 -11.52 -5.35
C THR A 217 6.41 -11.58 -4.04
N PRO A 218 6.95 -10.43 -3.57
CA PRO A 218 7.64 -10.47 -2.27
CA PRO A 218 7.64 -10.47 -2.28
C PRO A 218 6.68 -10.85 -1.14
N PRO A 219 7.11 -11.78 -0.27
CA PRO A 219 6.24 -12.08 0.89
C PRO A 219 6.35 -10.98 1.93
N VAL A 220 5.23 -10.69 2.60
CA VAL A 220 5.17 -9.63 3.61
C VAL A 220 4.54 -10.23 4.87
N LEU A 221 5.09 -9.90 6.04
CA LEU A 221 4.50 -10.36 7.29
C LEU A 221 4.81 -9.37 8.40
N GLN A 222 3.84 -9.15 9.29
CA GLN A 222 4.10 -8.39 10.50
CA GLN A 222 4.06 -8.38 10.50
C GLN A 222 3.89 -9.31 11.70
N PHE A 223 4.57 -9.01 12.79
CA PHE A 223 4.43 -9.80 14.00
C PHE A 223 4.71 -8.94 15.22
N THR A 224 3.84 -9.07 16.22
CA THR A 224 3.98 -8.33 17.46
C THR A 224 3.21 -9.07 18.54
N ASN A 225 3.62 -8.90 19.79
CA ASN A 225 2.86 -9.47 20.91
C ASN A 225 1.90 -8.47 21.54
N THR A 226 1.64 -7.36 20.84
CA THR A 226 0.88 -6.24 21.41
C THR A 226 -0.49 -6.06 20.78
N LEU A 227 -0.84 -6.93 19.83
CA LEU A 227 -2.09 -6.82 19.08
CA LEU A 227 -2.10 -6.82 19.09
C LEU A 227 -3.13 -7.85 19.53
N THR A 228 -4.30 -7.37 19.93
CA THR A 228 -5.39 -8.23 20.32
C THR A 228 -6.52 -8.14 19.30
N THR A 229 -7.00 -9.30 18.86
CA THR A 229 -8.17 -9.39 17.99
C THR A 229 -9.42 -9.67 18.84
N VAL A 230 -10.37 -8.74 18.84
CA VAL A 230 -11.62 -8.90 19.61
C VAL A 230 -12.54 -9.89 18.85
N LEU A 231 -13.16 -10.82 19.58
CA LEU A 231 -13.98 -11.86 18.95
C LEU A 231 -15.48 -11.67 19.21
N LEU A 232 -15.83 -10.63 19.98
CA LEU A 232 -17.21 -10.29 20.28
C LEU A 232 -17.90 -9.82 19.01
N ASP A 233 -19.16 -10.22 18.84
CA ASP A 233 -19.95 -9.79 17.68
C ASP A 233 -20.57 -8.41 17.94
N GLU A 234 -21.41 -7.96 17.02
CA GLU A 234 -22.07 -6.66 17.13
C GLU A 234 -22.90 -6.51 18.41
N ASN A 235 -23.31 -7.64 19.00
CA ASN A 235 -24.08 -7.62 20.24
C ASN A 235 -23.24 -7.82 21.51
N GLY A 236 -21.93 -7.94 21.34
CA GLY A 236 -21.02 -8.10 22.48
C GLY A 236 -20.86 -9.54 22.92
N VAL A 237 -21.18 -10.47 22.03
CA VAL A 237 -21.10 -11.90 22.34
C VAL A 237 -20.03 -12.59 21.50
N GLY A 238 -19.11 -13.29 22.16
CA GLY A 238 -18.06 -14.02 21.46
C GLY A 238 -18.53 -15.43 21.11
N PRO A 239 -17.72 -16.19 20.35
CA PRO A 239 -18.04 -17.60 20.09
C PRO A 239 -18.31 -18.37 21.39
N LEU A 240 -19.38 -19.17 21.41
CA LEU A 240 -19.74 -19.95 22.59
C LEU A 240 -19.36 -21.42 22.37
N CYS A 241 -18.58 -21.97 23.30
CA CYS A 241 -17.94 -23.27 23.07
C CYS A 241 -18.85 -24.45 23.38
N LYS A 242 -19.32 -25.11 22.31
CA LYS A 242 -20.26 -26.20 22.46
C LYS A 242 -19.57 -27.42 23.05
N GLY A 243 -20.14 -27.97 24.11
CA GLY A 243 -19.53 -29.07 24.84
C GLY A 243 -18.12 -28.75 25.30
N GLU A 244 -17.90 -27.48 25.62
CA GLU A 244 -16.60 -26.98 26.11
C GLU A 244 -15.43 -27.22 25.13
N GLY A 245 -15.74 -27.23 23.83
CA GLY A 245 -14.72 -27.39 22.79
C GLY A 245 -14.43 -26.09 22.08
N LEU A 246 -13.15 -25.75 21.98
CA LEU A 246 -12.69 -24.53 21.29
C LEU A 246 -11.94 -24.94 20.02
N TYR A 247 -12.37 -24.39 18.89
CA TYR A 247 -11.77 -24.76 17.60
C TYR A 247 -10.88 -23.67 17.06
N LEU A 248 -9.65 -24.04 16.75
CA LEU A 248 -8.72 -23.13 16.11
C LEU A 248 -8.40 -23.65 14.71
N SER A 249 -8.39 -22.74 13.73
CA SER A 249 -8.16 -23.12 12.34
C SER A 249 -7.23 -22.11 11.69
N CYS A 250 -6.33 -22.58 10.83
CA CYS A 250 -5.49 -21.63 10.10
C CYS A 250 -4.75 -22.23 8.93
N VAL A 251 -4.21 -21.33 8.10
CA VAL A 251 -3.26 -21.69 7.05
C VAL A 251 -2.43 -20.44 6.80
N ASP A 252 -1.11 -20.63 6.68
CA ASP A 252 -0.20 -19.51 6.48
C ASP A 252 0.89 -19.85 5.47
N ILE A 253 0.52 -19.66 4.20
CA ILE A 253 1.42 -19.93 3.07
C ILE A 253 2.22 -18.66 2.74
N MET A 254 3.54 -18.81 2.64
CA MET A 254 4.44 -17.68 2.42
C MET A 254 4.89 -17.56 0.96
N GLY A 255 4.67 -18.60 0.18
CA GLY A 255 5.10 -18.65 -1.22
C GLY A 255 5.76 -19.99 -1.52
N TRP A 256 6.63 -19.99 -2.54
CA TRP A 256 7.39 -21.20 -2.89
C TRP A 256 8.89 -20.95 -2.86
N ARG A 257 9.67 -22.01 -2.57
CA ARG A 257 11.07 -22.01 -3.00
CA ARG A 257 11.07 -22.04 -2.98
C ARG A 257 11.14 -22.79 -4.31
N VAL A 258 12.18 -22.52 -5.09
CA VAL A 258 12.35 -23.10 -6.43
C VAL A 258 13.72 -23.78 -6.47
N THR A 259 13.76 -25.04 -6.85
CA THR A 259 15.01 -25.80 -6.89
C THR A 259 15.83 -25.53 -8.16
N ARG A 260 17.04 -26.06 -8.19
CA ARG A 260 17.90 -25.96 -9.36
C ARG A 260 17.58 -27.03 -10.39
N ASN A 261 16.55 -27.83 -10.14
CA ASN A 261 16.25 -28.94 -11.06
C ASN A 261 14.90 -28.71 -11.71
N TYR A 262 14.90 -28.23 -12.95
CA TYR A 262 13.68 -27.95 -13.69
C TYR A 262 12.67 -27.09 -12.93
N ASP A 263 13.18 -26.12 -12.17
CA ASP A 263 12.33 -25.14 -11.51
C ASP A 263 11.24 -25.78 -10.64
N VAL A 264 11.53 -26.90 -9.98
CA VAL A 264 10.54 -27.53 -9.11
C VAL A 264 10.19 -26.58 -7.96
N HIS A 265 8.88 -26.36 -7.74
CA HIS A 265 8.42 -25.47 -6.67
C HIS A 265 7.98 -26.28 -5.44
N HIS A 266 8.33 -25.78 -4.26
CA HIS A 266 7.83 -26.32 -2.98
C HIS A 266 7.16 -25.20 -2.20
N TRP A 267 5.91 -25.42 -1.78
CA TRP A 267 5.21 -24.46 -0.93
C TRP A 267 5.91 -24.34 0.43
N ARG A 268 5.94 -23.14 0.99
CA ARG A 268 6.44 -22.91 2.36
C ARG A 268 5.30 -22.39 3.22
N GLY A 269 5.12 -23.01 4.39
CA GLY A 269 4.18 -22.54 5.41
C GLY A 269 4.90 -22.26 6.71
N LEU A 270 4.27 -21.46 7.56
CA LEU A 270 4.80 -21.13 8.88
C LEU A 270 3.76 -21.41 9.97
N PRO A 271 4.22 -21.71 11.20
CA PRO A 271 3.30 -21.99 12.30
C PRO A 271 2.64 -20.74 12.85
N ARG A 272 1.46 -20.93 13.42
CA ARG A 272 0.70 -19.82 14.00
C ARG A 272 0.42 -20.07 15.47
N TYR A 273 0.69 -19.04 16.27
CA TYR A 273 0.42 -19.04 17.71
C TYR A 273 -0.94 -18.44 17.97
N PHE A 274 -1.66 -19.00 18.95
CA PHE A 274 -2.94 -18.47 19.41
C PHE A 274 -2.92 -18.36 20.93
N LYS A 275 -3.30 -17.21 21.48
CA LYS A 275 -3.59 -17.11 22.92
C LYS A 275 -4.99 -16.55 23.08
N ILE A 276 -5.92 -17.39 23.53
CA ILE A 276 -7.34 -17.07 23.55
C ILE A 276 -7.76 -16.76 24.99
N THR A 277 -8.47 -15.66 25.16
CA THR A 277 -9.03 -15.30 26.47
C THR A 277 -10.51 -15.67 26.44
N LEU A 278 -10.94 -16.44 27.45
CA LEU A 278 -12.34 -16.87 27.54
C LEU A 278 -12.93 -16.55 28.89
N ARG A 279 -14.25 -16.33 28.91
CA ARG A 279 -14.98 -16.08 30.14
C ARG A 279 -16.22 -16.96 30.17
N LYS A 280 -16.69 -17.27 31.37
CA LYS A 280 -17.92 -18.05 31.51
C LYS A 280 -19.12 -17.14 31.29
N ARG A 281 -20.13 -17.65 30.58
CA ARG A 281 -21.34 -16.90 30.25
C ARG A 281 -22.54 -17.72 30.68
N TRP A 282 -23.47 -17.10 31.39
CA TRP A 282 -24.74 -17.72 31.72
C TRP A 282 -25.59 -17.80 30.45
N VAL A 283 -26.17 -18.97 30.20
CA VAL A 283 -27.05 -19.17 29.03
C VAL A 283 -28.33 -19.88 29.47
N LYS A 284 -29.40 -19.72 28.69
CA LYS A 284 -30.68 -20.39 28.97
C LYS A 284 -31.24 -21.04 27.70
N GLY B 1 8.42 -8.74 42.90
CA GLY B 1 7.05 -8.16 42.99
C GLY B 1 6.17 -8.55 41.82
N MET B 2 5.19 -9.41 42.09
CA MET B 2 4.24 -9.88 41.08
C MET B 2 2.98 -9.02 41.06
N GLU B 3 2.59 -8.50 42.23
CA GLU B 3 1.40 -7.64 42.35
C GLU B 3 1.78 -6.17 42.12
N VAL B 4 1.11 -5.56 41.15
CA VAL B 4 1.43 -4.20 40.72
C VAL B 4 0.52 -3.20 41.43
N LEU B 5 1.13 -2.22 42.10
CA LEU B 5 0.37 -1.25 42.89
C LEU B 5 0.35 0.14 42.25
N ASP B 6 0.37 1.19 43.07
CA ASP B 6 0.33 2.58 42.59
C ASP B 6 1.63 3.02 41.94
N LEU B 7 1.53 4.07 41.12
CA LEU B 7 2.71 4.77 40.63
C LEU B 7 3.39 5.50 41.79
N VAL B 8 4.71 5.54 41.78
CA VAL B 8 5.49 6.28 42.77
C VAL B 8 5.55 7.76 42.37
N THR B 9 5.30 8.66 43.32
CA THR B 9 5.45 10.10 43.06
C THR B 9 6.61 10.70 43.85
N GLY B 10 7.03 11.90 43.47
CA GLY B 10 8.10 12.61 44.17
C GLY B 10 9.31 12.85 43.28
N PRO B 11 10.36 13.46 43.85
CA PRO B 11 11.57 13.79 43.08
C PRO B 11 12.19 12.55 42.45
N ASP B 12 12.55 12.67 41.18
CA ASP B 12 13.25 11.62 40.43
C ASP B 12 12.45 10.32 40.29
N SER B 13 11.12 10.43 40.24
CA SER B 13 10.26 9.24 40.06
C SER B 13 10.09 8.85 38.60
N VAL B 14 10.44 9.76 37.69
CA VAL B 14 10.44 9.48 36.26
C VAL B 14 11.85 9.70 35.72
N THR B 15 12.26 8.84 34.80
CA THR B 15 13.56 8.98 34.16
C THR B 15 13.46 8.71 32.66
N GLU B 16 14.46 9.18 31.92
CA GLU B 16 14.50 9.01 30.49
C GLU B 16 15.90 8.54 30.13
N ILE B 17 16.00 7.47 29.35
CA ILE B 17 17.32 6.99 28.95
C ILE B 17 17.39 6.68 27.46
N GLU B 18 18.54 6.94 26.87
CA GLU B 18 18.69 6.75 25.45
C GLU B 18 19.89 5.89 25.12
N ALA B 19 19.81 5.20 23.99
CA ALA B 19 20.91 4.39 23.50
C ALA B 19 20.76 4.16 22.01
N PHE B 20 21.88 3.88 21.37
CA PHE B 20 21.87 3.42 19.98
CA PHE B 20 21.94 3.45 19.97
C PHE B 20 22.45 2.02 19.92
N LEU B 21 21.84 1.19 19.09
CA LEU B 21 22.35 -0.16 18.88
C LEU B 21 22.79 -0.25 17.44
N ASN B 22 24.10 -0.47 17.25
CA ASN B 22 24.64 -0.61 15.91
C ASN B 22 24.26 -1.98 15.33
N PRO B 23 24.11 -2.07 13.99
CA PRO B 23 23.70 -3.35 13.41
C PRO B 23 24.81 -4.41 13.53
N ARG B 24 24.42 -5.67 13.44
CA ARG B 24 25.36 -6.80 13.52
C ARG B 24 25.12 -7.71 12.32
N MET B 25 25.62 -7.25 11.16
CA MET B 25 25.34 -7.91 9.89
C MET B 25 26.32 -9.03 9.54
N GLY B 26 27.48 -9.05 10.20
CA GLY B 26 28.43 -10.15 10.02
C GLY B 26 29.86 -9.76 10.28
N GLN B 27 30.26 -8.62 9.73
CA GLN B 27 31.61 -8.09 10.00
C GLN B 27 31.60 -7.42 11.37
N PRO B 28 32.47 -7.87 12.29
CA PRO B 28 32.57 -7.24 13.61
C PRO B 28 33.11 -5.80 13.52
N PRO B 29 32.97 -5.00 14.61
CA PRO B 29 33.51 -3.63 14.62
C PRO B 29 35.02 -3.54 14.39
N THR B 30 35.75 -4.58 14.80
CA THR B 30 37.21 -4.63 14.59
C THR B 30 37.56 -5.79 13.64
N PRO B 31 38.68 -5.67 12.89
CA PRO B 31 39.64 -4.56 12.84
C PRO B 31 39.01 -3.29 12.25
N GLU B 32 39.48 -2.14 12.72
CA GLU B 32 38.98 -0.85 12.26
C GLU B 32 39.54 -0.46 10.90
N SER B 33 40.71 -0.99 10.55
CA SER B 33 41.36 -0.68 9.27
C SER B 33 40.43 -0.85 8.07
N LEU B 34 40.43 0.15 7.19
CA LEU B 34 39.56 0.13 6.01
C LEU B 34 40.10 -0.71 4.85
N THR B 35 41.24 -1.38 5.07
CA THR B 35 41.77 -2.35 4.10
C THR B 35 41.72 -3.79 4.62
N GLU B 36 41.72 -3.95 5.94
CA GLU B 36 41.82 -5.26 6.58
CA GLU B 36 41.81 -5.25 6.59
C GLU B 36 40.47 -5.86 6.98
N GLY B 37 39.38 -5.28 6.49
CA GLY B 37 38.05 -5.80 6.79
C GLY B 37 37.05 -4.82 7.37
N GLY B 38 37.56 -3.74 7.97
CA GLY B 38 36.69 -2.70 8.55
C GLY B 38 35.82 -1.99 7.54
N GLN B 39 36.21 -2.08 6.26
CA GLN B 39 35.42 -1.52 5.17
C GLN B 39 34.05 -2.21 5.03
N TYR B 40 33.91 -3.39 5.64
CA TYR B 40 32.64 -4.14 5.61
C TYR B 40 31.80 -3.93 6.86
N TYR B 41 32.26 -3.11 7.80
CA TYR B 41 31.50 -2.89 9.03
C TYR B 41 30.21 -2.14 8.71
N GLY B 42 29.09 -2.68 9.21
CA GLY B 42 27.74 -2.24 8.82
C GLY B 42 27.14 -3.16 7.76
N TRP B 43 27.95 -4.09 7.26
CA TRP B 43 27.56 -5.03 6.21
C TRP B 43 27.91 -6.47 6.60
N SER B 44 27.38 -7.45 5.87
CA SER B 44 27.94 -8.80 6.01
C SER B 44 29.13 -8.92 5.08
N ARG B 45 29.88 -10.02 5.24
CA ARG B 45 30.85 -10.41 4.23
C ARG B 45 30.06 -11.11 3.12
N GLY B 46 30.72 -11.39 2.01
CA GLY B 46 30.04 -11.96 0.83
C GLY B 46 29.34 -13.26 1.14
N ILE B 47 28.03 -13.30 0.91
CA ILE B 47 27.23 -14.49 1.18
C ILE B 47 27.75 -15.71 0.41
N ASN B 48 28.02 -16.80 1.14
CA ASN B 48 28.55 -18.02 0.54
C ASN B 48 27.43 -19.07 0.47
N LEU B 49 27.35 -19.76 -0.66
CA LEU B 49 26.22 -20.66 -0.93
C LEU B 49 26.54 -22.13 -0.70
N ALA B 50 25.50 -22.89 -0.36
CA ALA B 50 25.54 -24.34 -0.33
C ALA B 50 26.14 -24.91 -1.61
N THR B 51 26.85 -26.03 -1.48
CA THR B 51 27.47 -26.70 -2.64
C THR B 51 26.65 -27.91 -3.09
N SER B 52 25.67 -28.30 -2.29
CA SER B 52 24.75 -29.40 -2.66
C SER B 52 23.52 -29.30 -1.76
N ASP B 53 22.52 -30.14 -2.04
CA ASP B 53 21.33 -30.24 -1.19
C ASP B 53 21.66 -30.69 0.26
N THR B 54 22.83 -31.30 0.44
CA THR B 54 23.22 -31.82 1.76
C THR B 54 24.45 -31.13 2.34
N GLU B 55 24.89 -30.06 1.70
CA GLU B 55 26.12 -29.36 2.11
C GLU B 55 25.93 -27.85 2.13
N ASP B 56 25.33 -27.37 3.21
CA ASP B 56 25.06 -25.96 3.41
C ASP B 56 25.77 -25.49 4.68
N SER B 57 26.93 -24.83 4.49
CA SER B 57 27.76 -24.38 5.62
C SER B 57 28.02 -22.86 5.55
N PRO B 58 27.06 -22.03 6.00
CA PRO B 58 27.24 -20.58 5.93
C PRO B 58 28.33 -20.14 6.90
N GLU B 59 29.15 -19.19 6.47
CA GLU B 59 30.16 -18.62 7.37
C GLU B 59 29.49 -17.66 8.36
N ASN B 60 30.00 -17.60 9.59
CA ASN B 60 29.41 -16.73 10.62
C ASN B 60 29.30 -15.27 10.19
N ASN B 61 30.32 -14.77 9.50
CA ASN B 61 30.33 -13.37 9.07
C ASN B 61 29.40 -13.06 7.87
N THR B 62 28.62 -14.06 7.44
CA THR B 62 27.60 -13.85 6.40
C THR B 62 26.19 -13.84 7.00
N LEU B 63 26.11 -14.07 8.31
CA LEU B 63 24.80 -14.22 8.96
C LEU B 63 24.49 -13.04 9.88
N PRO B 64 23.49 -12.22 9.52
CA PRO B 64 23.06 -11.15 10.43
C PRO B 64 22.57 -11.72 11.76
N THR B 65 22.92 -11.06 12.85
CA THR B 65 22.53 -11.51 14.18
C THR B 65 21.80 -10.37 14.91
N TRP B 66 21.11 -10.73 15.98
CA TRP B 66 20.39 -9.74 16.78
C TRP B 66 21.35 -8.76 17.45
N SER B 67 20.97 -7.49 17.46
CA SER B 67 21.62 -6.52 18.33
C SER B 67 20.88 -6.49 19.65
N MET B 68 21.64 -6.35 20.74
CA MET B 68 21.03 -6.18 22.08
C MET B 68 21.91 -5.39 23.02
N ALA B 69 21.26 -4.71 23.97
CA ALA B 69 21.96 -4.04 25.05
C ALA B 69 21.15 -4.13 26.32
N LYS B 70 21.85 -4.31 27.45
CA LYS B 70 21.24 -4.23 28.75
C LYS B 70 21.71 -2.92 29.39
N LEU B 71 20.77 -2.06 29.74
CA LEU B 71 21.09 -0.79 30.37
C LEU B 71 20.76 -0.86 31.86
N GLN B 72 21.67 -0.37 32.69
CA GLN B 72 21.47 -0.36 34.13
C GLN B 72 20.76 0.93 34.54
N LEU B 73 19.67 0.77 35.30
CA LEU B 73 18.86 1.91 35.74
C LEU B 73 19.25 2.32 37.15
N PRO B 74 18.82 3.51 37.62
CA PRO B 74 19.16 3.94 38.98
C PRO B 74 18.71 2.95 40.05
N MET B 75 19.53 2.78 41.09
CA MET B 75 19.24 1.88 42.21
C MET B 75 17.96 2.31 42.93
N LEU B 76 17.18 1.33 43.39
N LEU B 76 17.17 1.32 43.36
CA LEU B 76 15.85 1.61 43.95
CA LEU B 76 15.91 1.57 44.03
C LEU B 76 15.69 1.20 45.40
C LEU B 76 15.86 0.87 45.39
N ASN B 77 15.87 -0.09 45.68
N ASN B 77 14.99 1.35 46.26
CA ASN B 77 15.56 -0.64 46.99
CA ASN B 77 14.73 0.68 47.53
C ASN B 77 16.81 -0.91 47.82
C ASN B 77 15.70 1.08 48.64
N THR B 84 6.56 -3.94 50.45
CA THR B 84 6.31 -3.07 49.30
C THR B 84 7.59 -2.44 48.77
N LEU B 85 8.01 -2.87 47.59
CA LEU B 85 9.22 -2.37 46.94
C LEU B 85 8.86 -1.52 45.74
N GLN B 86 9.88 -0.97 45.08
CA GLN B 86 9.70 -0.21 43.85
C GLN B 86 10.43 -0.89 42.70
N MET B 87 9.87 -0.79 41.50
CA MET B 87 10.53 -1.21 40.27
C MET B 87 10.40 -0.13 39.22
N TRP B 88 11.37 -0.07 38.31
CA TRP B 88 11.27 0.77 37.12
C TRP B 88 10.33 0.12 36.12
N GLU B 89 9.39 0.92 35.61
CA GLU B 89 8.42 0.47 34.61
C GLU B 89 8.62 1.27 33.33
N ALA B 90 8.88 0.57 32.23
CA ALA B 90 9.04 1.20 30.92
C ALA B 90 7.67 1.60 30.36
N VAL B 91 7.46 2.89 30.16
CA VAL B 91 6.16 3.44 29.80
C VAL B 91 6.00 3.55 28.30
N SER B 92 7.05 4.04 27.65
CA SER B 92 7.03 4.30 26.23
C SER B 92 8.45 4.40 25.70
N VAL B 93 8.54 4.35 24.37
CA VAL B 93 9.82 4.45 23.67
C VAL B 93 9.62 5.21 22.37
N LYS B 94 10.55 6.13 22.11
CA LYS B 94 10.71 6.70 20.79
C LYS B 94 11.87 5.98 20.15
N THR B 95 11.62 5.35 19.01
CA THR B 95 12.66 4.59 18.34
C THR B 95 12.74 5.00 16.86
N GLU B 96 13.95 4.96 16.31
CA GLU B 96 14.19 5.43 14.95
C GLU B 96 15.34 4.68 14.32
N VAL B 97 15.17 4.28 13.05
CA VAL B 97 16.26 3.69 12.28
C VAL B 97 16.93 4.82 11.51
N VAL B 98 18.24 4.99 11.71
CA VAL B 98 18.97 6.15 11.22
C VAL B 98 19.89 5.78 10.05
N GLY B 99 19.91 6.64 9.03
CA GLY B 99 20.86 6.51 7.94
C GLY B 99 20.33 6.02 6.60
N SER B 100 19.01 5.99 6.43
CA SER B 100 18.47 5.53 5.13
C SER B 100 18.93 6.41 3.97
N GLY B 101 19.14 7.71 4.22
CA GLY B 101 19.69 8.62 3.22
C GLY B 101 21.03 8.16 2.62
N SER B 102 21.79 7.39 3.39
CA SER B 102 23.08 6.85 2.90
C SER B 102 22.88 5.87 1.73
N LEU B 103 21.68 5.31 1.61
CA LEU B 103 21.35 4.40 0.50
C LEU B 103 21.21 5.14 -0.83
N LEU B 104 21.23 6.46 -0.76
CA LEU B 104 21.22 7.29 -1.96
C LEU B 104 22.60 7.43 -2.61
N ASP B 105 23.61 6.80 -2.02
CA ASP B 105 24.92 6.65 -2.70
C ASP B 105 24.78 5.60 -3.82
N VAL B 106 24.65 6.07 -5.06
CA VAL B 106 24.61 5.19 -6.24
C VAL B 106 25.80 5.51 -7.16
N HIS B 107 26.89 5.98 -6.53
CA HIS B 107 28.09 6.37 -7.26
C HIS B 107 29.29 5.46 -7.01
N GLY B 108 29.07 4.36 -6.28
CA GLY B 108 30.14 3.41 -5.95
C GLY B 108 30.38 2.37 -7.03
N PHE B 109 30.93 1.22 -6.62
CA PHE B 109 31.42 0.20 -7.55
C PHE B 109 30.58 -1.08 -7.50
N ASN B 110 29.30 -0.96 -7.12
CA ASN B 110 28.40 -2.10 -7.15
C ASN B 110 28.13 -2.53 -8.60
N LYS B 111 27.49 -3.68 -8.77
CA LYS B 111 26.97 -4.06 -10.06
C LYS B 111 26.21 -2.88 -10.66
N PRO B 112 26.54 -2.48 -11.90
CA PRO B 112 25.89 -1.29 -12.48
C PRO B 112 24.51 -1.62 -13.04
N THR B 113 23.69 -0.59 -13.23
CA THR B 113 22.33 -0.79 -13.76
C THR B 113 22.31 -1.18 -15.24
N ASP B 114 23.31 -0.75 -16.00
CA ASP B 114 23.50 -1.20 -17.39
C ASP B 114 24.67 -2.19 -17.42
N THR B 115 24.35 -3.48 -17.35
CA THR B 115 25.38 -4.53 -17.36
C THR B 115 25.95 -4.79 -18.75
N VAL B 116 25.24 -4.35 -19.79
CA VAL B 116 25.71 -4.54 -21.16
C VAL B 116 26.98 -3.73 -21.41
N ASN B 117 26.96 -2.45 -21.04
CA ASN B 117 28.09 -1.55 -21.25
C ASN B 117 28.88 -1.23 -19.99
N THR B 118 28.41 -1.76 -18.86
CA THR B 118 28.98 -1.46 -17.52
C THR B 118 28.87 0.04 -17.24
N LYS B 119 27.63 0.53 -17.26
CA LYS B 119 27.35 1.97 -17.17
C LYS B 119 26.08 2.17 -16.35
N GLY B 120 25.63 3.41 -16.26
CA GLY B 120 24.41 3.75 -15.52
C GLY B 120 24.76 4.25 -14.14
N ILE B 121 24.17 3.64 -13.12
CA ILE B 121 24.54 3.93 -11.73
C ILE B 121 24.94 2.65 -10.99
N SER B 122 25.60 2.83 -9.85
CA SER B 122 25.91 1.73 -8.94
C SER B 122 24.58 1.28 -8.32
N THR B 123 24.18 0.04 -8.56
CA THR B 123 22.86 -0.42 -8.07
C THR B 123 22.73 -0.21 -6.56
N PRO B 124 21.68 0.49 -6.11
CA PRO B 124 21.50 0.68 -4.67
C PRO B 124 21.07 -0.62 -3.95
N VAL B 125 21.17 -0.59 -2.63
CA VAL B 125 20.72 -1.70 -1.78
C VAL B 125 19.24 -2.01 -2.09
N GLU B 126 18.95 -3.30 -2.31
CA GLU B 126 17.59 -3.77 -2.62
C GLU B 126 17.37 -5.14 -2.02
N GLY B 127 16.11 -5.57 -1.99
CA GLY B 127 15.82 -6.94 -1.62
C GLY B 127 15.13 -7.11 -0.29
N SER B 128 15.45 -8.22 0.39
CA SER B 128 14.74 -8.62 1.59
C SER B 128 15.06 -7.70 2.78
N GLN B 129 14.02 -7.32 3.52
CA GLN B 129 14.12 -6.34 4.60
C GLN B 129 13.49 -6.91 5.85
N TYR B 130 14.05 -6.57 7.00
CA TYR B 130 13.62 -7.16 8.26
C TYR B 130 13.86 -6.16 9.38
N HIS B 131 12.79 -5.77 10.07
CA HIS B 131 12.89 -4.72 11.08
C HIS B 131 12.16 -5.21 12.30
N VAL B 132 12.89 -5.41 13.39
CA VAL B 132 12.28 -5.81 14.66
C VAL B 132 12.92 -4.99 15.77
N PHE B 133 12.12 -4.53 16.71
CA PHE B 133 12.69 -3.99 17.96
C PHE B 133 11.88 -4.49 19.16
N ALA B 134 12.53 -4.48 20.32
CA ALA B 134 11.87 -4.92 21.54
C ALA B 134 12.43 -4.15 22.71
N VAL B 135 11.56 -3.91 23.69
CA VAL B 135 11.96 -3.29 24.95
C VAL B 135 11.33 -4.13 26.05
N GLY B 136 12.15 -4.55 27.01
CA GLY B 136 11.66 -5.43 28.06
C GLY B 136 12.42 -5.33 29.37
N GLY B 137 11.88 -5.96 30.40
CA GLY B 137 12.51 -5.93 31.74
C GLY B 137 13.37 -7.16 31.99
N GLU B 138 13.52 -7.97 30.95
CA GLU B 138 14.37 -9.15 30.97
C GLU B 138 14.75 -9.49 29.53
N PRO B 139 15.70 -10.43 29.31
CA PRO B 139 16.09 -10.72 27.92
C PRO B 139 14.91 -11.14 27.04
N LEU B 140 14.96 -10.76 25.77
CA LEU B 140 13.96 -11.20 24.80
C LEU B 140 13.96 -12.72 24.74
N ASP B 141 12.77 -13.32 24.88
CA ASP B 141 12.64 -14.77 24.72
C ASP B 141 12.60 -15.13 23.24
N LEU B 142 13.40 -16.13 22.88
CA LEU B 142 13.56 -16.55 21.49
C LEU B 142 13.07 -17.95 21.24
N GLN B 143 12.45 -18.12 20.07
CA GLN B 143 12.01 -19.41 19.58
C GLN B 143 12.78 -19.70 18.30
N GLY B 144 13.42 -20.88 18.24
CA GLY B 144 14.15 -21.29 17.04
C GLY B 144 13.21 -21.80 15.96
N LEU B 145 13.52 -21.46 14.70
CA LEU B 145 12.84 -22.03 13.53
C LEU B 145 13.71 -21.72 12.32
N VAL B 146 14.03 -22.78 11.56
CA VAL B 146 14.96 -22.62 10.43
C VAL B 146 14.35 -23.05 9.11
N THR B 147 14.95 -22.55 8.04
CA THR B 147 14.65 -23.03 6.69
C THR B 147 15.01 -24.52 6.52
N ASP B 148 16.19 -24.90 6.99
CA ASP B 148 16.72 -26.23 6.73
C ASP B 148 17.43 -26.75 7.99
N ALA B 149 16.85 -27.79 8.59
CA ALA B 149 17.42 -28.39 9.80
C ALA B 149 18.75 -29.09 9.50
N ARG B 150 19.09 -29.20 8.22
CA ARG B 150 20.34 -29.84 7.78
C ARG B 150 21.48 -28.83 7.67
N THR B 151 21.16 -27.55 7.80
CA THR B 151 22.17 -26.48 7.69
C THR B 151 23.27 -26.69 8.74
N LYS B 152 24.52 -26.65 8.28
CA LYS B 152 25.68 -26.90 9.13
C LYS B 152 26.25 -25.59 9.62
N TYR B 153 25.60 -25.00 10.63
CA TYR B 153 26.11 -23.79 11.26
C TYR B 153 27.40 -24.11 12.02
N LYS B 154 28.29 -23.12 12.10
CA LYS B 154 29.50 -23.23 12.90
C LYS B 154 29.15 -23.47 14.37
N GLU B 155 29.95 -24.27 15.05
CA GLU B 155 29.73 -24.55 16.47
C GLU B 155 30.26 -23.43 17.35
N GLU B 156 31.31 -22.76 16.90
CA GLU B 156 31.87 -21.64 17.65
C GLU B 156 31.54 -20.31 16.96
N GLY B 157 31.29 -19.27 17.75
CA GLY B 157 31.14 -17.93 17.23
C GLY B 157 29.71 -17.49 16.95
N VAL B 158 28.78 -18.45 16.99
CA VAL B 158 27.34 -18.16 16.88
C VAL B 158 26.60 -19.04 17.86
N VAL B 159 25.47 -18.56 18.39
CA VAL B 159 24.60 -19.40 19.19
C VAL B 159 23.46 -19.89 18.30
N THR B 160 23.37 -21.20 18.13
CA THR B 160 22.37 -21.81 17.26
C THR B 160 21.56 -22.82 18.05
N ILE B 161 20.59 -23.50 17.41
CA ILE B 161 19.76 -24.47 18.14
C ILE B 161 20.62 -25.54 18.85
N LYS B 162 21.60 -26.09 18.12
CA LYS B 162 22.50 -27.11 18.67
C LYS B 162 23.30 -26.62 19.89
N THR B 163 23.62 -25.33 19.92
CA THR B 163 24.29 -24.73 21.09
C THR B 163 23.45 -24.96 22.35
N ILE B 164 22.14 -24.79 22.22
CA ILE B 164 21.20 -24.89 23.33
C ILE B 164 20.89 -26.36 23.68
N THR B 165 20.57 -27.16 22.68
CA THR B 165 20.08 -28.53 22.90
C THR B 165 21.19 -29.56 23.07
N LYS B 166 22.40 -29.20 22.64
CA LYS B 166 23.56 -30.11 22.59
C LYS B 166 23.37 -31.25 21.58
N LYS B 167 22.36 -31.13 20.73
CA LYS B 167 22.06 -32.16 19.73
C LYS B 167 21.80 -31.52 18.39
N ASP B 168 21.97 -32.29 17.32
CA ASP B 168 21.67 -31.78 15.98
C ASP B 168 20.20 -31.36 15.87
N MET B 169 19.94 -30.41 14.98
CA MET B 169 18.56 -30.02 14.68
C MET B 169 17.75 -31.22 14.17
N VAL B 170 16.45 -31.17 14.39
CA VAL B 170 15.52 -32.22 13.96
C VAL B 170 14.54 -31.62 12.96
N ASN B 171 13.79 -32.45 12.25
CA ASN B 171 12.89 -31.92 11.23
C ASN B 171 11.85 -30.93 11.77
N LYS B 172 11.41 -31.13 13.02
CA LYS B 172 10.48 -30.23 13.71
C LYS B 172 11.01 -28.81 13.81
N ASP B 173 12.32 -28.64 13.71
CA ASP B 173 12.93 -27.30 13.78
C ASP B 173 12.66 -26.42 12.54
N GLN B 174 12.09 -27.04 11.50
CA GLN B 174 11.63 -26.29 10.31
C GLN B 174 10.20 -25.76 10.49
N VAL B 175 9.55 -26.21 11.56
CA VAL B 175 8.26 -25.66 12.01
C VAL B 175 8.44 -25.22 13.48
N LEU B 176 7.38 -25.26 14.28
CA LEU B 176 7.51 -24.86 15.70
C LEU B 176 7.85 -26.06 16.57
N ASN B 177 9.08 -26.08 17.09
CA ASN B 177 9.53 -27.10 18.03
C ASN B 177 9.78 -26.40 19.38
N PRO B 178 8.90 -26.62 20.38
CA PRO B 178 8.97 -25.93 21.68
CA PRO B 178 9.00 -25.89 21.65
C PRO B 178 10.28 -26.17 22.45
N ILE B 179 11.01 -27.23 22.10
CA ILE B 179 12.30 -27.52 22.73
C ILE B 179 13.36 -26.48 22.33
N SER B 180 13.22 -25.91 21.13
CA SER B 180 14.24 -25.02 20.58
C SER B 180 14.02 -23.57 21.01
N LYS B 181 14.36 -23.28 22.27
CA LYS B 181 14.17 -21.94 22.82
C LYS B 181 15.47 -21.41 23.41
N ALA B 182 15.61 -20.08 23.41
CA ALA B 182 16.79 -19.43 24.00
C ALA B 182 16.39 -18.05 24.50
N LYS B 183 17.35 -17.36 25.11
CA LYS B 183 17.16 -15.97 25.51
C LYS B 183 18.20 -15.10 24.83
N LEU B 184 17.79 -13.92 24.39
CA LEU B 184 18.72 -12.99 23.73
C LEU B 184 19.58 -12.29 24.78
N ASP B 185 20.67 -12.96 25.17
CA ASP B 185 21.51 -12.47 26.26
C ASP B 185 22.88 -11.95 25.81
N LYS B 186 23.12 -11.97 24.51
CA LYS B 186 24.40 -11.54 23.94
C LYS B 186 24.19 -10.81 22.63
N ASP B 187 24.88 -9.69 22.47
CA ASP B 187 24.88 -8.92 21.22
C ASP B 187 25.68 -9.64 20.12
N GLY B 188 25.16 -9.60 18.88
CA GLY B 188 25.88 -10.11 17.71
C GLY B 188 26.23 -11.60 17.71
N MET B 189 25.33 -12.42 18.27
CA MET B 189 25.57 -13.86 18.43
C MET B 189 24.44 -14.78 17.99
N TYR B 190 23.21 -14.26 17.99
CA TYR B 190 22.01 -15.07 17.67
C TYR B 190 21.53 -14.76 16.25
N PRO B 191 21.76 -15.67 15.28
CA PRO B 191 21.34 -15.37 13.90
C PRO B 191 19.84 -15.14 13.78
N VAL B 192 19.47 -14.10 13.03
CA VAL B 192 18.06 -13.77 12.84
C VAL B 192 17.33 -14.77 11.93
N GLU B 193 18.08 -15.54 11.14
CA GLU B 193 17.46 -16.58 10.31
C GLU B 193 17.10 -17.83 11.14
N ILE B 194 17.52 -17.84 12.40
CA ILE B 194 17.25 -18.96 13.32
C ILE B 194 16.30 -18.56 14.47
N TRP B 195 16.56 -17.40 15.06
CA TRP B 195 15.90 -17.02 16.33
C TRP B 195 14.86 -15.90 16.19
N HIS B 196 13.64 -16.22 16.60
CA HIS B 196 12.47 -15.35 16.46
C HIS B 196 11.90 -15.01 17.82
N PRO B 197 11.24 -13.84 17.95
CA PRO B 197 10.59 -13.55 19.23
C PRO B 197 9.59 -14.66 19.55
N ASP B 198 9.61 -15.15 20.78
CA ASP B 198 8.74 -16.26 21.21
C ASP B 198 7.41 -15.70 21.72
N PRO B 199 6.31 -15.92 20.97
CA PRO B 199 5.03 -15.36 21.44
C PRO B 199 4.44 -16.09 22.65
N ALA B 200 4.96 -17.28 22.97
CA ALA B 200 4.49 -18.05 24.12
C ALA B 200 5.10 -17.56 25.44
N LYS B 201 6.10 -16.69 25.34
CA LYS B 201 6.72 -16.12 26.53
C LYS B 201 6.69 -14.60 26.39
N ASN B 202 7.79 -13.91 26.73
CA ASN B 202 7.84 -12.44 26.57
C ASN B 202 6.69 -11.66 27.24
N GLU B 203 6.26 -12.14 28.41
CA GLU B 203 5.21 -11.45 29.17
C GLU B 203 5.66 -10.07 29.64
N ASN B 204 6.98 -9.90 29.77
CA ASN B 204 7.57 -8.69 30.31
C ASN B 204 8.39 -7.90 29.28
N THR B 205 8.06 -8.11 28.01
CA THR B 205 8.73 -7.47 26.87
C THR B 205 7.68 -7.15 25.81
N ARG B 206 7.84 -6.01 25.14
CA ARG B 206 7.03 -5.72 23.95
C ARG B 206 7.91 -5.78 22.73
N TYR B 207 7.49 -6.52 21.71
CA TYR B 207 8.24 -6.55 20.46
C TYR B 207 7.35 -6.27 19.25
N PHE B 208 7.97 -5.78 18.18
CA PHE B 208 7.27 -5.28 16.99
C PHE B 208 8.16 -5.60 15.81
N GLY B 209 7.67 -6.44 14.90
CA GLY B 209 8.48 -6.87 13.77
C GLY B 209 7.78 -6.81 12.44
N ASN B 210 8.56 -6.62 11.38
CA ASN B 210 8.03 -6.78 10.03
C ASN B 210 9.08 -7.30 9.05
N TYR B 211 8.59 -8.05 8.08
CA TYR B 211 9.42 -8.72 7.09
C TYR B 211 8.86 -8.41 5.71
N THR B 212 9.74 -8.06 4.78
CA THR B 212 9.38 -7.95 3.36
C THR B 212 10.46 -8.70 2.58
N GLY B 213 10.05 -9.66 1.75
CA GLY B 213 11.04 -10.51 1.06
C GLY B 213 11.42 -10.06 -0.34
N GLY B 214 11.82 -11.02 -1.16
CA GLY B 214 12.20 -10.78 -2.56
C GLY B 214 13.68 -10.51 -2.77
N THR B 215 14.07 -10.34 -4.03
CA THR B 215 15.50 -10.16 -4.37
C THR B 215 15.85 -8.74 -4.79
N THR B 216 14.92 -8.06 -5.47
CA THR B 216 15.17 -6.70 -5.93
C THR B 216 14.16 -5.69 -5.37
N THR B 217 13.49 -6.07 -4.29
CA THR B 217 12.42 -5.24 -3.69
C THR B 217 12.98 -3.88 -3.26
N PRO B 218 12.26 -2.78 -3.57
CA PRO B 218 12.74 -1.49 -3.09
C PRO B 218 12.66 -1.39 -1.58
N PRO B 219 13.74 -0.96 -0.92
CA PRO B 219 13.66 -0.74 0.52
C PRO B 219 12.80 0.48 0.83
N VAL B 220 12.05 0.40 1.93
CA VAL B 220 11.19 1.50 2.35
C VAL B 220 11.47 1.77 3.83
N LEU B 221 11.54 3.04 4.21
CA LEU B 221 11.75 3.36 5.61
C LEU B 221 11.20 4.74 5.90
N GLN B 222 10.60 4.88 7.08
CA GLN B 222 10.14 6.18 7.57
CA GLN B 222 10.16 6.19 7.56
C GLN B 222 10.90 6.52 8.85
N PHE B 223 11.09 7.81 9.10
CA PHE B 223 11.77 8.24 10.32
C PHE B 223 11.27 9.60 10.74
N THR B 224 11.05 9.75 12.04
CA THR B 224 10.57 11.01 12.60
C THR B 224 10.88 11.02 14.10
N ASN B 225 11.09 12.20 14.67
CA ASN B 225 11.23 12.33 16.12
C ASN B 225 9.92 12.63 16.85
N THR B 226 8.80 12.44 16.16
CA THR B 226 7.49 12.81 16.72
C THR B 226 6.59 11.62 17.11
N LEU B 227 7.09 10.41 16.94
CA LEU B 227 6.30 9.19 17.09
C LEU B 227 6.67 8.45 18.37
N THR B 228 5.69 8.27 19.25
CA THR B 228 5.91 7.52 20.50
C THR B 228 5.23 6.16 20.46
N THR B 229 5.99 5.12 20.80
CA THR B 229 5.42 3.77 20.98
C THR B 229 5.08 3.52 22.46
N VAL B 230 3.79 3.37 22.76
CA VAL B 230 3.36 3.09 24.13
C VAL B 230 3.69 1.64 24.48
N LEU B 231 4.23 1.41 25.68
CA LEU B 231 4.64 0.05 26.07
C LEU B 231 3.73 -0.58 27.14
N LEU B 232 2.73 0.18 27.57
CA LEU B 232 1.76 -0.29 28.55
C LEU B 232 0.92 -1.41 27.95
N ASP B 233 0.65 -2.45 28.73
CA ASP B 233 -0.24 -3.52 28.29
C ASP B 233 -1.72 -3.13 28.45
N GLU B 234 -2.62 -4.09 28.27
CA GLU B 234 -4.06 -3.84 28.36
C GLU B 234 -4.51 -3.42 29.77
N ASN B 235 -3.70 -3.71 30.78
CA ASN B 235 -4.00 -3.31 32.16
C ASN B 235 -3.31 -2.00 32.58
N GLY B 236 -2.59 -1.39 31.64
CA GLY B 236 -1.88 -0.13 31.88
C GLY B 236 -0.52 -0.31 32.54
N VAL B 237 0.07 -1.49 32.35
CA VAL B 237 1.34 -1.82 33.00
C VAL B 237 2.42 -2.06 31.95
N GLY B 238 3.53 -1.33 32.06
CA GLY B 238 4.63 -1.47 31.12
C GLY B 238 5.58 -2.55 31.60
N PRO B 239 6.59 -2.89 30.79
CA PRO B 239 7.61 -3.85 31.24
C PRO B 239 8.24 -3.41 32.56
N LEU B 240 8.41 -4.38 33.47
CA LEU B 240 9.00 -4.11 34.78
C LEU B 240 10.43 -4.65 34.83
N CYS B 241 11.37 -3.77 35.18
CA CYS B 241 12.78 -4.04 35.02
C CYS B 241 13.37 -4.82 36.20
N LYS B 242 13.57 -6.11 35.98
CA LYS B 242 14.10 -7.00 37.01
C LYS B 242 15.55 -6.66 37.32
N GLY B 243 15.84 -6.44 38.60
CA GLY B 243 17.18 -6.04 39.04
C GLY B 243 17.63 -4.72 38.42
N GLU B 244 16.66 -3.85 38.10
CA GLU B 244 16.92 -2.54 37.48
C GLU B 244 17.65 -2.65 36.14
N GLY B 245 17.40 -3.74 35.42
CA GLY B 245 17.99 -3.95 34.09
C GLY B 245 16.95 -3.75 33.00
N LEU B 246 17.30 -2.96 31.99
CA LEU B 246 16.42 -2.70 30.85
C LEU B 246 17.02 -3.29 29.59
N TYR B 247 16.26 -4.13 28.89
CA TYR B 247 16.76 -4.81 27.70
C TYR B 247 16.22 -4.20 26.41
N LEU B 248 17.14 -3.88 25.52
CA LEU B 248 16.80 -3.40 24.18
C LEU B 248 17.31 -4.40 23.16
N SER B 249 16.47 -4.75 22.19
CA SER B 249 16.80 -5.74 21.18
C SER B 249 16.37 -5.23 19.83
N CYS B 250 17.16 -5.46 18.79
CA CYS B 250 16.73 -5.10 17.43
C CYS B 250 17.53 -5.74 16.31
N VAL B 251 16.95 -5.65 15.11
CA VAL B 251 17.64 -5.97 13.86
C VAL B 251 16.96 -5.14 12.78
N ASP B 252 17.77 -4.52 11.91
CA ASP B 252 17.26 -3.65 10.86
C ASP B 252 18.04 -3.86 9.57
N ILE B 253 17.58 -4.85 8.81
CA ILE B 253 18.18 -5.23 7.52
C ILE B 253 17.48 -4.46 6.41
N MET B 254 18.27 -3.78 5.57
CA MET B 254 17.73 -2.97 4.47
C MET B 254 17.71 -3.68 3.12
N GLY B 255 18.43 -4.79 3.03
CA GLY B 255 18.59 -5.53 1.76
C GLY B 255 20.04 -5.90 1.56
N TRP B 256 20.42 -6.09 0.30
CA TRP B 256 21.81 -6.38 -0.08
C TRP B 256 22.35 -5.39 -1.09
N ARG B 257 23.66 -5.17 -1.08
N ARG B 257 23.66 -5.18 -1.07
CA ARG B 257 24.33 -4.63 -2.24
CA ARG B 257 24.37 -4.63 -2.22
C ARG B 257 24.95 -5.81 -2.99
C ARG B 257 24.94 -5.82 -2.99
N VAL B 258 25.16 -5.63 -4.29
CA VAL B 258 25.64 -6.70 -5.16
C VAL B 258 26.90 -6.21 -5.85
N THR B 259 27.97 -7.00 -5.77
CA THR B 259 29.24 -6.59 -6.37
C THR B 259 29.31 -6.89 -7.87
N ARG B 260 30.39 -6.42 -8.50
CA ARG B 260 30.62 -6.67 -9.90
C ARG B 260 31.29 -8.02 -10.15
N ASN B 261 31.53 -8.77 -9.08
CA ASN B 261 32.21 -10.07 -9.17
C ASN B 261 31.25 -11.20 -8.81
N TYR B 262 30.73 -11.90 -9.82
CA TYR B 262 29.86 -13.06 -9.63
C TYR B 262 28.63 -12.76 -8.77
N ASP B 263 28.09 -11.55 -8.90
CA ASP B 263 26.90 -11.15 -8.17
C ASP B 263 26.98 -11.46 -6.66
N VAL B 264 28.16 -11.29 -6.06
CA VAL B 264 28.28 -11.47 -4.60
C VAL B 264 27.42 -10.47 -3.85
N HIS B 265 26.60 -10.97 -2.92
CA HIS B 265 25.71 -10.13 -2.12
C HIS B 265 26.28 -9.87 -0.73
N HIS B 266 26.12 -8.63 -0.25
CA HIS B 266 26.44 -8.24 1.13
C HIS B 266 25.20 -7.65 1.79
N TRP B 267 24.77 -8.21 2.93
CA TRP B 267 23.67 -7.63 3.71
C TRP B 267 24.03 -6.23 4.16
N ARG B 268 23.06 -5.33 4.20
CA ARG B 268 23.23 -3.98 4.78
C ARG B 268 22.28 -3.85 5.96
N GLY B 269 22.81 -3.37 7.09
CA GLY B 269 21.99 -3.03 8.25
C GLY B 269 22.20 -1.58 8.66
N LEU B 270 21.25 -1.03 9.40
CA LEU B 270 21.35 0.33 9.92
C LEU B 270 21.14 0.34 11.42
N PRO B 271 21.73 1.35 12.11
CA PRO B 271 21.61 1.46 13.56
C PRO B 271 20.22 1.94 13.99
N ARG B 272 19.85 1.61 15.22
CA ARG B 272 18.55 1.99 15.76
C ARG B 272 18.74 2.76 17.06
N TYR B 273 18.03 3.88 17.13
CA TYR B 273 18.00 4.74 18.31
C TYR B 273 16.81 4.37 19.17
N PHE B 274 17.00 4.42 20.49
CA PHE B 274 15.93 4.20 21.47
C PHE B 274 15.97 5.31 22.51
N LYS B 275 14.81 5.89 22.80
CA LYS B 275 14.71 6.77 23.95
C LYS B 275 13.52 6.28 24.78
N ILE B 276 13.84 5.71 25.95
CA ILE B 276 12.82 5.07 26.79
C ILE B 276 12.48 5.94 27.98
N THR B 277 11.17 6.18 28.17
CA THR B 277 10.67 6.86 29.35
C THR B 277 10.26 5.81 30.38
N LEU B 278 10.76 5.96 31.61
CA LEU B 278 10.46 5.00 32.67
C LEU B 278 9.96 5.70 33.92
N ARG B 279 9.15 4.99 34.69
CA ARG B 279 8.59 5.53 35.91
C ARG B 279 8.69 4.50 37.01
N LYS B 280 8.80 4.98 38.26
CA LYS B 280 8.85 4.07 39.40
C LYS B 280 7.45 3.57 39.73
N ARG B 281 7.34 2.28 39.99
CA ARG B 281 6.07 1.63 40.30
C ARG B 281 6.17 0.88 41.64
N TRP B 282 5.19 1.08 42.52
CA TRP B 282 5.09 0.29 43.76
C TRP B 282 4.68 -1.14 43.40
N VAL B 283 5.37 -2.12 43.97
CA VAL B 283 5.05 -3.54 43.75
C VAL B 283 5.11 -4.32 45.06
N LYS B 284 4.48 -5.49 45.09
CA LYS B 284 4.58 -6.41 46.23
C LYS B 284 4.44 -7.88 45.79
N GLY C 1 14.96 31.19 28.49
CA GLY C 1 13.56 30.69 28.40
C GLY C 1 13.45 29.18 28.51
N MET C 2 13.94 28.64 29.62
CA MET C 2 13.89 27.20 29.87
C MET C 2 12.50 26.76 30.35
N GLU C 3 11.86 27.57 31.18
CA GLU C 3 10.52 27.27 31.69
C GLU C 3 9.41 27.90 30.85
N VAL C 4 8.49 27.06 30.37
CA VAL C 4 7.43 27.49 29.46
C VAL C 4 6.15 27.82 30.22
N LEU C 5 5.66 29.04 30.04
CA LEU C 5 4.48 29.50 30.77
C LEU C 5 3.24 29.62 29.87
N ASP C 6 2.38 30.60 30.12
CA ASP C 6 1.13 30.77 29.37
C ASP C 6 1.34 31.29 27.96
N LEU C 7 0.32 31.13 27.11
CA LEU C 7 0.30 31.76 25.79
C LEU C 7 0.03 33.26 25.96
N VAL C 8 0.68 34.08 25.13
CA VAL C 8 0.48 35.52 25.11
C VAL C 8 -0.79 35.83 24.31
N THR C 9 -1.65 36.69 24.86
CA THR C 9 -2.82 37.13 24.11
C THR C 9 -2.69 38.60 23.73
N GLY C 10 -3.58 39.07 22.85
CA GLY C 10 -3.61 40.47 22.44
C GLY C 10 -3.20 40.67 20.99
N PRO C 11 -3.13 41.94 20.54
CA PRO C 11 -2.81 42.28 19.15
C PRO C 11 -1.45 41.74 18.73
N ASP C 12 -1.40 41.14 17.53
CA ASP C 12 -0.16 40.62 16.94
C ASP C 12 0.49 39.45 17.71
N SER C 13 -0.30 38.74 18.50
CA SER C 13 0.25 37.62 19.28
C SER C 13 0.38 36.34 18.46
N VAL C 14 -0.24 36.31 17.27
CA VAL C 14 -0.14 35.18 16.36
C VAL C 14 0.30 35.66 14.99
N THR C 15 1.15 34.90 14.32
CA THR C 15 1.62 35.24 12.99
C THR C 15 1.69 34.03 12.07
N GLU C 16 1.63 34.28 10.76
CA GLU C 16 1.82 33.25 9.74
C GLU C 16 2.97 33.70 8.87
N ILE C 17 3.91 32.80 8.59
CA ILE C 17 4.96 33.08 7.62
C ILE C 17 5.08 31.96 6.60
N GLU C 18 5.37 32.34 5.36
CA GLU C 18 5.49 31.35 4.30
C GLU C 18 6.81 31.47 3.57
N ALA C 19 7.27 30.35 3.04
CA ALA C 19 8.49 30.30 2.25
C ALA C 19 8.46 29.10 1.34
N PHE C 20 9.22 29.20 0.26
CA PHE C 20 9.53 28.08 -0.64
CA PHE C 20 9.53 28.03 -0.55
C PHE C 20 11.03 27.79 -0.53
N LEU C 21 11.39 26.51 -0.47
CA LEU C 21 12.78 26.11 -0.53
C LEU C 21 12.98 25.33 -1.84
N ASN C 22 13.79 25.90 -2.73
CA ASN C 22 14.15 25.18 -3.96
C ASN C 22 15.10 24.00 -3.71
N PRO C 23 15.01 22.94 -4.53
CA PRO C 23 15.86 21.78 -4.31
C PRO C 23 17.34 22.10 -4.60
N ARG C 24 18.24 21.30 -4.03
CA ARG C 24 19.68 21.48 -4.26
C ARG C 24 20.28 20.15 -4.71
N MET C 25 20.04 19.82 -5.99
CA MET C 25 20.35 18.48 -6.51
C MET C 25 21.78 18.35 -6.99
N GLY C 26 22.43 19.49 -7.23
CA GLY C 26 23.83 19.47 -7.63
C GLY C 26 24.21 20.64 -8.50
N GLN C 27 23.39 20.96 -9.50
CA GLN C 27 23.66 22.13 -10.32
C GLN C 27 23.19 23.37 -9.56
N PRO C 28 24.09 24.35 -9.35
CA PRO C 28 23.69 25.58 -8.65
C PRO C 28 22.71 26.41 -9.48
N PRO C 29 22.08 27.44 -8.86
CA PRO C 29 21.13 28.28 -9.60
C PRO C 29 21.76 29.08 -10.75
N THR C 30 23.05 29.37 -10.65
CA THR C 30 23.79 30.07 -11.69
C THR C 30 24.92 29.17 -12.20
N PRO C 31 25.34 29.32 -13.48
CA PRO C 31 24.87 30.24 -14.52
C PRO C 31 23.42 30.01 -14.92
N GLU C 32 22.73 31.10 -15.24
CA GLU C 32 21.32 31.01 -15.61
C GLU C 32 21.15 30.52 -17.05
N SER C 33 22.18 30.73 -17.87
CA SER C 33 22.14 30.34 -19.29
C SER C 33 21.72 28.89 -19.49
N LEU C 34 20.76 28.68 -20.39
CA LEU C 34 20.27 27.34 -20.70
C LEU C 34 21.19 26.53 -21.62
N THR C 35 22.35 27.08 -21.96
CA THR C 35 23.38 26.30 -22.67
C THR C 35 24.63 26.10 -21.82
N GLU C 36 24.84 26.98 -20.83
CA GLU C 36 26.06 26.98 -20.05
C GLU C 36 25.97 26.19 -18.74
N GLY C 37 24.91 25.41 -18.57
CA GLY C 37 24.71 24.62 -17.34
C GLY C 37 23.39 24.85 -16.63
N GLY C 38 22.80 26.02 -16.86
CA GLY C 38 21.49 26.37 -16.30
C GLY C 38 20.39 25.39 -16.65
N GLN C 39 20.50 24.72 -17.80
CA GLN C 39 19.54 23.68 -18.18
C GLN C 39 19.47 22.52 -17.19
N TYR C 40 20.46 22.40 -16.31
CA TYR C 40 20.46 21.34 -15.30
C TYR C 40 19.93 21.79 -13.92
N TYR C 41 19.49 23.04 -13.81
CA TYR C 41 19.02 23.54 -12.52
C TYR C 41 17.70 22.84 -12.14
N GLY C 42 17.64 22.29 -10.93
CA GLY C 42 16.57 21.38 -10.51
C GLY C 42 16.98 19.92 -10.60
N TRP C 43 18.16 19.69 -11.18
CA TRP C 43 18.70 18.35 -11.37
C TRP C 43 20.14 18.29 -10.89
N SER C 44 20.66 17.07 -10.75
CA SER C 44 22.10 16.92 -10.59
C SER C 44 22.75 16.94 -11.97
N ARG C 45 24.07 17.08 -12.00
CA ARG C 45 24.81 16.75 -13.20
C ARG C 45 24.94 15.23 -13.28
N GLY C 46 25.44 14.72 -14.41
CA GLY C 46 25.48 13.26 -14.65
C GLY C 46 26.29 12.55 -13.58
N ILE C 47 25.68 11.55 -12.94
CA ILE C 47 26.29 10.84 -11.82
C ILE C 47 27.53 10.09 -12.31
N ASN C 48 28.67 10.35 -11.68
CA ASN C 48 29.94 9.71 -12.03
C ASN C 48 30.26 8.59 -11.05
N LEU C 49 30.68 7.45 -11.59
CA LEU C 49 30.87 6.24 -10.78
C LEU C 49 32.33 6.00 -10.39
N ALA C 50 32.51 5.30 -9.26
CA ALA C 50 33.81 4.80 -8.85
C ALA C 50 34.52 4.02 -9.96
N THR C 51 35.84 4.11 -9.99
CA THR C 51 36.62 3.40 -10.99
C THR C 51 37.18 2.08 -10.46
N SER C 52 37.07 1.87 -9.16
CA SER C 52 37.48 0.61 -8.51
C SER C 52 36.92 0.60 -7.09
N ASP C 53 37.13 -0.51 -6.39
CA ASP C 53 36.71 -0.66 -4.99
C ASP C 53 37.36 0.38 -4.06
N THR C 54 38.50 0.93 -4.47
CA THR C 54 39.25 1.88 -3.63
C THR C 54 39.29 3.32 -4.18
N GLU C 55 38.53 3.57 -5.26
CA GLU C 55 38.57 4.86 -5.94
C GLU C 55 37.17 5.39 -6.25
N ASP C 56 36.55 5.96 -5.22
CA ASP C 56 35.20 6.52 -5.33
C ASP C 56 35.25 8.01 -5.03
N SER C 57 35.21 8.80 -6.11
CA SER C 57 35.41 10.25 -6.01
C SER C 57 34.24 10.98 -6.66
N PRO C 58 33.09 11.09 -5.96
CA PRO C 58 31.94 11.75 -6.55
C PRO C 58 32.15 13.26 -6.68
N GLU C 59 31.68 13.82 -7.79
CA GLU C 59 31.79 15.26 -7.99
C GLU C 59 30.69 15.95 -7.20
N ASN C 60 30.98 17.14 -6.67
CA ASN C 60 30.02 17.87 -5.83
C ASN C 60 28.67 18.08 -6.52
N ASN C 61 28.69 18.36 -7.81
CA ASN C 61 27.45 18.65 -8.54
C ASN C 61 26.64 17.40 -8.93
N THR C 62 27.06 16.24 -8.43
CA THR C 62 26.30 14.99 -8.56
C THR C 62 25.64 14.56 -7.24
N LEU C 63 25.85 15.35 -6.19
CA LEU C 63 25.39 14.99 -4.85
C LEU C 63 24.31 15.94 -4.34
N PRO C 64 23.06 15.43 -4.23
CA PRO C 64 22.01 16.25 -3.63
C PRO C 64 22.37 16.64 -2.19
N THR C 65 22.08 17.89 -1.85
CA THR C 65 22.35 18.40 -0.51
C THR C 65 21.05 18.89 0.11
N TRP C 66 21.05 19.06 1.44
CA TRP C 66 19.92 19.64 2.15
C TRP C 66 19.64 21.07 1.68
N SER C 67 18.35 21.39 1.57
CA SER C 67 17.89 22.76 1.45
C SER C 67 17.61 23.28 2.85
N MET C 68 17.92 24.55 3.10
CA MET C 68 17.56 25.19 4.36
C MET C 68 17.43 26.69 4.24
N ALA C 69 16.61 27.25 5.13
CA ALA C 69 16.45 28.69 5.23
C ALA C 69 16.21 29.04 6.69
N LYS C 70 16.76 30.18 7.09
CA LYS C 70 16.49 30.76 8.39
C LYS C 70 15.63 32.00 8.17
N LEU C 71 14.44 32.01 8.77
CA LEU C 71 13.55 33.13 8.65
C LEU C 71 13.56 33.95 9.92
N GLN C 72 13.61 35.27 9.78
CA GLN C 72 13.59 36.18 10.91
C GLN C 72 12.16 36.56 11.28
N LEU C 73 11.85 36.42 12.56
CA LEU C 73 10.52 36.73 13.07
C LEU C 73 10.49 38.11 13.71
N PRO C 74 9.27 38.70 13.90
CA PRO C 74 9.16 40.00 14.57
C PRO C 74 9.90 40.04 15.92
N MET C 75 10.57 41.15 16.20
CA MET C 75 11.33 41.34 17.44
C MET C 75 10.37 41.31 18.62
N LEU C 76 10.81 40.73 19.74
CA LEU C 76 9.90 40.50 20.87
C LEU C 76 10.23 41.21 22.19
N ASN C 77 11.50 41.20 22.58
CA ASN C 77 11.87 41.67 23.92
C ASN C 77 12.81 42.87 23.88
N THR C 84 10.26 37.96 33.03
CA THR C 84 9.44 37.17 32.11
C THR C 84 9.56 37.68 30.68
N LEU C 85 10.00 36.80 29.79
CA LEU C 85 10.22 37.14 28.39
C LEU C 85 9.21 36.43 27.50
N GLN C 86 9.21 36.79 26.21
CA GLN C 86 8.37 36.14 25.22
C GLN C 86 9.23 35.46 24.17
N MET C 87 8.74 34.36 23.61
CA MET C 87 9.38 33.69 22.47
C MET C 87 8.31 33.29 21.47
N TRP C 88 8.68 33.28 20.19
CA TRP C 88 7.82 32.70 19.15
C TRP C 88 7.83 31.18 19.22
N GLU C 89 6.62 30.62 19.21
CA GLU C 89 6.42 29.17 19.25
C GLU C 89 5.76 28.73 17.95
N ALA C 90 6.41 27.84 17.22
CA ALA C 90 5.83 27.29 16.01
C ALA C 90 4.77 26.25 16.41
N VAL C 91 3.53 26.46 15.98
CA VAL C 91 2.41 25.62 16.40
C VAL C 91 2.12 24.54 15.38
N SER C 92 2.17 24.91 14.11
CA SER C 92 1.82 24.01 13.02
C SER C 92 2.42 24.49 11.71
N VAL C 93 2.45 23.59 10.74
CA VAL C 93 2.90 23.93 9.41
C VAL C 93 2.03 23.25 8.34
N LYS C 94 1.69 23.99 7.30
CA LYS C 94 1.19 23.37 6.07
C LYS C 94 2.35 23.33 5.08
N THR C 95 2.70 22.13 4.64
CA THR C 95 3.83 21.98 3.72
C THR C 95 3.43 21.12 2.52
N GLU C 96 3.98 21.44 1.37
CA GLU C 96 3.59 20.80 0.11
C GLU C 96 4.78 20.74 -0.83
N VAL C 97 4.94 19.59 -1.51
CA VAL C 97 5.95 19.48 -2.56
C VAL C 97 5.26 19.78 -3.90
N VAL C 98 5.82 20.74 -4.64
CA VAL C 98 5.14 21.32 -5.81
C VAL C 98 5.81 20.86 -7.09
N GLY C 99 4.99 20.52 -8.09
CA GLY C 99 5.50 20.27 -9.44
C GLY C 99 5.55 18.83 -9.91
N SER C 100 4.92 17.90 -9.16
CA SER C 100 4.92 16.50 -9.61
C SER C 100 4.31 16.35 -11.02
N GLY C 101 3.34 17.20 -11.36
CA GLY C 101 2.77 17.15 -12.72
C GLY C 101 3.81 17.31 -13.84
N SER C 102 4.90 18.01 -13.56
CA SER C 102 5.96 18.20 -14.56
C SER C 102 6.60 16.88 -14.98
N LEU C 103 6.49 15.86 -14.13
CA LEU C 103 7.03 14.54 -14.44
C LEU C 103 6.22 13.81 -15.51
N LEU C 104 5.06 14.36 -15.85
CA LEU C 104 4.23 13.86 -16.97
C LEU C 104 4.78 14.28 -18.34
N ASP C 105 5.87 15.04 -18.37
CA ASP C 105 6.56 15.28 -19.62
C ASP C 105 7.31 14.01 -20.01
N VAL C 106 6.74 13.26 -20.96
CA VAL C 106 7.40 12.08 -21.51
C VAL C 106 7.67 12.26 -23.00
N HIS C 107 7.90 13.52 -23.39
CA HIS C 107 8.11 13.85 -24.80
C HIS C 107 9.53 14.32 -25.10
N GLY C 108 10.40 14.29 -24.08
CA GLY C 108 11.78 14.76 -24.23
C GLY C 108 12.71 13.73 -24.85
N PHE C 109 14.00 13.86 -24.56
CA PHE C 109 15.05 13.09 -25.24
C PHE C 109 15.73 12.10 -24.28
N ASN C 110 15.03 11.70 -23.20
CA ASN C 110 15.56 10.66 -22.30
C ASN C 110 15.66 9.31 -23.01
N LYS C 111 16.32 8.36 -22.37
CA LYS C 111 16.30 6.95 -22.82
C LYS C 111 14.85 6.58 -23.15
N PRO C 112 14.60 6.06 -24.37
CA PRO C 112 13.24 5.74 -24.76
C PRO C 112 12.78 4.42 -24.16
N THR C 113 11.46 4.23 -24.10
CA THR C 113 10.91 2.98 -23.56
C THR C 113 11.13 1.76 -24.45
N ASP C 114 11.23 1.97 -25.76
CA ASP C 114 11.60 0.90 -26.69
C ASP C 114 13.03 1.12 -27.16
N THR C 115 13.99 0.43 -26.53
CA THR C 115 15.40 0.65 -26.89
C THR C 115 15.82 -0.18 -28.09
N VAL C 116 15.03 -1.19 -28.42
CA VAL C 116 15.34 -2.03 -29.59
C VAL C 116 15.21 -1.20 -30.88
N ASN C 117 14.14 -0.40 -30.95
CA ASN C 117 13.89 0.45 -32.10
C ASN C 117 14.09 1.94 -31.87
N THR C 118 14.37 2.32 -30.62
CA THR C 118 14.57 3.73 -30.23
C THR C 118 13.27 4.53 -30.44
N LYS C 119 12.21 4.05 -29.78
CA LYS C 119 10.87 4.57 -30.00
C LYS C 119 10.10 4.53 -28.68
N GLY C 120 8.82 4.90 -28.74
CA GLY C 120 7.96 4.80 -27.56
C GLY C 120 7.80 6.17 -26.96
N ILE C 121 8.10 6.29 -25.67
CA ILE C 121 8.10 7.61 -25.02
C ILE C 121 9.45 7.84 -24.35
N SER C 122 9.69 9.09 -23.97
CA SER C 122 10.85 9.46 -23.17
C SER C 122 10.62 8.97 -21.74
N THR C 123 11.48 8.07 -21.25
CA THR C 123 11.24 7.43 -19.95
C THR C 123 11.13 8.52 -18.88
N PRO C 124 10.03 8.49 -18.09
CA PRO C 124 9.92 9.50 -17.03
C PRO C 124 10.86 9.22 -15.85
N VAL C 125 11.00 10.21 -14.98
CA VAL C 125 11.79 10.08 -13.74
C VAL C 125 11.29 8.88 -12.94
N GLU C 126 12.22 8.04 -12.50
CA GLU C 126 11.91 6.83 -11.72
C GLU C 126 13.04 6.57 -10.73
N GLY C 127 12.77 5.71 -9.75
CA GLY C 127 13.85 5.20 -8.89
C GLY C 127 13.73 5.65 -7.45
N SER C 128 14.87 5.88 -6.83
CA SER C 128 14.95 6.13 -5.39
C SER C 128 14.40 7.51 -5.06
N GLN C 129 13.62 7.57 -3.99
CA GLN C 129 12.93 8.80 -3.61
C GLN C 129 13.20 9.08 -2.15
N TYR C 130 13.32 10.35 -1.81
CA TYR C 130 13.68 10.72 -0.44
C TYR C 130 13.01 12.05 -0.13
N HIS C 131 12.16 12.05 0.89
CA HIS C 131 11.42 13.25 1.28
C HIS C 131 11.57 13.47 2.79
N VAL C 132 12.21 14.57 3.16
CA VAL C 132 12.34 14.94 4.55
C VAL C 132 12.03 16.42 4.70
N PHE C 133 11.29 16.78 5.74
CA PHE C 133 11.18 18.20 6.09
C PHE C 133 11.28 18.37 7.59
N ALA C 134 11.70 19.57 8.00
CA ALA C 134 11.83 19.88 9.42
C ALA C 134 11.56 21.34 9.65
N VAL C 135 11.02 21.63 10.84
CA VAL C 135 10.76 22.99 11.29
C VAL C 135 11.26 23.04 12.73
N GLY C 136 12.11 24.03 13.03
CA GLY C 136 12.69 24.14 14.35
C GLY C 136 13.08 25.54 14.74
N GLY C 137 13.38 25.71 16.02
CA GLY C 137 13.77 27.02 16.56
C GLY C 137 15.27 27.22 16.59
N GLU C 138 16.00 26.29 15.97
CA GLU C 138 17.46 26.33 15.84
C GLU C 138 17.85 25.37 14.70
N PRO C 139 19.12 25.39 14.24
CA PRO C 139 19.46 24.51 13.10
C PRO C 139 19.12 23.05 13.38
N LEU C 140 18.74 22.33 12.34
CA LEU C 140 18.56 20.88 12.42
C LEU C 140 19.87 20.22 12.81
N ASP C 141 19.82 19.37 13.84
CA ASP C 141 20.99 18.58 14.24
C ASP C 141 21.16 17.40 13.32
N LEU C 142 22.38 17.21 12.82
CA LEU C 142 22.69 16.17 11.86
C LEU C 142 23.64 15.13 12.43
N GLN C 143 23.41 13.88 12.05
CA GLN C 143 24.27 12.75 12.38
C GLN C 143 24.82 12.17 11.09
N GLY C 144 26.14 12.05 10.98
CA GLY C 144 26.78 11.50 9.79
C GLY C 144 26.70 9.98 9.79
N LEU C 145 26.47 9.41 8.61
CA LEU C 145 26.51 7.96 8.38
C LEU C 145 26.58 7.77 6.88
N VAL C 146 27.58 7.01 6.43
CA VAL C 146 27.80 6.82 5.00
C VAL C 146 27.76 5.36 4.57
N THR C 147 27.59 5.16 3.26
CA THR C 147 27.73 3.84 2.65
C THR C 147 29.17 3.35 2.77
N ASP C 148 30.13 4.22 2.46
CA ASP C 148 31.54 3.83 2.38
C ASP C 148 32.42 4.91 2.98
N ALA C 149 33.10 4.57 4.08
CA ALA C 149 34.01 5.47 4.76
C ALA C 149 35.25 5.75 3.90
N ARG C 150 35.43 4.98 2.82
CA ARG C 150 36.54 5.20 1.89
C ARG C 150 36.22 6.21 0.80
N THR C 151 34.97 6.67 0.73
CA THR C 151 34.57 7.61 -0.32
C THR C 151 35.40 8.90 -0.21
N LYS C 152 35.95 9.33 -1.34
CA LYS C 152 36.81 10.50 -1.37
C LYS C 152 36.01 11.72 -1.80
N TYR C 153 35.26 12.30 -0.85
CA TYR C 153 34.50 13.51 -1.14
C TYR C 153 35.48 14.67 -1.35
N LYS C 154 35.08 15.66 -2.14
CA LYS C 154 35.88 16.87 -2.30
C LYS C 154 36.01 17.58 -0.95
N GLU C 155 37.16 18.21 -0.71
CA GLU C 155 37.36 18.96 0.52
C GLU C 155 36.70 20.34 0.46
N GLU C 156 36.66 20.91 -0.73
CA GLU C 156 36.03 22.22 -0.93
C GLU C 156 34.69 22.07 -1.62
N GLY C 157 33.72 22.87 -1.20
CA GLY C 157 32.44 22.96 -1.88
C GLY C 157 31.31 22.11 -1.30
N VAL C 158 31.65 21.22 -0.37
CA VAL C 158 30.67 20.43 0.40
C VAL C 158 31.15 20.30 1.85
N VAL C 159 30.20 20.22 2.77
CA VAL C 159 30.52 19.93 4.16
C VAL C 159 30.31 18.43 4.40
N THR C 160 31.39 17.74 4.71
CA THR C 160 31.35 16.30 4.91
C THR C 160 31.90 15.99 6.30
N ILE C 161 31.96 14.70 6.66
CA ILE C 161 32.42 14.32 8.01
C ILE C 161 33.83 14.86 8.30
N LYS C 162 34.74 14.73 7.34
CA LYS C 162 36.12 15.22 7.49
C LYS C 162 36.17 16.74 7.71
N THR C 163 35.25 17.47 7.09
CA THR C 163 35.15 18.93 7.33
C THR C 163 35.01 19.22 8.83
N ILE C 164 34.20 18.41 9.51
CA ILE C 164 33.92 18.57 10.93
C ILE C 164 35.05 18.04 11.82
N THR C 165 35.48 16.80 11.56
CA THR C 165 36.46 16.13 12.43
C THR C 165 37.92 16.51 12.15
N LYS C 166 38.17 17.03 10.95
CA LYS C 166 39.51 17.35 10.44
C LYS C 166 40.37 16.09 10.28
N LYS C 167 39.69 14.94 10.20
CA LYS C 167 40.36 13.66 10.06
C LYS C 167 39.55 12.83 9.07
N ASP C 168 40.21 11.91 8.38
CA ASP C 168 39.49 11.00 7.48
C ASP C 168 38.40 10.24 8.21
N MET C 169 37.39 9.82 7.45
CA MET C 169 36.34 8.96 7.97
C MET C 169 36.92 7.66 8.54
N VAL C 170 36.25 7.10 9.53
CA VAL C 170 36.65 5.81 10.10
C VAL C 170 35.57 4.78 9.80
N ASN C 171 35.87 3.49 10.04
CA ASN C 171 34.89 2.45 9.71
C ASN C 171 33.56 2.57 10.47
N LYS C 172 33.60 3.13 11.67
CA LYS C 172 32.40 3.40 12.49
C LYS C 172 31.43 4.36 11.79
N ASP C 173 31.94 5.15 10.85
CA ASP C 173 31.09 6.09 10.10
C ASP C 173 30.13 5.39 9.14
N GLN C 174 30.30 4.08 8.97
CA GLN C 174 29.37 3.29 8.17
C GLN C 174 28.20 2.77 9.03
N VAL C 175 28.32 2.94 10.35
CA VAL C 175 27.22 2.71 11.30
C VAL C 175 27.02 4.02 12.09
N LEU C 176 26.60 3.94 13.35
CA LEU C 176 26.43 5.17 14.16
C LEU C 176 27.71 5.50 14.94
N ASN C 177 28.40 6.55 14.52
CA ASN C 177 29.55 7.11 15.23
C ASN C 177 29.17 8.47 15.82
N PRO C 178 29.00 8.56 17.14
CA PRO C 178 28.51 9.82 17.72
C PRO C 178 29.47 11.03 17.59
N ILE C 179 30.72 10.78 17.22
CA ILE C 179 31.68 11.85 16.92
C ILE C 179 31.25 12.64 15.67
N SER C 180 30.62 11.94 14.73
CA SER C 180 30.32 12.50 13.42
C SER C 180 28.99 13.26 13.41
N LYS C 181 29.02 14.45 13.99
CA LYS C 181 27.83 15.30 14.12
C LYS C 181 28.08 16.70 13.57
N ALA C 182 27.00 17.35 13.13
CA ALA C 182 27.06 18.69 12.56
C ALA C 182 25.70 19.36 12.70
N LYS C 183 25.62 20.62 12.28
CA LYS C 183 24.34 21.35 12.26
C LYS C 183 24.06 21.81 10.84
N LEU C 184 22.81 21.75 10.43
CA LEU C 184 22.41 22.21 9.10
C LEU C 184 22.34 23.74 9.07
N ASP C 185 23.49 24.37 8.88
CA ASP C 185 23.58 25.83 8.98
C ASP C 185 23.82 26.52 7.63
N LYS C 186 23.84 25.74 6.55
CA LYS C 186 24.07 26.27 5.20
C LYS C 186 23.22 25.52 4.19
N ASP C 187 22.58 26.28 3.30
CA ASP C 187 21.82 25.72 2.19
C ASP C 187 22.76 25.17 1.11
N GLY C 188 22.39 24.01 0.55
CA GLY C 188 23.12 23.43 -0.59
C GLY C 188 24.55 23.00 -0.35
N MET C 189 24.87 22.58 0.88
CA MET C 189 26.25 22.25 1.28
C MET C 189 26.42 20.89 1.95
N TYR C 190 25.37 20.41 2.64
CA TYR C 190 25.42 19.13 3.37
C TYR C 190 24.80 17.97 2.58
N PRO C 191 25.61 17.03 2.05
CA PRO C 191 25.04 15.94 1.22
C PRO C 191 24.11 15.00 1.97
N VAL C 192 22.97 14.67 1.36
CA VAL C 192 21.97 13.86 2.04
C VAL C 192 22.36 12.39 2.16
N GLU C 193 23.34 11.95 1.36
CA GLU C 193 23.89 10.61 1.51
C GLU C 193 24.87 10.49 2.71
N ILE C 194 25.19 11.62 3.34
CA ILE C 194 26.07 11.65 4.51
C ILE C 194 25.32 12.03 5.79
N TRP C 195 24.48 13.05 5.69
CA TRP C 195 23.94 13.72 6.87
C TRP C 195 22.46 13.47 7.09
N HIS C 196 22.15 12.92 8.26
CA HIS C 196 20.78 12.49 8.61
C HIS C 196 20.32 13.22 9.85
N PRO C 197 19.00 13.40 10.02
CA PRO C 197 18.55 14.05 11.26
C PRO C 197 18.98 13.23 12.47
N ASP C 198 19.50 13.92 13.49
CA ASP C 198 20.05 13.25 14.68
C ASP C 198 18.95 13.06 15.73
N PRO C 199 18.50 11.80 15.95
CA PRO C 199 17.41 11.57 16.90
C PRO C 199 17.83 11.74 18.36
N ALA C 200 19.13 11.79 18.62
CA ALA C 200 19.65 12.01 19.98
C ALA C 200 19.64 13.50 20.37
N LYS C 201 19.39 14.38 19.40
CA LYS C 201 19.33 15.82 19.67
C LYS C 201 17.99 16.31 19.14
N ASN C 202 17.95 17.48 18.50
CA ASN C 202 16.72 18.02 17.91
C ASN C 202 15.53 18.11 18.88
N GLU C 203 15.82 18.50 20.11
CA GLU C 203 14.77 18.70 21.11
C GLU C 203 13.82 19.83 20.72
N ASN C 204 14.32 20.76 19.90
CA ASN C 204 13.61 21.99 19.56
C ASN C 204 13.29 22.07 18.07
N THR C 205 13.22 20.90 17.43
CA THR C 205 12.89 20.79 16.01
C THR C 205 11.99 19.57 15.84
N ARG C 206 11.07 19.63 14.89
CA ARG C 206 10.34 18.43 14.49
C ARG C 206 10.74 18.07 13.07
N TYR C 207 11.11 16.82 12.82
CA TYR C 207 11.39 16.37 11.46
C TYR C 207 10.60 15.13 11.08
N PHE C 208 10.38 14.96 9.78
CA PHE C 208 9.56 13.88 9.24
C PHE C 208 10.18 13.44 7.93
N GLY C 209 10.55 12.17 7.83
CA GLY C 209 11.23 11.67 6.64
C GLY C 209 10.74 10.34 6.15
N ASN C 210 10.94 10.10 4.86
CA ASN C 210 10.69 8.78 4.29
C ASN C 210 11.59 8.53 3.09
N TYR C 211 11.90 7.26 2.92
CA TYR C 211 12.81 6.81 1.88
C TYR C 211 12.15 5.65 1.15
N THR C 212 12.23 5.67 -0.17
CA THR C 212 11.85 4.52 -1.01
C THR C 212 12.95 4.32 -2.02
N GLY C 213 13.52 3.11 -2.06
CA GLY C 213 14.70 2.85 -2.89
C GLY C 213 14.37 2.27 -4.26
N GLY C 214 15.32 1.50 -4.81
CA GLY C 214 15.18 0.90 -6.13
C GLY C 214 15.71 1.75 -7.28
N THR C 215 15.66 1.20 -8.49
CA THR C 215 16.21 1.86 -9.66
C THR C 215 15.12 2.31 -10.63
N THR C 216 14.02 1.55 -10.73
CA THR C 216 12.95 1.93 -11.65
C THR C 216 11.61 2.12 -10.93
N THR C 217 11.68 2.27 -9.60
CA THR C 217 10.50 2.43 -8.76
C THR C 217 9.64 3.63 -9.21
N PRO C 218 8.31 3.42 -9.36
CA PRO C 218 7.44 4.56 -9.72
C PRO C 218 7.45 5.62 -8.62
N PRO C 219 7.67 6.91 -8.98
CA PRO C 219 7.58 7.94 -7.96
C PRO C 219 6.13 8.18 -7.57
N VAL C 220 5.91 8.44 -6.29
CA VAL C 220 4.57 8.68 -5.74
CA VAL C 220 4.56 8.71 -5.79
CA VAL C 220 4.57 8.69 -5.76
C VAL C 220 4.58 10.00 -4.97
N LEU C 221 3.56 10.81 -5.17
CA LEU C 221 3.47 12.07 -4.42
C LEU C 221 2.01 12.49 -4.27
N GLN C 222 1.67 12.93 -3.06
CA GLN C 222 0.36 13.54 -2.82
CA GLN C 222 0.36 13.54 -2.79
C GLN C 222 0.57 15.01 -2.51
N PHE C 223 -0.43 15.83 -2.85
CA PHE C 223 -0.36 17.27 -2.58
C PHE C 223 -1.74 17.83 -2.35
N THR C 224 -1.88 18.64 -1.30
CA THR C 224 -3.16 19.25 -0.98
C THR C 224 -2.89 20.47 -0.13
N ASN C 225 -3.79 21.46 -0.17
CA ASN C 225 -3.70 22.62 0.72
C ASN C 225 -4.58 22.47 1.96
N THR C 226 -5.02 21.24 2.24
CA THR C 226 -5.99 20.99 3.34
C THR C 226 -5.37 20.25 4.54
N LEU C 227 -4.07 19.95 4.46
CA LEU C 227 -3.39 19.15 5.48
CA LEU C 227 -3.42 19.16 5.51
C LEU C 227 -2.50 19.99 6.38
N THR C 228 -2.73 19.91 7.69
CA THR C 228 -1.93 20.64 8.67
C THR C 228 -1.10 19.67 9.50
N THR C 229 0.20 19.95 9.61
CA THR C 229 1.09 19.18 10.47
C THR C 229 1.23 19.92 11.79
N VAL C 230 0.77 19.30 12.87
CA VAL C 230 0.90 19.87 14.22
C VAL C 230 2.35 19.72 14.67
N LEU C 231 2.90 20.77 15.28
CA LEU C 231 4.32 20.77 15.69
C LEU C 231 4.48 20.72 17.22
N LEU C 232 3.36 20.74 17.92
CA LEU C 232 3.37 20.69 19.39
C LEU C 232 3.87 19.34 19.84
N ASP C 233 4.68 19.31 20.90
CA ASP C 233 5.13 18.05 21.48
C ASP C 233 4.07 17.46 22.41
N GLU C 234 4.43 16.39 23.12
CA GLU C 234 3.49 15.68 23.99
C GLU C 234 3.01 16.53 25.18
N ASN C 235 3.70 17.63 25.46
CA ASN C 235 3.31 18.58 26.51
C ASN C 235 2.60 19.82 25.96
N GLY C 236 2.31 19.81 24.66
CA GLY C 236 1.60 20.93 24.03
C GLY C 236 2.50 22.11 23.70
N VAL C 237 3.80 21.88 23.60
CA VAL C 237 4.75 22.94 23.30
C VAL C 237 5.41 22.71 21.93
N GLY C 238 5.32 23.73 21.06
CA GLY C 238 6.00 23.68 19.78
C GLY C 238 7.45 24.16 19.86
N PRO C 239 8.19 24.08 18.74
CA PRO C 239 9.56 24.63 18.68
C PRO C 239 9.59 26.10 19.12
N LEU C 240 10.54 26.44 19.98
CA LEU C 240 10.69 27.82 20.45
C LEU C 240 11.84 28.48 19.72
N CYS C 241 11.55 29.61 19.09
CA CYS C 241 12.49 30.24 18.18
C CYS C 241 13.54 31.09 18.89
N LYS C 242 14.75 30.53 19.00
CA LYS C 242 15.85 31.19 19.71
C LYS C 242 16.32 32.41 18.92
N GLY C 243 16.38 33.56 19.62
CA GLY C 243 16.69 34.84 18.96
C GLY C 243 15.79 35.14 17.77
N GLU C 244 14.53 34.73 17.87
CA GLU C 244 13.50 34.97 16.83
C GLU C 244 13.86 34.40 15.44
N GLY C 245 14.63 33.31 15.43
CA GLY C 245 14.99 32.64 14.18
C GLY C 245 14.21 31.36 14.00
N LEU C 246 13.64 31.18 12.81
CA LEU C 246 12.89 29.98 12.46
C LEU C 246 13.65 29.23 11.37
N TYR C 247 13.93 27.96 11.60
CA TYR C 247 14.71 27.17 10.65
C TYR C 247 13.82 26.19 9.92
N LEU C 248 13.92 26.23 8.59
CA LEU C 248 13.23 25.30 7.72
C LEU C 248 14.27 24.48 6.98
N SER C 249 14.04 23.17 6.88
CA SER C 249 15.02 22.27 6.28
C SER C 249 14.25 21.24 5.45
N CYS C 250 14.79 20.86 4.30
CA CYS C 250 14.14 19.81 3.52
C CYS C 250 14.99 19.22 2.41
N VAL C 251 14.53 18.09 1.91
CA VAL C 251 15.05 17.50 0.69
C VAL C 251 13.91 16.70 0.06
N ASP C 252 13.75 16.83 -1.25
CA ASP C 252 12.67 16.14 -1.96
C ASP C 252 13.16 15.59 -3.30
N ILE C 253 13.73 14.39 -3.24
CA ILE C 253 14.24 13.69 -4.42
C ILE C 253 13.16 12.79 -5.00
N MET C 254 12.89 12.93 -6.30
CA MET C 254 11.83 12.19 -7.00
C MET C 254 12.34 10.96 -7.75
N GLY C 255 13.66 10.89 -7.91
CA GLY C 255 14.29 9.81 -8.66
C GLY C 255 15.32 10.36 -9.63
N TRP C 256 15.55 9.62 -10.72
CA TRP C 256 16.48 10.07 -11.77
C TRP C 256 15.82 10.05 -13.15
N ARG C 257 16.28 10.95 -14.04
CA ARG C 257 16.08 10.77 -15.47
CA ARG C 257 16.07 10.74 -15.46
C ARG C 257 17.31 10.07 -16.01
N VAL C 258 17.16 9.36 -17.12
CA VAL C 258 18.26 8.59 -17.71
C VAL C 258 18.42 9.02 -19.17
N THR C 259 19.64 9.38 -19.57
CA THR C 259 19.88 9.89 -20.91
C THR C 259 20.06 8.76 -21.92
N ARG C 260 20.17 9.13 -23.19
CA ARG C 260 20.42 8.16 -24.26
C ARG C 260 21.91 7.88 -24.45
N ASN C 261 22.75 8.46 -23.59
CA ASN C 261 24.21 8.29 -23.69
C ASN C 261 24.73 7.51 -22.51
N TYR C 262 24.97 6.21 -22.71
CA TYR C 262 25.47 5.31 -21.66
C TYR C 262 24.67 5.37 -20.35
N ASP C 263 23.34 5.49 -20.48
CA ASP C 263 22.44 5.50 -19.32
C ASP C 263 22.87 6.47 -18.20
N VAL C 264 23.41 7.63 -18.55
CA VAL C 264 23.77 8.62 -17.52
C VAL C 264 22.52 9.04 -16.73
N HIS C 265 22.61 9.00 -15.41
CA HIS C 265 21.48 9.39 -14.53
C HIS C 265 21.66 10.80 -14.01
N HIS C 266 20.55 11.54 -13.97
CA HIS C 266 20.50 12.85 -13.32
C HIS C 266 19.41 12.83 -12.24
N TRP C 267 19.78 13.15 -10.98
CA TRP C 267 18.79 13.30 -9.91
C TRP C 267 17.78 14.41 -10.25
N ARG C 268 16.52 14.21 -9.87
CA ARG C 268 15.48 15.25 -9.96
C ARG C 268 14.96 15.60 -8.56
N GLY C 269 14.97 16.89 -8.24
CA GLY C 269 14.36 17.39 -7.00
C GLY C 269 13.20 18.32 -7.29
N LEU C 270 12.31 18.48 -6.32
CA LEU C 270 11.22 19.45 -6.44
C LEU C 270 11.21 20.39 -5.24
N PRO C 271 10.72 21.63 -5.44
CA PRO C 271 10.65 22.63 -4.39
C PRO C 271 9.57 22.30 -3.36
N ARG C 272 9.77 22.78 -2.14
CA ARG C 272 8.82 22.55 -1.06
C ARG C 272 8.32 23.88 -0.49
N TYR C 273 7.00 23.98 -0.36
CA TYR C 273 6.35 25.14 0.25
C TYR C 273 6.15 24.89 1.74
N PHE C 274 6.30 25.95 2.56
CA PHE C 274 6.02 25.89 4.01
C PHE C 274 5.15 27.09 4.36
N LYS C 275 4.08 26.86 5.13
CA LYS C 275 3.37 27.97 5.78
C LYS C 275 3.25 27.65 7.26
N ILE C 276 3.93 28.43 8.08
CA ILE C 276 4.07 28.14 9.51
C ILE C 276 3.22 29.11 10.32
N THR C 277 2.42 28.56 11.23
CA THR C 277 1.69 29.36 12.19
C THR C 277 2.47 29.40 13.50
N LEU C 278 2.73 30.62 13.98
CA LEU C 278 3.46 30.81 15.23
C LEU C 278 2.67 31.67 16.19
N ARG C 279 2.88 31.42 17.48
CA ARG C 279 2.23 32.20 18.54
C ARG C 279 3.25 32.62 19.58
N LYS C 280 3.01 33.75 20.23
CA LYS C 280 3.90 34.20 21.30
C LYS C 280 3.64 33.39 22.57
N ARG C 281 4.72 33.02 23.24
CA ARG C 281 4.66 32.24 24.47
C ARG C 281 5.46 32.95 25.56
N TRP C 282 4.88 33.09 26.75
CA TRP C 282 5.61 33.58 27.93
C TRP C 282 6.59 32.50 28.38
N VAL C 283 7.84 32.90 28.63
CA VAL C 283 8.87 32.00 29.14
C VAL C 283 9.64 32.64 30.30
N LYS C 284 10.19 31.82 31.18
CA LYS C 284 10.97 32.32 32.32
C LYS C 284 12.33 31.64 32.42
N MET D 2 -13.11 40.13 4.31
CA MET D 2 -14.48 39.59 4.45
C MET D 2 -14.66 38.90 5.81
N GLU D 3 -15.51 39.46 6.65
CA GLU D 3 -15.82 38.91 7.96
C GLU D 3 -16.96 37.87 7.84
N VAL D 4 -16.68 36.63 8.24
CA VAL D 4 -17.63 35.51 8.10
C VAL D 4 -18.52 35.42 9.35
N LEU D 5 -19.83 35.53 9.17
CA LEU D 5 -20.77 35.54 10.29
C LEU D 5 -21.58 34.23 10.35
N ASP D 6 -22.84 34.31 10.77
CA ASP D 6 -23.71 33.12 10.93
C ASP D 6 -24.15 32.48 9.61
N LEU D 7 -24.61 31.23 9.72
CA LEU D 7 -25.25 30.56 8.59
C LEU D 7 -26.63 31.15 8.41
N VAL D 8 -27.04 31.32 7.15
CA VAL D 8 -28.39 31.78 6.80
C VAL D 8 -29.36 30.61 6.91
N THR D 9 -30.51 30.84 7.53
CA THR D 9 -31.56 29.82 7.59
C THR D 9 -32.78 30.24 6.78
N GLY D 10 -33.68 29.29 6.55
CA GLY D 10 -34.92 29.56 5.85
C GLY D 10 -35.03 28.83 4.52
N PRO D 11 -36.15 29.04 3.79
CA PRO D 11 -36.40 28.37 2.51
C PRO D 11 -35.27 28.60 1.51
N ASP D 12 -34.80 27.50 0.91
CA ASP D 12 -33.79 27.53 -0.13
C ASP D 12 -32.43 28.05 0.35
N SER D 13 -32.13 27.90 1.63
CA SER D 13 -30.82 28.32 2.17
C SER D 13 -29.68 27.33 1.90
N VAL D 14 -30.04 26.10 1.54
CA VAL D 14 -29.06 25.08 1.18
C VAL D 14 -29.42 24.55 -0.20
N THR D 15 -28.40 24.33 -1.03
CA THR D 15 -28.60 23.79 -2.37
C THR D 15 -27.54 22.74 -2.72
N GLU D 16 -27.86 21.89 -3.68
CA GLU D 16 -26.87 20.95 -4.23
C GLU D 16 -26.81 21.18 -5.73
N ILE D 17 -25.60 21.24 -6.28
CA ILE D 17 -25.47 21.34 -7.73
C ILE D 17 -24.50 20.29 -8.25
N GLU D 18 -24.73 19.84 -9.48
CA GLU D 18 -23.90 18.80 -10.01
C GLU D 18 -23.38 19.14 -11.39
N ALA D 19 -22.24 18.54 -11.70
CA ALA D 19 -21.61 18.72 -12.99
C ALA D 19 -20.64 17.59 -13.27
N PHE D 20 -20.47 17.28 -14.55
CA PHE D 20 -19.42 16.39 -15.02
CA PHE D 20 -19.38 16.41 -14.96
C PHE D 20 -18.42 17.23 -15.81
N LEU D 21 -17.13 16.97 -15.61
CA LEU D 21 -16.09 17.59 -16.43
C LEU D 21 -15.42 16.49 -17.23
N ASN D 22 -15.54 16.57 -18.56
CA ASN D 22 -14.88 15.60 -19.44
C ASN D 22 -13.37 15.86 -19.49
N PRO D 23 -12.57 14.79 -19.68
CA PRO D 23 -11.11 14.96 -19.73
C PRO D 23 -10.66 15.75 -20.95
N ARG D 24 -9.48 16.36 -20.85
CA ARG D 24 -8.92 17.15 -21.94
C ARG D 24 -7.52 16.65 -22.23
N MET D 25 -7.45 15.48 -22.87
CA MET D 25 -6.17 14.77 -23.06
C MET D 25 -5.39 15.21 -24.29
N GLY D 26 -6.03 15.93 -25.20
CA GLY D 26 -5.34 16.42 -26.40
C GLY D 26 -6.22 16.49 -27.63
N GLN D 27 -6.98 15.44 -27.91
CA GLN D 27 -7.94 15.54 -29.00
C GLN D 27 -9.16 16.34 -28.52
N PRO D 28 -9.55 17.42 -29.24
CA PRO D 28 -10.76 18.16 -28.84
C PRO D 28 -12.04 17.34 -29.08
N PRO D 29 -13.19 17.78 -28.53
CA PRO D 29 -14.46 17.07 -28.72
C PRO D 29 -14.92 17.00 -30.18
N THR D 30 -14.50 17.95 -31.00
CA THR D 30 -14.80 17.93 -32.43
C THR D 30 -13.49 17.86 -33.23
N PRO D 31 -13.51 17.30 -34.45
CA PRO D 31 -14.66 16.73 -35.17
C PRO D 31 -15.22 15.49 -34.46
N GLU D 32 -16.52 15.29 -34.58
CA GLU D 32 -17.17 14.14 -33.95
C GLU D 32 -16.99 12.86 -34.75
N SER D 33 -16.73 12.98 -36.04
CA SER D 33 -16.51 11.82 -36.91
C SER D 33 -15.51 10.82 -36.34
N LEU D 34 -15.88 9.54 -36.37
CA LEU D 34 -15.02 8.47 -35.87
C LEU D 34 -13.93 8.03 -36.84
N THR D 35 -13.84 8.70 -37.99
CA THR D 35 -12.74 8.47 -38.92
C THR D 35 -11.83 9.70 -39.03
N GLU D 36 -12.37 10.88 -38.72
CA GLU D 36 -11.66 12.14 -38.94
C GLU D 36 -10.96 12.69 -37.70
N GLY D 37 -10.83 11.87 -36.66
CA GLY D 37 -10.13 12.29 -35.44
C GLY D 37 -10.92 12.11 -34.16
N GLY D 38 -12.26 12.04 -34.30
CA GLY D 38 -13.16 11.85 -33.17
C GLY D 38 -12.90 10.56 -32.43
N GLN D 39 -12.37 9.56 -33.13
CA GLN D 39 -12.01 8.28 -32.50
C GLN D 39 -10.97 8.45 -31.37
N TYR D 40 -10.27 9.58 -31.36
CA TYR D 40 -9.26 9.83 -30.31
C TYR D 40 -9.82 10.62 -29.13
N TYR D 41 -11.11 10.98 -29.17
CA TYR D 41 -11.65 11.79 -28.06
C TYR D 41 -11.71 11.01 -26.75
N GLY D 42 -11.17 11.61 -25.69
CA GLY D 42 -10.93 10.92 -24.42
C GLY D 42 -9.45 10.53 -24.28
N TRP D 43 -8.71 10.71 -25.37
CA TRP D 43 -7.30 10.34 -25.44
C TRP D 43 -6.47 11.51 -25.97
N SER D 44 -5.15 11.39 -25.89
CA SER D 44 -4.30 12.30 -26.62
C SER D 44 -4.09 11.73 -28.02
N ARG D 45 -3.55 12.53 -28.92
CA ARG D 45 -2.96 11.99 -30.14
C ARG D 45 -1.57 11.41 -29.80
N GLY D 46 -0.97 10.69 -30.75
CA GLY D 46 0.28 9.97 -30.51
C GLY D 46 1.38 10.89 -30.00
N ILE D 47 1.95 10.58 -28.84
CA ILE D 47 2.98 11.43 -28.23
C ILE D 47 4.20 11.50 -29.16
N ASN D 48 4.63 12.72 -29.48
CA ASN D 48 5.77 12.96 -30.38
C ASN D 48 6.99 13.35 -29.57
N LEU D 49 8.14 12.79 -29.92
CA LEU D 49 9.33 12.95 -29.09
C LEU D 49 10.29 13.98 -29.62
N ALA D 50 11.06 14.56 -28.70
CA ALA D 50 12.18 15.43 -29.06
C ALA D 50 13.13 14.73 -30.04
N THR D 51 13.78 15.51 -30.89
CA THR D 51 14.71 14.94 -31.86
C THR D 51 16.16 15.12 -31.46
N SER D 52 16.40 15.89 -30.42
CA SER D 52 17.74 16.08 -29.85
C SER D 52 17.56 16.73 -28.49
N ASP D 53 18.67 16.87 -27.76
CA ASP D 53 18.67 17.55 -26.46
C ASP D 53 18.19 19.00 -26.53
N THR D 54 18.22 19.60 -27.72
CA THR D 54 17.86 21.01 -27.86
C THR D 54 16.65 21.24 -28.77
N GLU D 55 15.95 20.16 -29.12
CA GLU D 55 14.81 20.25 -30.04
C GLU D 55 13.63 19.41 -29.55
N ASP D 56 12.92 19.97 -28.57
CA ASP D 56 11.76 19.34 -27.96
C ASP D 56 10.52 20.18 -28.28
N SER D 57 9.77 19.79 -29.29
CA SER D 57 8.59 20.55 -29.73
C SER D 57 7.31 19.69 -29.68
N PRO D 58 6.71 19.55 -28.48
CA PRO D 58 5.51 18.72 -28.37
C PRO D 58 4.32 19.35 -29.09
N GLU D 59 3.53 18.53 -29.77
CA GLU D 59 2.31 19.04 -30.40
C GLU D 59 1.24 19.28 -29.34
N ASN D 60 0.40 20.32 -29.52
CA ASN D 60 -0.63 20.64 -28.55
C ASN D 60 -1.55 19.47 -28.23
N ASN D 61 -1.93 18.72 -29.26
CA ASN D 61 -2.85 17.59 -29.07
C ASN D 61 -2.22 16.34 -28.44
N THR D 62 -0.98 16.46 -27.98
CA THR D 62 -0.30 15.41 -27.22
C THR D 62 -0.14 15.79 -25.74
N LEU D 63 -0.59 17.00 -25.38
CA LEU D 63 -0.42 17.51 -24.03
C LEU D 63 -1.75 17.57 -23.26
N PRO D 64 -1.92 16.71 -22.23
CA PRO D 64 -3.14 16.86 -21.43
C PRO D 64 -3.20 18.21 -20.74
N THR D 65 -4.40 18.77 -20.68
CA THR D 65 -4.64 20.08 -20.07
C THR D 65 -5.66 19.96 -18.94
N TRP D 66 -5.70 20.98 -18.09
CA TRP D 66 -6.68 21.02 -17.01
C TRP D 66 -8.10 21.10 -17.54
N SER D 67 -9.01 20.37 -16.92
CA SER D 67 -10.44 20.59 -17.12
C SER D 67 -10.92 21.63 -16.11
N MET D 68 -11.83 22.50 -16.53
CA MET D 68 -12.46 23.42 -15.60
CA MET D 68 -12.40 23.54 -15.68
C MET D 68 -13.86 23.84 -16.06
N ALA D 69 -14.68 24.20 -15.08
CA ALA D 69 -16.00 24.75 -15.33
C ALA D 69 -16.30 25.78 -14.26
N LYS D 70 -16.96 26.87 -14.67
CA LYS D 70 -17.45 27.85 -13.73
C LYS D 70 -18.96 27.71 -13.71
N LEU D 71 -19.51 27.47 -12.53
CA LEU D 71 -20.95 27.36 -12.35
C LEU D 71 -21.48 28.64 -11.71
N GLN D 72 -22.57 29.17 -12.29
CA GLN D 72 -23.15 30.41 -11.79
C GLN D 72 -24.30 30.07 -10.85
N LEU D 73 -24.19 30.52 -9.60
CA LEU D 73 -25.20 30.23 -8.57
C LEU D 73 -26.26 31.34 -8.50
N PRO D 74 -27.41 31.08 -7.87
CA PRO D 74 -28.44 32.12 -7.77
C PRO D 74 -27.96 33.40 -7.07
N MET D 75 -28.30 34.56 -7.63
CA MET D 75 -27.89 35.84 -7.06
C MET D 75 -28.51 36.01 -5.67
N LEU D 76 -27.72 36.50 -4.71
CA LEU D 76 -28.16 36.61 -3.32
C LEU D 76 -28.44 38.03 -2.85
N ASN D 77 -27.74 39.00 -3.42
CA ASN D 77 -27.76 40.37 -2.91
C ASN D 77 -28.26 41.39 -3.94
N GLU D 78 -29.44 41.94 -3.67
CA GLU D 78 -30.04 42.98 -4.50
C GLU D 78 -29.20 44.27 -4.48
N ASP D 79 -28.50 44.49 -3.36
CA ASP D 79 -27.76 45.73 -3.15
C ASP D 79 -26.44 45.42 -2.44
N LEU D 80 -25.33 45.51 -3.17
CA LEU D 80 -24.01 45.22 -2.62
C LEU D 80 -23.47 46.28 -1.64
N THR D 81 -24.20 47.38 -1.48
CA THR D 81 -23.81 48.41 -0.52
C THR D 81 -24.37 48.14 0.88
N CYS D 82 -25.17 47.07 1.02
CA CYS D 82 -25.72 46.70 2.33
CA CYS D 82 -25.71 46.70 2.34
C CYS D 82 -24.58 46.29 3.26
N ASP D 83 -24.68 46.66 4.55
CA ASP D 83 -23.65 46.38 5.55
CA ASP D 83 -23.63 46.37 5.52
C ASP D 83 -23.36 44.88 5.68
N THR D 84 -24.43 44.08 5.71
CA THR D 84 -24.30 42.63 5.80
C THR D 84 -24.85 42.00 4.52
N LEU D 85 -24.08 41.09 3.95
CA LEU D 85 -24.43 40.42 2.69
C LEU D 85 -24.47 38.92 2.90
N GLN D 86 -24.88 38.21 1.85
CA GLN D 86 -24.86 36.74 1.84
C GLN D 86 -24.00 36.23 0.71
N MET D 87 -23.30 35.13 0.96
CA MET D 87 -22.53 34.43 -0.05
C MET D 87 -22.83 32.94 0.00
N TRP D 88 -22.72 32.30 -1.16
CA TRP D 88 -22.76 30.84 -1.21
C TRP D 88 -21.45 30.26 -0.72
N GLU D 89 -21.57 29.31 0.19
CA GLU D 89 -20.42 28.63 0.80
C GLU D 89 -20.44 27.15 0.41
N ALA D 90 -19.36 26.67 -0.20
CA ALA D 90 -19.26 25.25 -0.56
C ALA D 90 -18.83 24.46 0.68
N VAL D 91 -19.71 23.56 1.15
CA VAL D 91 -19.56 22.85 2.42
C VAL D 91 -18.84 21.53 2.19
N SER D 92 -19.21 20.85 1.11
CA SER D 92 -18.74 19.49 0.84
C SER D 92 -18.96 19.14 -0.62
N VAL D 93 -18.25 18.10 -1.08
CA VAL D 93 -18.42 17.63 -2.45
C VAL D 93 -18.36 16.11 -2.47
N LYS D 94 -19.26 15.50 -3.24
CA LYS D 94 -19.10 14.10 -3.59
C LYS D 94 -18.52 14.10 -4.99
N THR D 95 -17.33 13.53 -5.13
CA THR D 95 -16.69 13.49 -6.44
C THR D 95 -16.28 12.05 -6.80
N GLU D 96 -16.37 11.74 -8.09
CA GLU D 96 -16.12 10.38 -8.57
C GLU D 96 -15.53 10.44 -9.97
N VAL D 97 -14.49 9.65 -10.20
CA VAL D 97 -13.93 9.47 -11.55
C VAL D 97 -14.64 8.26 -12.14
N VAL D 98 -15.33 8.46 -13.27
CA VAL D 98 -16.23 7.46 -13.85
C VAL D 98 -15.59 6.78 -15.05
N GLY D 99 -15.77 5.46 -15.13
CA GLY D 99 -15.46 4.70 -16.32
C GLY D 99 -14.23 3.80 -16.25
N SER D 100 -13.66 3.60 -15.06
CA SER D 100 -12.47 2.73 -14.94
C SER D 100 -12.77 1.33 -15.49
N GLY D 101 -14.01 0.86 -15.37
CA GLY D 101 -14.42 -0.43 -15.98
C GLY D 101 -14.10 -0.55 -17.47
N SER D 102 -14.08 0.58 -18.19
CA SER D 102 -13.78 0.56 -19.63
C SER D 102 -12.34 0.13 -19.93
N LEU D 103 -11.48 0.23 -18.93
CA LEU D 103 -10.07 -0.20 -19.09
C LEU D 103 -9.95 -1.72 -19.16
N LEU D 104 -11.05 -2.40 -18.86
CA LEU D 104 -11.14 -3.86 -18.97
C LEU D 104 -11.33 -4.34 -20.41
N ASP D 105 -11.46 -3.40 -21.35
CA ASP D 105 -11.42 -3.75 -22.76
C ASP D 105 -9.97 -4.12 -23.14
N VAL D 106 -9.67 -5.41 -23.20
CA VAL D 106 -8.35 -5.89 -23.66
C VAL D 106 -8.49 -6.71 -24.94
N HIS D 107 -9.50 -6.35 -25.73
CA HIS D 107 -9.79 -7.08 -26.99
C HIS D 107 -9.54 -6.23 -28.24
N GLY D 108 -9.00 -5.03 -28.07
CA GLY D 108 -8.72 -4.13 -29.18
C GLY D 108 -7.42 -4.40 -29.92
N PHE D 109 -6.89 -3.36 -30.56
CA PHE D 109 -5.77 -3.52 -31.47
C PHE D 109 -4.50 -2.84 -30.94
N ASN D 110 -4.38 -2.72 -29.62
CA ASN D 110 -3.16 -2.17 -29.00
C ASN D 110 -2.02 -3.16 -29.20
N LYS D 111 -0.81 -2.75 -28.84
CA LYS D 111 0.31 -3.69 -28.79
C LYS D 111 -0.14 -4.94 -28.03
N PRO D 112 0.04 -6.13 -28.63
CA PRO D 112 -0.41 -7.34 -27.96
C PRO D 112 0.60 -7.83 -26.93
N THR D 113 0.14 -8.67 -26.00
CA THR D 113 1.04 -9.20 -24.96
C THR D 113 1.94 -10.34 -25.45
N ASP D 114 1.50 -11.07 -26.49
CA ASP D 114 2.37 -12.07 -27.13
C ASP D 114 2.87 -11.46 -28.43
N THR D 115 4.08 -10.88 -28.38
CA THR D 115 4.66 -10.22 -29.55
C THR D 115 5.30 -11.17 -30.56
N VAL D 116 5.57 -12.41 -30.15
CA VAL D 116 6.09 -13.41 -31.09
C VAL D 116 5.01 -13.75 -32.12
N ASN D 117 3.82 -14.06 -31.63
CA ASN D 117 2.72 -14.53 -32.47
C ASN D 117 1.66 -13.46 -32.80
N THR D 118 1.78 -12.27 -32.21
CA THR D 118 0.78 -11.19 -32.27
C THR D 118 -0.57 -11.72 -31.75
N LYS D 119 -0.53 -12.16 -30.50
CA LYS D 119 -1.65 -12.84 -29.84
C LYS D 119 -1.69 -12.40 -28.38
N GLY D 120 -2.42 -13.14 -27.55
CA GLY D 120 -2.54 -12.79 -26.14
C GLY D 120 -3.71 -11.85 -25.96
N ILE D 121 -3.47 -10.72 -25.29
CA ILE D 121 -4.50 -9.69 -25.19
C ILE D 121 -3.95 -8.36 -25.69
N SER D 122 -4.86 -7.43 -25.95
CA SER D 122 -4.53 -6.07 -26.27
C SER D 122 -4.09 -5.40 -24.97
N THR D 123 -2.83 -4.97 -24.90
CA THR D 123 -2.29 -4.45 -23.63
C THR D 123 -3.17 -3.32 -23.08
N PRO D 124 -3.62 -3.44 -21.81
CA PRO D 124 -4.47 -2.40 -21.25
C PRO D 124 -3.69 -1.15 -20.91
N VAL D 125 -4.42 -0.06 -20.67
CA VAL D 125 -3.82 1.21 -20.25
C VAL D 125 -2.95 0.99 -19.00
N GLU D 126 -1.72 1.52 -19.03
CA GLU D 126 -0.77 1.40 -17.92
C GLU D 126 0.08 2.65 -17.86
N GLY D 127 0.79 2.83 -16.75
CA GLY D 127 1.82 3.87 -16.72
C GLY D 127 1.52 4.97 -15.73
N SER D 128 1.97 6.18 -16.05
CA SER D 128 1.87 7.30 -15.12
C SER D 128 0.41 7.79 -14.99
N GLN D 129 0.04 8.11 -13.76
CA GLN D 129 -1.33 8.49 -13.41
C GLN D 129 -1.30 9.78 -12.62
N TYR D 130 -2.33 10.61 -12.81
CA TYR D 130 -2.35 11.92 -12.17
C TYR D 130 -3.81 12.27 -11.93
N HIS D 131 -4.16 12.48 -10.66
CA HIS D 131 -5.54 12.80 -10.31
C HIS D 131 -5.57 14.00 -9.40
N VAL D 132 -6.17 15.09 -9.88
CA VAL D 132 -6.31 16.28 -9.06
C VAL D 132 -7.73 16.79 -9.23
N PHE D 133 -8.35 17.23 -8.14
CA PHE D 133 -9.58 18.00 -8.25
C PHE D 133 -9.55 19.16 -7.28
N ALA D 134 -10.35 20.18 -7.59
CA ALA D 134 -10.43 21.38 -6.78
C ALA D 134 -11.83 21.94 -6.86
N VAL D 135 -12.27 22.54 -5.75
CA VAL D 135 -13.52 23.26 -5.69
C VAL D 135 -13.19 24.58 -5.00
N GLY D 136 -13.56 25.70 -5.63
CA GLY D 136 -13.29 27.01 -5.06
C GLY D 136 -14.27 28.09 -5.47
N GLY D 137 -14.12 29.26 -4.85
CA GLY D 137 -15.03 30.39 -5.07
C GLY D 137 -14.45 31.43 -6.02
N GLU D 138 -13.35 31.05 -6.67
CA GLU D 138 -12.65 31.85 -7.68
C GLU D 138 -11.75 30.87 -8.45
N PRO D 139 -11.12 31.31 -9.57
CA PRO D 139 -10.31 30.36 -10.33
C PRO D 139 -9.17 29.75 -9.50
N LEU D 140 -8.81 28.50 -9.82
CA LEU D 140 -7.68 27.85 -9.19
C LEU D 140 -6.43 28.64 -9.54
N ASP D 141 -5.66 29.01 -8.51
CA ASP D 141 -4.36 29.67 -8.73
C ASP D 141 -3.32 28.64 -9.15
N LEU D 142 -2.58 28.98 -10.20
CA LEU D 142 -1.59 28.06 -10.77
C LEU D 142 -0.16 28.58 -10.64
N GLN D 143 0.76 27.65 -10.39
CA GLN D 143 2.20 27.92 -10.35
C GLN D 143 2.85 27.07 -11.45
N GLY D 144 3.60 27.72 -12.33
CA GLY D 144 4.33 27.02 -13.37
C GLY D 144 5.59 26.37 -12.86
N LEU D 145 5.90 25.19 -13.40
CA LEU D 145 7.16 24.49 -13.14
C LEU D 145 7.25 23.39 -14.19
N VAL D 146 8.34 23.39 -14.93
CA VAL D 146 8.52 22.47 -16.05
C VAL D 146 9.71 21.54 -15.88
N THR D 147 9.70 20.45 -16.63
CA THR D 147 10.85 19.57 -16.75
C THR D 147 12.04 20.29 -17.41
N ASP D 148 11.75 21.02 -18.49
CA ASP D 148 12.80 21.60 -19.34
C ASP D 148 12.37 22.99 -19.79
N ALA D 149 13.07 24.01 -19.31
CA ALA D 149 12.81 25.41 -19.71
C ALA D 149 13.12 25.65 -21.19
N ARG D 150 13.76 24.68 -21.82
CA ARG D 150 14.08 24.76 -23.25
C ARG D 150 12.98 24.20 -24.14
N THR D 151 11.98 23.56 -23.54
CA THR D 151 10.87 22.98 -24.33
C THR D 151 10.19 24.05 -25.18
N LYS D 152 10.05 23.74 -26.46
CA LYS D 152 9.51 24.69 -27.44
C LYS D 152 8.00 24.45 -27.58
N TYR D 153 7.24 24.87 -26.57
CA TYR D 153 5.78 24.77 -26.65
C TYR D 153 5.27 25.67 -27.77
N LYS D 154 4.18 25.24 -28.41
CA LYS D 154 3.51 26.09 -29.40
C LYS D 154 3.09 27.41 -28.75
N GLU D 155 3.19 28.51 -29.50
CA GLU D 155 2.79 29.82 -28.97
C GLU D 155 1.28 30.02 -29.04
N GLU D 156 0.65 29.29 -29.95
CA GLU D 156 -0.81 29.36 -30.12
CA GLU D 156 -0.81 29.36 -30.12
C GLU D 156 -1.41 28.01 -29.79
N GLY D 157 -2.51 28.01 -29.04
CA GLY D 157 -3.26 26.79 -28.77
C GLY D 157 -3.14 26.20 -27.37
N VAL D 158 -2.13 26.66 -26.62
CA VAL D 158 -1.95 26.28 -25.21
C VAL D 158 -1.53 27.53 -24.43
N VAL D 159 -1.94 27.63 -23.17
CA VAL D 159 -1.45 28.72 -22.31
C VAL D 159 -0.23 28.19 -21.57
N THR D 160 0.93 28.77 -21.84
CA THR D 160 2.18 28.31 -21.20
C THR D 160 2.83 29.46 -20.43
N ILE D 161 3.99 29.23 -19.80
CA ILE D 161 4.65 30.31 -19.04
C ILE D 161 4.88 31.54 -19.92
N LYS D 162 5.38 31.33 -21.15
CA LYS D 162 5.64 32.43 -22.08
C LYS D 162 4.37 33.23 -22.42
N THR D 163 3.23 32.54 -22.51
CA THR D 163 1.95 33.23 -22.73
C THR D 163 1.75 34.31 -21.66
N ILE D 164 2.12 33.99 -20.43
CA ILE D 164 1.91 34.89 -19.29
C ILE D 164 2.97 35.98 -19.23
N THR D 165 4.24 35.59 -19.27
CA THR D 165 5.35 36.53 -19.05
C THR D 165 5.71 37.34 -20.28
N LYS D 166 5.30 36.87 -21.45
CA LYS D 166 5.70 37.44 -22.76
C LYS D 166 7.19 37.26 -23.06
N LYS D 167 7.85 36.36 -22.32
CA LYS D 167 9.27 36.11 -22.47
C LYS D 167 9.54 34.62 -22.40
N ASP D 168 10.66 34.19 -22.99
CA ASP D 168 11.04 32.79 -22.92
C ASP D 168 11.21 32.34 -21.47
N MET D 169 11.00 31.04 -21.24
CA MET D 169 11.22 30.46 -19.92
C MET D 169 12.68 30.63 -19.50
N VAL D 170 12.90 30.72 -18.20
CA VAL D 170 14.25 30.82 -17.65
C VAL D 170 14.58 29.55 -16.87
N ASN D 171 15.85 29.35 -16.51
CA ASN D 171 16.23 28.12 -15.81
C ASN D 171 15.49 27.91 -14.47
N LYS D 172 15.15 29.02 -13.81
CA LYS D 172 14.35 29.01 -12.58
C LYS D 172 12.99 28.33 -12.75
N ASP D 173 12.48 28.29 -13.97
CA ASP D 173 11.17 27.67 -14.23
C ASP D 173 11.20 26.14 -14.10
N GLN D 174 12.40 25.58 -13.97
CA GLN D 174 12.56 24.16 -13.69
C GLN D 174 12.45 23.88 -12.18
N VAL D 175 12.47 24.96 -11.38
CA VAL D 175 12.16 24.87 -9.95
C VAL D 175 11.01 25.83 -9.65
N LEU D 176 10.99 26.45 -8.47
CA LEU D 176 9.91 27.39 -8.15
C LEU D 176 10.33 28.81 -8.50
N ASN D 177 9.71 29.35 -9.55
CA ASN D 177 9.89 30.75 -9.93
C ASN D 177 8.57 31.51 -9.70
N PRO D 178 8.52 32.38 -8.67
CA PRO D 178 7.24 32.99 -8.30
C PRO D 178 6.66 33.94 -9.37
N ILE D 179 7.44 34.28 -10.39
CA ILE D 179 6.97 35.09 -11.51
C ILE D 179 6.00 34.28 -12.39
N SER D 180 6.23 32.98 -12.46
CA SER D 180 5.48 32.14 -13.40
C SER D 180 4.18 31.65 -12.77
N LYS D 181 3.19 32.53 -12.74
CA LYS D 181 1.90 32.24 -12.12
C LYS D 181 0.77 32.55 -13.09
N ALA D 182 -0.35 31.84 -12.95
CA ALA D 182 -1.52 32.06 -13.78
C ALA D 182 -2.77 31.64 -12.99
N LYS D 183 -3.93 31.80 -13.62
CA LYS D 183 -5.18 31.33 -13.04
C LYS D 183 -5.85 30.39 -14.03
N LEU D 184 -6.47 29.33 -13.53
CA LEU D 184 -7.15 28.36 -14.38
C LEU D 184 -8.51 28.93 -14.80
N ASP D 185 -8.49 29.70 -15.89
CA ASP D 185 -9.67 30.46 -16.29
C ASP D 185 -10.27 29.96 -17.59
N LYS D 186 -9.72 28.88 -18.13
CA LYS D 186 -10.20 28.30 -19.38
C LYS D 186 -9.99 26.78 -19.38
N ASP D 187 -11.00 26.06 -19.87
CA ASP D 187 -10.98 24.61 -19.99
C ASP D 187 -10.12 24.20 -21.19
N GLY D 188 -9.36 23.13 -21.02
CA GLY D 188 -8.64 22.49 -22.14
C GLY D 188 -7.51 23.33 -22.75
N MET D 189 -6.88 24.16 -21.93
CA MET D 189 -5.85 25.08 -22.42
C MET D 189 -4.54 25.12 -21.64
N TYR D 190 -4.58 24.82 -20.33
CA TYR D 190 -3.40 24.90 -19.46
C TYR D 190 -2.79 23.50 -19.28
N PRO D 191 -1.60 23.23 -19.88
CA PRO D 191 -1.03 21.89 -19.76
C PRO D 191 -0.66 21.50 -18.32
N VAL D 192 -1.02 20.27 -17.94
CA VAL D 192 -0.74 19.77 -16.59
C VAL D 192 0.76 19.49 -16.33
N GLU D 193 1.56 19.34 -17.39
CA GLU D 193 3.02 19.21 -17.18
C GLU D 193 3.71 20.57 -16.92
N ILE D 194 2.93 21.65 -17.00
CA ILE D 194 3.44 23.02 -16.75
C ILE D 194 2.83 23.65 -15.49
N TRP D 195 1.51 23.52 -15.34
CA TRP D 195 0.75 24.30 -14.36
C TRP D 195 0.25 23.49 -13.18
N HIS D 196 0.65 23.91 -11.97
CA HIS D 196 0.35 23.17 -10.74
C HIS D 196 -0.44 24.05 -9.78
N PRO D 197 -1.23 23.43 -8.88
CA PRO D 197 -1.91 24.29 -7.90
C PRO D 197 -0.88 25.06 -7.09
N ASP D 198 -1.13 26.37 -6.91
CA ASP D 198 -0.21 27.24 -6.20
C ASP D 198 -0.48 27.21 -4.70
N PRO D 199 0.42 26.58 -3.91
CA PRO D 199 0.17 26.50 -2.48
C PRO D 199 0.29 27.86 -1.77
N ALA D 200 0.91 28.85 -2.42
CA ALA D 200 1.06 30.19 -1.84
C ALA D 200 -0.19 31.05 -1.99
N LYS D 201 -1.15 30.58 -2.78
CA LYS D 201 -2.43 31.30 -2.91
C LYS D 201 -3.55 30.31 -2.61
N ASN D 202 -4.60 30.28 -3.43
CA ASN D 202 -5.70 29.33 -3.23
C ASN D 202 -6.33 29.33 -1.83
N GLU D 203 -6.41 30.51 -1.22
CA GLU D 203 -7.02 30.64 0.11
C GLU D 203 -8.51 30.33 0.08
N ASN D 204 -9.12 30.45 -1.10
CA ASN D 204 -10.57 30.30 -1.25
C ASN D 204 -10.92 29.11 -2.13
N THR D 205 -9.99 28.15 -2.22
CA THR D 205 -10.15 26.93 -2.99
C THR D 205 -9.56 25.77 -2.17
N ARG D 206 -10.16 24.59 -2.28
CA ARG D 206 -9.56 23.38 -1.75
C ARG D 206 -9.16 22.48 -2.91
N TYR D 207 -7.91 22.01 -2.91
CA TYR D 207 -7.47 21.09 -3.95
C TYR D 207 -6.80 19.86 -3.35
N PHE D 208 -6.88 18.75 -4.10
CA PHE D 208 -6.44 17.45 -3.64
C PHE D 208 -5.84 16.74 -4.84
N GLY D 209 -4.55 16.40 -4.75
CA GLY D 209 -3.87 15.79 -5.89
C GLY D 209 -3.01 14.60 -5.53
N ASN D 210 -2.84 13.70 -6.49
CA ASN D 210 -1.88 12.62 -6.32
C ASN D 210 -1.28 12.22 -7.65
N TYR D 211 -0.02 11.81 -7.60
CA TYR D 211 0.73 11.44 -8.77
C TYR D 211 1.36 10.08 -8.53
N THR D 212 1.29 9.20 -9.53
CA THR D 212 1.99 7.92 -9.52
C THR D 212 2.69 7.79 -10.88
N GLY D 213 3.99 7.57 -10.86
CA GLY D 213 4.74 7.55 -12.12
C GLY D 213 4.97 6.19 -12.73
N GLY D 214 6.07 6.08 -13.51
CA GLY D 214 6.46 4.83 -14.16
C GLY D 214 5.90 4.67 -15.55
N THR D 215 6.26 3.55 -16.18
CA THR D 215 5.87 3.31 -17.57
C THR D 215 4.86 2.19 -17.71
N THR D 216 4.92 1.20 -16.83
CA THR D 216 4.00 0.05 -16.94
C THR D 216 3.22 -0.15 -15.65
N THR D 217 3.18 0.89 -14.82
CA THR D 217 2.53 0.85 -13.51
C THR D 217 1.04 0.55 -13.65
N PRO D 218 0.52 -0.41 -12.85
CA PRO D 218 -0.92 -0.70 -12.96
C PRO D 218 -1.75 0.49 -12.50
N PRO D 219 -2.78 0.87 -13.27
CA PRO D 219 -3.63 1.95 -12.80
C PRO D 219 -4.56 1.47 -11.68
N VAL D 220 -4.80 2.33 -10.70
CA VAL D 220 -5.65 2.01 -9.56
C VAL D 220 -6.68 3.11 -9.40
N LEU D 221 -7.92 2.72 -9.12
CA LEU D 221 -8.99 3.71 -8.90
C LEU D 221 -10.04 3.12 -7.99
N GLN D 222 -10.59 3.95 -7.12
CA GLN D 222 -11.72 3.59 -6.28
CA GLN D 222 -11.74 3.58 -6.29
C GLN D 222 -12.88 4.51 -6.64
N PHE D 223 -14.10 4.03 -6.47
CA PHE D 223 -15.28 4.85 -6.78
C PHE D 223 -16.44 4.38 -5.92
N THR D 224 -17.17 5.33 -5.35
CA THR D 224 -18.33 5.01 -4.52
C THR D 224 -19.21 6.26 -4.47
N ASN D 225 -20.51 6.08 -4.26
CA ASN D 225 -21.38 7.25 -4.03
C ASN D 225 -21.58 7.54 -2.55
N THR D 226 -20.73 6.99 -1.70
CA THR D 226 -20.91 7.10 -0.24
C THR D 226 -19.86 7.97 0.44
N LEU D 227 -18.93 8.51 -0.35
CA LEU D 227 -17.79 9.26 0.18
C LEU D 227 -17.98 10.75 -0.03
N THR D 228 -17.99 11.49 1.08
CA THR D 228 -18.12 12.94 1.06
C THR D 228 -16.78 13.57 1.39
N THR D 229 -16.35 14.52 0.57
CA THR D 229 -15.15 15.31 0.86
C THR D 229 -15.56 16.63 1.51
N VAL D 230 -15.14 16.86 2.75
CA VAL D 230 -15.47 18.09 3.47
C VAL D 230 -14.60 19.22 2.93
N LEU D 231 -15.21 20.39 2.73
CA LEU D 231 -14.50 21.53 2.15
C LEU D 231 -14.29 22.67 3.15
N LEU D 232 -14.80 22.49 4.37
CA LEU D 232 -14.60 23.48 5.43
C LEU D 232 -13.13 23.54 5.85
N ASP D 233 -12.62 24.74 6.13
CA ASP D 233 -11.25 24.90 6.62
C ASP D 233 -11.18 24.66 8.12
N GLU D 234 -10.03 24.94 8.73
CA GLU D 234 -9.85 24.71 10.17
C GLU D 234 -10.79 25.56 11.04
N ASN D 235 -11.35 26.62 10.46
CA ASN D 235 -12.30 27.50 11.17
C ASN D 235 -13.77 27.22 10.86
N GLY D 236 -14.05 26.16 10.11
CA GLY D 236 -15.40 25.77 9.75
C GLY D 236 -15.98 26.54 8.56
N VAL D 237 -15.12 27.17 7.77
CA VAL D 237 -15.58 27.96 6.63
C VAL D 237 -15.17 27.32 5.31
N GLY D 238 -16.15 27.10 4.43
CA GLY D 238 -15.88 26.58 3.09
C GLY D 238 -15.53 27.68 2.10
N PRO D 239 -15.15 27.31 0.86
CA PRO D 239 -14.94 28.32 -0.17
C PRO D 239 -16.19 29.22 -0.31
N LEU D 240 -15.96 30.53 -0.42
CA LEU D 240 -17.06 31.48 -0.58
C LEU D 240 -17.10 31.96 -2.03
N CYS D 241 -18.27 31.86 -2.66
CA CYS D 241 -18.37 32.04 -4.10
C CYS D 241 -18.44 33.51 -4.50
N LYS D 242 -17.31 34.05 -4.97
CA LYS D 242 -17.24 35.46 -5.33
C LYS D 242 -18.12 35.76 -6.54
N GLY D 243 -19.00 36.74 -6.40
CA GLY D 243 -20.02 37.02 -7.43
C GLY D 243 -20.84 35.80 -7.81
N GLU D 244 -21.07 34.92 -6.83
CA GLU D 244 -21.85 33.68 -7.00
C GLU D 244 -21.25 32.69 -8.01
N GLY D 245 -19.95 32.79 -8.27
CA GLY D 245 -19.27 31.86 -9.17
C GLY D 245 -18.62 30.74 -8.40
N LEU D 246 -18.86 29.51 -8.86
CA LEU D 246 -18.27 28.32 -8.25
C LEU D 246 -17.36 27.67 -9.28
N TYR D 247 -16.11 27.41 -8.90
CA TYR D 247 -15.14 26.87 -9.84
C TYR D 247 -14.78 25.44 -9.53
N LEU D 248 -14.88 24.60 -10.56
CA LEU D 248 -14.51 23.20 -10.50
C LEU D 248 -13.34 22.97 -11.43
N SER D 249 -12.31 22.25 -10.96
CA SER D 249 -11.11 22.01 -11.74
C SER D 249 -10.66 20.59 -11.52
N CYS D 250 -10.16 19.94 -12.57
CA CYS D 250 -9.64 18.58 -12.40
C CYS D 250 -8.80 18.10 -13.57
N VAL D 251 -8.07 17.02 -13.30
CA VAL D 251 -7.41 16.23 -14.34
C VAL D 251 -7.33 14.81 -13.81
N ASP D 252 -7.63 13.84 -14.68
CA ASP D 252 -7.66 12.43 -14.27
C ASP D 252 -7.07 11.55 -15.35
N ILE D 253 -5.74 11.45 -15.32
CA ILE D 253 -4.98 10.64 -16.27
C ILE D 253 -4.79 9.25 -15.70
N MET D 254 -5.14 8.26 -16.52
CA MET D 254 -5.08 6.84 -16.14
C MET D 254 -3.82 6.12 -16.60
N GLY D 255 -3.08 6.74 -17.52
CA GLY D 255 -1.89 6.12 -18.13
C GLY D 255 -1.93 6.27 -19.63
N TRP D 256 -1.26 5.36 -20.34
CA TRP D 256 -1.26 5.34 -21.81
C TRP D 256 -1.72 4.01 -22.36
N ARG D 257 -2.32 4.04 -23.57
CA ARG D 257 -2.35 2.85 -24.39
CA ARG D 257 -2.36 2.85 -24.41
C ARG D 257 -1.18 2.91 -25.37
N VAL D 258 -0.70 1.76 -25.80
CA VAL D 258 0.44 1.67 -26.68
C VAL D 258 0.01 0.97 -27.96
N THR D 259 0.30 1.58 -29.11
CA THR D 259 -0.15 1.01 -30.38
C THR D 259 0.83 -0.04 -30.93
N ARG D 260 0.43 -0.69 -32.03
CA ARG D 260 1.25 -1.68 -32.70
C ARG D 260 2.26 -1.06 -33.66
N ASN D 261 2.31 0.27 -33.71
CA ASN D 261 3.20 1.02 -34.60
C ASN D 261 4.19 1.88 -33.80
N TYR D 262 5.46 1.49 -33.81
CA TYR D 262 6.53 2.26 -33.17
C TYR D 262 6.29 2.48 -31.66
N ASP D 263 5.54 1.58 -31.01
CA ASP D 263 5.15 1.78 -29.60
C ASP D 263 4.60 3.20 -29.34
N VAL D 264 3.83 3.75 -30.27
CA VAL D 264 3.23 5.07 -30.06
C VAL D 264 2.29 5.03 -28.84
N HIS D 265 2.44 6.01 -27.93
CA HIS D 265 1.61 6.09 -26.73
C HIS D 265 0.53 7.17 -26.89
N HIS D 266 -0.68 6.84 -26.40
CA HIS D 266 -1.77 7.81 -26.27
C HIS D 266 -2.20 7.90 -24.80
N TRP D 267 -2.19 9.11 -24.25
CA TRP D 267 -2.73 9.33 -22.91
C TRP D 267 -4.21 8.95 -22.86
N ARG D 268 -4.64 8.38 -21.74
CA ARG D 268 -6.07 8.16 -21.46
C ARG D 268 -6.51 8.97 -20.27
N GLY D 269 -7.63 9.67 -20.41
CA GLY D 269 -8.25 10.38 -19.28
C GLY D 269 -9.69 9.94 -19.08
N LEU D 270 -10.21 10.15 -17.87
CA LEU D 270 -11.60 9.81 -17.57
C LEU D 270 -12.34 11.03 -17.02
N PRO D 271 -13.66 11.09 -17.23
CA PRO D 271 -14.46 12.20 -16.72
C PRO D 271 -14.65 12.13 -15.21
N ARG D 272 -14.85 13.31 -14.62
CA ARG D 272 -15.06 13.42 -13.18
C ARG D 272 -16.40 14.09 -12.88
N TYR D 273 -17.15 13.46 -11.97
CA TYR D 273 -18.42 13.97 -11.46
C TYR D 273 -18.21 14.76 -10.19
N PHE D 274 -18.95 15.86 -10.04
CA PHE D 274 -18.97 16.65 -8.81
C PHE D 274 -20.42 16.86 -8.38
N LYS D 275 -20.73 16.57 -7.12
CA LYS D 275 -21.97 17.07 -6.52
C LYS D 275 -21.61 17.88 -5.30
N ILE D 276 -21.82 19.20 -5.39
CA ILE D 276 -21.38 20.13 -4.35
C ILE D 276 -22.60 20.56 -3.54
N THR D 277 -22.47 20.49 -2.22
CA THR D 277 -23.48 21.01 -1.31
C THR D 277 -23.04 22.41 -0.90
N LEU D 278 -23.94 23.38 -1.08
CA LEU D 278 -23.65 24.77 -0.73
C LEU D 278 -24.72 25.33 0.19
N ARG D 279 -24.31 26.26 1.05
CA ARG D 279 -25.24 26.91 1.96
C ARG D 279 -25.00 28.41 1.92
N LYS D 280 -26.00 29.18 2.29
CA LYS D 280 -25.84 30.63 2.34
C LYS D 280 -25.18 31.02 3.67
N ARG D 281 -24.23 31.95 3.58
CA ARG D 281 -23.49 32.44 4.75
C ARG D 281 -23.59 33.97 4.83
N TRP D 282 -23.89 34.49 6.02
CA TRP D 282 -23.86 35.93 6.25
C TRP D 282 -22.41 36.40 6.32
N VAL D 283 -22.09 37.49 5.62
CA VAL D 283 -20.73 38.05 5.65
C VAL D 283 -20.82 39.57 5.77
N LYS D 284 -19.74 40.20 6.23
CA LYS D 284 -19.65 41.67 6.17
C LYS D 284 -18.25 42.15 5.78
N GLY E 1 -44.46 7.44 -0.74
CA GLY E 1 -43.39 7.07 0.23
C GLY E 1 -42.16 7.94 0.11
N MET E 2 -42.35 9.26 0.12
CA MET E 2 -41.27 10.22 -0.01
C MET E 2 -40.76 10.76 1.33
N GLU E 3 -41.67 11.09 2.24
CA GLU E 3 -41.31 11.58 3.57
C GLU E 3 -41.00 10.42 4.53
N VAL E 4 -39.75 10.36 4.99
CA VAL E 4 -39.26 9.28 5.87
C VAL E 4 -39.56 9.60 7.34
N LEU E 5 -40.32 8.73 8.00
CA LEU E 5 -40.75 8.97 9.39
C LEU E 5 -40.01 8.07 10.39
N ASP E 6 -40.69 7.62 11.45
CA ASP E 6 -40.06 6.77 12.48
C ASP E 6 -39.80 5.34 12.02
N LEU E 7 -38.88 4.67 12.70
CA LEU E 7 -38.69 3.23 12.54
C LEU E 7 -39.90 2.51 13.11
N VAL E 8 -40.31 1.43 12.45
CA VAL E 8 -41.42 0.60 12.91
C VAL E 8 -40.88 -0.39 13.95
N THR E 9 -41.64 -0.59 15.02
CA THR E 9 -41.29 -1.59 16.03
C THR E 9 -42.32 -2.70 16.13
N GLY E 10 -41.95 -3.78 16.82
CA GLY E 10 -42.84 -4.91 17.07
C GLY E 10 -42.36 -6.17 16.39
N PRO E 11 -43.17 -7.26 16.48
CA PRO E 11 -42.85 -8.55 15.89
C PRO E 11 -42.55 -8.43 14.40
N ASP E 12 -41.46 -9.06 13.97
CA ASP E 12 -41.04 -9.15 12.56
C ASP E 12 -40.70 -7.81 11.90
N SER E 13 -40.34 -6.80 12.70
CA SER E 13 -40.02 -5.47 12.17
C SER E 13 -38.60 -5.37 11.59
N VAL E 14 -37.76 -6.34 11.93
CA VAL E 14 -36.41 -6.46 11.36
C VAL E 14 -36.26 -7.83 10.71
N THR E 15 -35.59 -7.87 9.57
CA THR E 15 -35.33 -9.13 8.90
C THR E 15 -33.92 -9.17 8.31
N GLU E 16 -33.36 -10.36 8.17
CA GLU E 16 -32.08 -10.53 7.49
C GLU E 16 -32.32 -11.44 6.30
N ILE E 17 -31.79 -11.07 5.15
CA ILE E 17 -31.83 -11.97 4.01
C ILE E 17 -30.45 -12.19 3.42
N GLU E 18 -30.23 -13.39 2.89
CA GLU E 18 -28.93 -13.67 2.29
C GLU E 18 -29.06 -14.20 0.88
N ALA E 19 -28.00 -14.01 0.12
CA ALA E 19 -27.93 -14.49 -1.25
C ALA E 19 -26.48 -14.57 -1.69
N PHE E 20 -26.23 -15.43 -2.67
CA PHE E 20 -24.96 -15.47 -3.39
CA PHE E 20 -24.97 -15.40 -3.38
C PHE E 20 -25.25 -15.08 -4.85
N LEU E 21 -24.39 -14.26 -5.42
CA LEU E 21 -24.47 -13.99 -6.85
C LEU E 21 -23.25 -14.62 -7.50
N ASN E 22 -23.48 -15.57 -8.39
CA ASN E 22 -22.37 -16.16 -9.15
C ASN E 22 -21.84 -15.21 -10.23
N PRO E 23 -20.53 -15.30 -10.55
CA PRO E 23 -19.97 -14.39 -11.55
C PRO E 23 -20.51 -14.67 -12.95
N ARG E 24 -20.47 -13.64 -13.80
CA ARG E 24 -20.92 -13.76 -15.19
C ARG E 24 -19.78 -13.34 -16.12
N MET E 25 -18.78 -14.20 -16.23
CA MET E 25 -17.53 -13.88 -16.95
C MET E 25 -17.61 -14.07 -18.48
N GLY E 26 -18.60 -14.83 -18.93
CA GLY E 26 -18.80 -14.97 -20.38
C GLY E 26 -19.40 -16.32 -20.74
N GLN E 27 -18.87 -17.39 -20.17
CA GLN E 27 -19.51 -18.71 -20.35
C GLN E 27 -20.77 -18.79 -19.47
N PRO E 28 -21.96 -19.04 -20.07
CA PRO E 28 -23.18 -19.18 -19.27
C PRO E 28 -23.16 -20.44 -18.39
N PRO E 29 -24.08 -20.54 -17.41
CA PRO E 29 -24.12 -21.73 -16.53
C PRO E 29 -24.44 -23.04 -17.27
N THR E 30 -25.12 -22.94 -18.41
CA THR E 30 -25.40 -24.12 -19.23
C THR E 30 -24.73 -23.94 -20.59
N PRO E 31 -24.35 -25.05 -21.26
CA PRO E 31 -24.50 -26.45 -20.84
C PRO E 31 -23.62 -26.79 -19.64
N GLU E 32 -24.11 -27.68 -18.79
CA GLU E 32 -23.36 -28.07 -17.60
C GLU E 32 -22.16 -28.98 -17.92
N SER E 33 -22.24 -29.67 -19.07
CA SER E 33 -21.18 -30.62 -19.47
C SER E 33 -19.77 -30.07 -19.33
N LEU E 34 -18.91 -30.82 -18.67
CA LEU E 34 -17.50 -30.41 -18.50
C LEU E 34 -16.64 -30.64 -19.75
N THR E 35 -17.24 -31.08 -20.85
CA THR E 35 -16.52 -31.14 -22.13
C THR E 35 -17.12 -30.22 -23.19
N GLU E 36 -18.40 -29.88 -23.05
CA GLU E 36 -19.12 -29.11 -24.06
C GLU E 36 -19.20 -27.60 -23.75
N GLY E 37 -18.38 -27.12 -22.82
CA GLY E 37 -18.32 -25.70 -22.53
C GLY E 37 -18.45 -25.39 -21.05
N GLY E 38 -19.10 -26.28 -20.30
CA GLY E 38 -19.28 -26.13 -18.84
C GLY E 38 -17.97 -26.02 -18.09
N GLN E 39 -16.90 -26.59 -18.64
CA GLN E 39 -15.57 -26.45 -18.04
C GLN E 39 -15.08 -25.00 -17.97
N TYR E 40 -15.73 -24.09 -18.72
CA TYR E 40 -15.38 -22.66 -18.67
C TYR E 40 -16.27 -21.83 -17.74
N TYR E 41 -17.22 -22.48 -17.04
CA TYR E 41 -18.13 -21.75 -16.16
C TYR E 41 -17.36 -21.16 -14.97
N GLY E 42 -17.53 -19.85 -14.74
CA GLY E 42 -16.70 -19.10 -13.78
C GLY E 42 -15.59 -18.33 -14.48
N TRP E 43 -15.48 -18.56 -15.78
CA TRP E 43 -14.45 -17.96 -16.63
C TRP E 43 -15.09 -17.39 -17.90
N SER E 44 -14.35 -16.56 -18.62
CA SER E 44 -14.76 -16.22 -19.99
C SER E 44 -14.27 -17.32 -20.93
N ARG E 45 -14.76 -17.32 -22.16
CA ARG E 45 -14.10 -18.06 -23.22
C ARG E 45 -12.88 -17.24 -23.66
N GLY E 46 -12.03 -17.85 -24.49
CA GLY E 46 -10.75 -17.23 -24.87
C GLY E 46 -10.98 -15.89 -25.55
N ILE E 47 -10.33 -14.86 -25.02
CA ILE E 47 -10.49 -13.47 -25.50
C ILE E 47 -10.03 -13.37 -26.96
N ASN E 48 -10.91 -12.84 -27.83
CA ASN E 48 -10.61 -12.70 -29.25
C ASN E 48 -10.31 -11.23 -29.53
N LEU E 49 -9.25 -11.00 -30.28
CA LEU E 49 -8.78 -9.62 -30.52
C LEU E 49 -9.25 -9.03 -31.84
N ALA E 50 -9.34 -7.70 -31.86
CA ALA E 50 -9.52 -6.94 -33.09
C ALA E 50 -8.56 -7.37 -34.21
N THR E 51 -9.03 -7.28 -35.45
CA THR E 51 -8.21 -7.65 -36.61
C THR E 51 -7.60 -6.44 -37.32
N SER E 52 -8.09 -5.25 -36.97
CA SER E 52 -7.54 -3.98 -37.48
C SER E 52 -8.02 -2.87 -36.55
N ASP E 53 -7.54 -1.66 -36.80
CA ASP E 53 -7.98 -0.46 -36.04
C ASP E 53 -9.48 -0.19 -36.22
N THR E 54 -10.09 -0.74 -37.27
CA THR E 54 -11.52 -0.50 -37.55
C THR E 54 -12.39 -1.75 -37.45
N GLU E 55 -11.82 -2.85 -36.97
CA GLU E 55 -12.53 -4.14 -36.90
C GLU E 55 -12.34 -4.81 -35.54
N ASP E 56 -13.13 -4.36 -34.57
CA ASP E 56 -13.04 -4.87 -33.20
C ASP E 56 -14.40 -5.48 -32.88
N SER E 57 -14.50 -6.80 -33.00
CA SER E 57 -15.79 -7.51 -32.81
C SER E 57 -15.70 -8.57 -31.72
N PRO E 58 -15.78 -8.16 -30.45
CA PRO E 58 -15.64 -9.14 -29.37
C PRO E 58 -16.85 -10.06 -29.28
N GLU E 59 -16.60 -11.34 -29.02
CA GLU E 59 -17.70 -12.30 -28.82
C GLU E 59 -18.31 -12.09 -27.44
N ASN E 60 -19.63 -12.29 -27.34
CA ASN E 60 -20.35 -12.10 -26.09
C ASN E 60 -19.77 -12.91 -24.95
N ASN E 61 -19.40 -14.16 -25.23
CA ASN E 61 -18.85 -15.05 -24.18
C ASN E 61 -17.40 -14.73 -23.76
N THR E 62 -16.85 -13.62 -24.27
CA THR E 62 -15.54 -13.11 -23.86
C THR E 62 -15.67 -11.84 -23.02
N LEU E 63 -16.91 -11.39 -22.80
CA LEU E 63 -17.14 -10.11 -22.12
C LEU E 63 -17.80 -10.31 -20.76
N PRO E 64 -17.07 -10.03 -19.67
CA PRO E 64 -17.71 -10.13 -18.37
C PRO E 64 -18.86 -9.11 -18.24
N THR E 65 -19.95 -9.56 -17.62
CA THR E 65 -21.13 -8.71 -17.44
C THR E 65 -21.47 -8.60 -15.96
N TRP E 66 -22.30 -7.61 -15.62
CA TRP E 66 -22.77 -7.46 -14.25
C TRP E 66 -23.59 -8.66 -13.79
N SER E 67 -23.39 -9.08 -12.54
CA SER E 67 -24.32 -9.99 -11.90
C SER E 67 -25.39 -9.15 -11.21
N MET E 68 -26.64 -9.62 -11.23
CA MET E 68 -27.66 -8.95 -10.41
C MET E 68 -28.74 -9.92 -9.96
N ALA E 69 -29.40 -9.57 -8.87
CA ALA E 69 -30.57 -10.32 -8.43
C ALA E 69 -31.55 -9.35 -7.81
N LYS E 70 -32.83 -9.56 -8.07
CA LYS E 70 -33.90 -8.85 -7.36
C LYS E 70 -34.53 -9.80 -6.37
N LEU E 71 -34.50 -9.44 -5.10
CA LEU E 71 -35.06 -10.28 -4.05
C LEU E 71 -36.37 -9.69 -3.55
N GLN E 72 -37.37 -10.55 -3.38
CA GLN E 72 -38.68 -10.10 -2.92
C GLN E 72 -38.77 -10.21 -1.39
N LEU E 73 -39.11 -9.09 -0.76
CA LEU E 73 -39.18 -9.00 0.70
C LEU E 73 -40.63 -9.25 1.17
N PRO E 74 -40.82 -9.52 2.48
CA PRO E 74 -42.18 -9.77 2.98
C PRO E 74 -43.15 -8.64 2.68
N MET E 75 -44.40 -9.00 2.36
CA MET E 75 -45.43 -8.02 2.01
C MET E 75 -45.70 -7.09 3.19
N LEU E 76 -45.93 -5.81 2.92
N LEU E 76 -45.90 -5.81 2.90
CA LEU E 76 -46.08 -4.83 3.99
CA LEU E 76 -46.24 -4.82 3.92
C LEU E 76 -47.49 -4.23 4.07
C LEU E 76 -47.54 -4.13 3.56
N ASN E 77 -47.83 -3.41 3.09
N ASN E 77 -48.17 -3.51 4.55
CA ASN E 77 -49.09 -2.69 3.09
CA ASN E 77 -49.33 -2.66 4.30
C ASN E 77 -50.22 -3.46 2.41
C ASN E 77 -50.61 -3.44 4.06
N THR E 84 -50.13 6.85 5.88
CA THR E 84 -48.84 6.39 6.38
C THR E 84 -48.62 4.91 6.08
N LEU E 85 -47.65 4.64 5.21
CA LEU E 85 -47.33 3.29 4.79
C LEU E 85 -46.01 2.85 5.43
N GLN E 86 -45.65 1.59 5.21
CA GLN E 86 -44.34 1.09 5.63
C GLN E 86 -43.52 0.66 4.41
N MET E 87 -42.20 0.82 4.52
CA MET E 87 -41.27 0.33 3.52
C MET E 87 -40.12 -0.38 4.21
N TRP E 88 -39.57 -1.38 3.55
CA TRP E 88 -38.33 -2.00 4.00
C TRP E 88 -37.16 -1.07 3.72
N GLU E 89 -36.30 -0.92 4.71
CA GLU E 89 -35.11 -0.07 4.62
C GLU E 89 -33.88 -0.93 4.85
N ALA E 90 -32.96 -0.95 3.88
CA ALA E 90 -31.71 -1.70 4.01
C ALA E 90 -30.75 -0.93 4.92
N VAL E 91 -30.39 -1.52 6.06
CA VAL E 91 -29.60 -0.85 7.08
C VAL E 91 -28.11 -1.09 6.89
N SER E 92 -27.75 -2.32 6.57
CA SER E 92 -26.36 -2.72 6.51
C SER E 92 -26.24 -4.00 5.71
N VAL E 93 -25.03 -4.30 5.27
CA VAL E 93 -24.76 -5.55 4.55
C VAL E 93 -23.40 -6.13 4.97
N LYS E 94 -23.36 -7.43 5.17
CA LYS E 94 -22.09 -8.14 5.24
C LYS E 94 -21.91 -8.83 3.90
N THR E 95 -20.83 -8.48 3.22
CA THR E 95 -20.56 -9.02 1.89
C THR E 95 -19.14 -9.59 1.81
N GLU E 96 -18.99 -10.65 1.03
CA GLU E 96 -17.72 -11.36 0.96
C GLU E 96 -17.56 -11.99 -0.40
N VAL E 97 -16.36 -11.89 -0.96
CA VAL E 97 -16.02 -12.56 -2.22
C VAL E 97 -15.38 -13.89 -1.84
N VAL E 98 -15.98 -14.99 -2.31
CA VAL E 98 -15.62 -16.32 -1.83
C VAL E 98 -14.76 -17.06 -2.85
N GLY E 99 -13.73 -17.75 -2.37
CA GLY E 99 -12.97 -18.68 -3.21
C GLY E 99 -11.58 -18.27 -3.65
N SER E 100 -11.03 -17.20 -3.09
CA SER E 100 -9.68 -16.78 -3.50
C SER E 100 -8.65 -17.89 -3.30
N GLY E 101 -8.86 -18.72 -2.28
CA GLY E 101 -8.02 -19.88 -2.04
C GLY E 101 -7.86 -20.79 -3.26
N SER E 102 -8.89 -20.84 -4.12
CA SER E 102 -8.84 -21.68 -5.32
C SER E 102 -7.75 -21.23 -6.31
N LEU E 103 -7.35 -19.96 -6.21
CA LEU E 103 -6.27 -19.44 -7.06
C LEU E 103 -4.89 -20.02 -6.70
N LEU E 104 -4.83 -20.72 -5.56
CA LEU E 104 -3.62 -21.44 -5.16
C LEU E 104 -3.40 -22.74 -5.94
N ASP E 105 -4.33 -23.07 -6.84
CA ASP E 105 -4.09 -24.19 -7.76
C ASP E 105 -3.09 -23.75 -8.82
N VAL E 106 -1.84 -24.18 -8.68
CA VAL E 106 -0.79 -23.91 -9.67
C VAL E 106 -0.28 -25.22 -10.23
N HIS E 107 -1.17 -26.23 -10.23
CA HIS E 107 -0.81 -27.57 -10.72
C HIS E 107 -1.46 -27.95 -12.04
N GLY E 108 -2.17 -27.00 -12.65
CA GLY E 108 -2.91 -27.24 -13.89
C GLY E 108 -2.07 -27.15 -15.15
N PHE E 109 -2.75 -26.88 -16.28
CA PHE E 109 -2.12 -26.93 -17.60
C PHE E 109 -2.02 -25.54 -18.22
N ASN E 110 -2.03 -24.49 -17.39
CA ASN E 110 -1.81 -23.13 -17.89
C ASN E 110 -0.39 -22.98 -18.44
N LYS E 111 -0.14 -21.87 -19.12
CA LYS E 111 1.22 -21.49 -19.49
C LYS E 111 2.13 -21.68 -18.28
N PRO E 112 3.21 -22.47 -18.43
CA PRO E 112 4.04 -22.73 -17.25
C PRO E 112 5.05 -21.61 -16.97
N THR E 113 5.57 -21.57 -15.76
CA THR E 113 6.56 -20.53 -15.43
C THR E 113 7.91 -20.72 -16.13
N ASP E 114 8.27 -21.97 -16.46
CA ASP E 114 9.44 -22.24 -17.29
C ASP E 114 8.95 -22.70 -18.68
N THR E 115 8.87 -21.78 -19.64
CA THR E 115 8.35 -22.10 -20.97
C THR E 115 9.36 -22.80 -21.85
N VAL E 116 10.65 -22.62 -21.56
CA VAL E 116 11.69 -23.30 -22.32
C VAL E 116 11.54 -24.82 -22.19
N ASN E 117 11.44 -25.29 -20.95
CA ASN E 117 11.45 -26.72 -20.65
C ASN E 117 10.07 -27.30 -20.36
N THR E 118 9.08 -26.42 -20.28
CA THR E 118 7.70 -26.77 -19.90
C THR E 118 7.71 -27.35 -18.48
N LYS E 119 8.12 -26.50 -17.54
CA LYS E 119 8.34 -26.91 -16.17
C LYS E 119 7.97 -25.76 -15.25
N GLY E 120 8.22 -25.94 -13.95
CA GLY E 120 7.90 -24.91 -12.96
C GLY E 120 6.51 -25.15 -12.39
N ILE E 121 5.70 -24.10 -12.40
CA ILE E 121 4.30 -24.23 -12.02
C ILE E 121 3.37 -23.71 -13.12
N SER E 122 2.10 -24.11 -13.03
CA SER E 122 1.06 -23.56 -13.88
C SER E 122 0.80 -22.12 -13.43
N THR E 123 1.05 -21.15 -14.32
CA THR E 123 0.96 -19.73 -13.92
C THR E 123 -0.41 -19.44 -13.31
N PRO E 124 -0.45 -18.90 -12.07
CA PRO E 124 -1.77 -18.59 -11.48
C PRO E 124 -2.43 -17.39 -12.15
N VAL E 125 -3.72 -17.20 -11.85
CA VAL E 125 -4.46 -16.03 -12.31
C VAL E 125 -3.77 -14.73 -11.88
N GLU E 126 -3.60 -13.81 -12.83
CA GLU E 126 -2.93 -12.52 -12.61
C GLU E 126 -3.57 -11.48 -13.51
N GLY E 127 -3.30 -10.21 -13.21
CA GLY E 127 -3.67 -9.15 -14.15
C GLY E 127 -4.72 -8.22 -13.59
N SER E 128 -5.55 -7.68 -14.49
CA SER E 128 -6.53 -6.66 -14.12
C SER E 128 -7.66 -7.22 -13.24
N GLN E 129 -8.05 -6.43 -12.23
CA GLN E 129 -9.03 -6.86 -11.25
C GLN E 129 -10.08 -5.78 -11.06
N TYR E 130 -11.31 -6.18 -10.78
CA TYR E 130 -12.40 -5.21 -10.73
C TYR E 130 -13.41 -5.76 -9.76
N HIS E 131 -13.70 -4.98 -8.71
CA HIS E 131 -14.62 -5.43 -7.67
C HIS E 131 -15.61 -4.32 -7.39
N VAL E 132 -16.88 -4.59 -7.69
CA VAL E 132 -17.93 -3.61 -7.40
C VAL E 132 -19.09 -4.36 -6.78
N PHE E 133 -19.68 -3.80 -5.73
CA PHE E 133 -20.98 -4.30 -5.29
C PHE E 133 -21.93 -3.14 -5.00
N ALA E 134 -23.22 -3.45 -5.03
CA ALA E 134 -24.25 -2.44 -4.78
C ALA E 134 -25.44 -3.10 -4.13
N VAL E 135 -26.08 -2.33 -3.25
CA VAL E 135 -27.33 -2.72 -2.62
C VAL E 135 -28.27 -1.53 -2.77
N GLY E 136 -29.46 -1.76 -3.33
CA GLY E 136 -30.43 -0.67 -3.48
C GLY E 136 -31.88 -1.10 -3.48
N GLY E 137 -32.78 -0.12 -3.49
CA GLY E 137 -34.22 -0.38 -3.45
C GLY E 137 -34.88 -0.32 -4.82
N GLU E 138 -34.03 -0.23 -5.85
CA GLU E 138 -34.41 -0.20 -7.26
C GLU E 138 -33.16 -0.56 -8.07
N PRO E 139 -33.30 -0.79 -9.40
CA PRO E 139 -32.12 -1.22 -10.16
C PRO E 139 -30.98 -0.21 -10.08
N LEU E 140 -29.75 -0.71 -10.09
CA LEU E 140 -28.57 0.14 -10.19
C LEU E 140 -28.65 0.97 -11.48
N ASP E 141 -28.54 2.28 -11.36
CA ASP E 141 -28.45 3.16 -12.52
C ASP E 141 -27.07 3.10 -13.13
N LEU E 142 -27.03 2.94 -14.46
CA LEU E 142 -25.78 2.75 -15.21
C LEU E 142 -25.51 3.92 -16.14
N GLN E 143 -24.24 4.28 -16.24
CA GLN E 143 -23.75 5.28 -17.18
C GLN E 143 -22.80 4.56 -18.14
N GLY E 144 -23.05 4.68 -19.44
CA GLY E 144 -22.18 4.07 -20.46
C GLY E 144 -20.91 4.88 -20.71
N LEU E 145 -19.78 4.18 -20.88
CA LEU E 145 -18.52 4.81 -21.29
C LEU E 145 -17.64 3.69 -21.79
N VAL E 146 -17.12 3.84 -23.01
CA VAL E 146 -16.33 2.78 -23.63
C VAL E 146 -14.91 3.22 -23.98
N THR E 147 -14.02 2.24 -24.17
CA THR E 147 -12.69 2.49 -24.71
C THR E 147 -12.78 3.02 -26.16
N ASP E 148 -13.65 2.41 -26.96
CA ASP E 148 -13.72 2.68 -28.39
C ASP E 148 -15.18 2.66 -28.86
N ALA E 149 -15.68 3.83 -29.25
CA ALA E 149 -17.03 3.96 -29.80
C ALA E 149 -17.19 3.20 -31.13
N ARG E 150 -16.09 2.73 -31.72
CA ARG E 150 -16.16 1.95 -32.95
C ARG E 150 -16.29 0.44 -32.72
N THR E 151 -16.17 -0.01 -31.46
CA THR E 151 -16.25 -1.45 -31.15
C THR E 151 -17.59 -1.98 -31.64
N LYS E 152 -17.55 -3.11 -32.33
CA LYS E 152 -18.75 -3.69 -32.93
C LYS E 152 -19.29 -4.79 -32.03
N TYR E 153 -20.01 -4.40 -30.99
CA TYR E 153 -20.63 -5.36 -30.08
C TYR E 153 -21.74 -6.08 -30.84
N LYS E 154 -21.98 -7.35 -30.49
CA LYS E 154 -23.13 -8.08 -31.03
C LYS E 154 -24.42 -7.34 -30.68
N GLU E 155 -25.40 -7.41 -31.57
CA GLU E 155 -26.70 -6.77 -31.33
C GLU E 155 -27.57 -7.63 -30.43
N GLU E 156 -27.44 -8.95 -30.54
CA GLU E 156 -28.23 -9.87 -29.72
C GLU E 156 -27.34 -10.49 -28.65
N GLY E 157 -27.89 -10.69 -27.46
CA GLY E 157 -27.20 -11.43 -26.41
C GLY E 157 -26.48 -10.58 -25.36
N VAL E 158 -26.33 -9.29 -25.64
CA VAL E 158 -25.77 -8.32 -24.69
C VAL E 158 -26.56 -7.00 -24.82
N VAL E 159 -26.66 -6.27 -23.70
CA VAL E 159 -27.24 -4.93 -23.73
C VAL E 159 -26.10 -3.91 -23.78
N THR E 160 -26.04 -3.17 -24.88
CA THR E 160 -24.96 -2.19 -25.06
C THR E 160 -25.58 -0.82 -25.32
N ILE E 161 -24.75 0.19 -25.55
CA ILE E 161 -25.27 1.56 -25.73
C ILE E 161 -26.29 1.62 -26.88
N LYS E 162 -25.96 0.99 -27.99
CA LYS E 162 -26.84 0.94 -29.16
C LYS E 162 -28.19 0.28 -28.87
N THR E 163 -28.19 -0.71 -27.98
CA THR E 163 -29.45 -1.34 -27.54
C THR E 163 -30.41 -0.30 -26.98
N ILE E 164 -29.85 0.65 -26.23
CA ILE E 164 -30.62 1.70 -25.56
C ILE E 164 -30.99 2.85 -26.52
N THR E 165 -30.01 3.37 -27.24
CA THR E 165 -30.22 4.57 -28.06
C THR E 165 -30.86 4.27 -29.42
N LYS E 166 -30.73 3.01 -29.85
CA LYS E 166 -31.13 2.56 -31.19
C LYS E 166 -30.26 3.17 -32.29
N LYS E 167 -29.10 3.70 -31.90
CA LYS E 167 -28.18 4.35 -32.83
C LYS E 167 -26.76 3.92 -32.49
N ASP E 168 -25.86 3.99 -33.47
CA ASP E 168 -24.46 3.64 -33.23
C ASP E 168 -23.88 4.58 -32.16
N MET E 169 -22.86 4.10 -31.45
CA MET E 169 -22.16 4.93 -30.49
C MET E 169 -21.52 6.14 -31.18
N VAL E 170 -21.36 7.22 -30.43
CA VAL E 170 -20.76 8.46 -30.93
C VAL E 170 -19.44 8.69 -30.18
N ASN E 171 -18.62 9.65 -30.65
CA ASN E 171 -17.31 9.83 -30.02
C ASN E 171 -17.41 10.24 -28.54
N LYS E 172 -18.48 10.95 -28.19
CA LYS E 172 -18.76 11.31 -26.80
C LYS E 172 -18.90 10.10 -25.85
N ASP E 173 -19.17 8.93 -26.40
CA ASP E 173 -19.31 7.72 -25.59
C ASP E 173 -17.97 7.21 -25.05
N GLN E 174 -16.88 7.80 -25.52
CA GLN E 174 -15.54 7.48 -25.00
C GLN E 174 -15.22 8.35 -23.78
N VAL E 175 -16.06 9.35 -23.56
CA VAL E 175 -16.04 10.17 -22.34
C VAL E 175 -17.42 10.08 -21.69
N LEU E 176 -17.86 11.12 -21.00
CA LEU E 176 -19.20 11.08 -20.39
C LEU E 176 -20.26 11.67 -21.32
N ASN E 177 -21.14 10.80 -21.84
CA ASN E 177 -22.27 11.22 -22.66
C ASN E 177 -23.55 10.91 -21.87
N PRO E 178 -24.27 11.96 -21.37
CA PRO E 178 -25.44 11.73 -20.51
CA PRO E 178 -25.42 11.72 -20.50
C PRO E 178 -26.59 11.02 -21.20
N ILE E 179 -26.58 10.96 -22.53
CA ILE E 179 -27.59 10.21 -23.29
C ILE E 179 -27.45 8.70 -23.07
N SER E 180 -26.24 8.24 -22.80
CA SER E 180 -25.96 6.80 -22.77
C SER E 180 -26.14 6.24 -21.37
N LYS E 181 -27.41 6.06 -20.97
CA LYS E 181 -27.74 5.60 -19.62
C LYS E 181 -28.64 4.35 -19.70
N ALA E 182 -28.56 3.51 -18.67
CA ALA E 182 -29.41 2.33 -18.58
C ALA E 182 -29.63 1.97 -17.12
N LYS E 183 -30.43 0.94 -16.89
CA LYS E 183 -30.63 0.39 -15.55
C LYS E 183 -30.23 -1.07 -15.57
N LEU E 184 -29.56 -1.51 -14.50
CA LEU E 184 -29.11 -2.90 -14.38
C LEU E 184 -30.29 -3.79 -13.99
N ASP E 185 -31.05 -4.19 -15.00
CA ASP E 185 -32.31 -4.89 -14.78
C ASP E 185 -32.30 -6.38 -15.17
N LYS E 186 -31.15 -6.87 -15.62
CA LYS E 186 -30.99 -8.26 -16.06
C LYS E 186 -29.61 -8.76 -15.65
N ASP E 187 -29.54 -10.00 -15.18
CA ASP E 187 -28.28 -10.66 -14.83
C ASP E 187 -27.54 -11.12 -16.09
N GLY E 188 -26.21 -10.99 -16.09
CA GLY E 188 -25.39 -11.54 -17.17
C GLY E 188 -25.63 -10.95 -18.56
N MET E 189 -25.94 -9.66 -18.63
CA MET E 189 -26.33 -9.01 -19.90
C MET E 189 -25.61 -7.69 -20.19
N TYR E 190 -25.19 -6.99 -19.13
CA TYR E 190 -24.63 -5.64 -19.25
C TYR E 190 -23.10 -5.69 -19.09
N PRO E 191 -22.34 -5.53 -20.19
CA PRO E 191 -20.88 -5.67 -20.07
C PRO E 191 -20.26 -4.63 -19.16
N VAL E 192 -19.33 -5.07 -18.31
CA VAL E 192 -18.68 -4.16 -17.36
C VAL E 192 -17.68 -3.20 -18.01
N GLU E 193 -17.23 -3.51 -19.22
CA GLU E 193 -16.37 -2.58 -19.98
C GLU E 193 -17.17 -1.43 -20.64
N ILE E 194 -18.50 -1.51 -20.54
CA ILE E 194 -19.40 -0.48 -21.09
C ILE E 194 -20.16 0.30 -20.00
N TRP E 195 -20.67 -0.43 -19.02
CA TRP E 195 -21.64 0.13 -18.07
C TRP E 195 -21.09 0.30 -16.65
N HIS E 196 -21.17 1.55 -16.17
CA HIS E 196 -20.58 1.94 -14.89
C HIS E 196 -21.67 2.50 -13.97
N PRO E 197 -21.47 2.39 -12.65
CA PRO E 197 -22.49 3.00 -11.78
C PRO E 197 -22.61 4.48 -12.09
N ASP E 198 -23.85 4.98 -12.15
CA ASP E 198 -24.07 6.37 -12.50
C ASP E 198 -24.10 7.26 -11.24
N PRO E 199 -23.06 8.09 -11.04
CA PRO E 199 -23.02 8.89 -9.81
C PRO E 199 -24.05 10.04 -9.80
N ALA E 200 -24.62 10.36 -10.97
CA ALA E 200 -25.63 11.40 -11.09
C ALA E 200 -27.03 10.91 -10.70
N LYS E 201 -27.19 9.61 -10.54
CA LYS E 201 -28.47 9.02 -10.11
C LYS E 201 -28.20 8.17 -8.85
N ASN E 202 -28.78 6.98 -8.76
CA ASN E 202 -28.51 6.08 -7.61
C ASN E 202 -28.73 6.71 -6.23
N GLU E 203 -29.76 7.56 -6.14
CA GLU E 203 -30.13 8.16 -4.86
C GLU E 203 -30.59 7.12 -3.86
N ASN E 204 -31.04 5.96 -4.36
CA ASN E 204 -31.64 4.93 -3.53
C ASN E 204 -30.84 3.63 -3.57
N THR E 205 -29.56 3.75 -3.91
CA THR E 205 -28.61 2.62 -3.99
C THR E 205 -27.27 3.07 -3.43
N ARG E 206 -26.58 2.19 -2.74
CA ARG E 206 -25.19 2.44 -2.35
C ARG E 206 -24.30 1.49 -3.15
N TYR E 207 -23.26 2.03 -3.78
CA TYR E 207 -22.34 1.17 -4.51
C TYR E 207 -20.90 1.47 -4.11
N PHE E 208 -20.03 0.46 -4.25
CA PHE E 208 -18.64 0.55 -3.79
C PHE E 208 -17.81 -0.22 -4.81
N GLY E 209 -16.84 0.46 -5.43
CA GLY E 209 -16.04 -0.16 -6.48
C GLY E 209 -14.55 0.11 -6.39
N ASN E 210 -13.76 -0.82 -6.92
CA ASN E 210 -12.34 -0.57 -7.09
C ASN E 210 -11.79 -1.28 -8.30
N TYR E 211 -10.77 -0.69 -8.89
CA TYR E 211 -10.17 -1.22 -10.11
C TYR E 211 -8.66 -1.23 -9.92
N THR E 212 -8.01 -2.34 -10.32
CA THR E 212 -6.55 -2.40 -10.39
C THR E 212 -6.19 -3.02 -11.72
N GLY E 213 -5.40 -2.31 -12.52
CA GLY E 213 -5.13 -2.76 -13.88
C GLY E 213 -3.86 -3.57 -14.04
N GLY E 214 -3.29 -3.53 -15.24
CA GLY E 214 -2.06 -4.24 -15.57
C GLY E 214 -2.30 -5.61 -16.19
N THR E 215 -1.19 -6.27 -16.58
CA THR E 215 -1.26 -7.58 -17.24
C THR E 215 -0.82 -8.73 -16.34
N THR E 216 0.14 -8.50 -15.46
CA THR E 216 0.63 -9.58 -14.60
C THR E 216 0.53 -9.23 -13.11
N THR E 217 -0.33 -8.27 -12.81
CA THR E 217 -0.51 -7.76 -11.44
C THR E 217 -0.96 -8.88 -10.50
N PRO E 218 -0.33 -9.01 -9.32
CA PRO E 218 -0.80 -10.02 -8.36
CA PRO E 218 -0.80 -10.02 -8.36
C PRO E 218 -2.21 -9.69 -7.87
N PRO E 219 -3.12 -10.68 -7.92
CA PRO E 219 -4.45 -10.39 -7.35
C PRO E 219 -4.38 -10.34 -5.83
N VAL E 220 -5.22 -9.48 -5.23
CA VAL E 220 -5.23 -9.30 -3.78
C VAL E 220 -6.69 -9.38 -3.35
N LEU E 221 -6.96 -10.08 -2.25
CA LEU E 221 -8.33 -10.13 -1.71
C LEU E 221 -8.29 -10.36 -0.22
N GLN E 222 -9.18 -9.70 0.49
CA GLN E 222 -9.39 -9.97 1.91
C GLN E 222 -10.79 -10.53 2.10
N PHE E 223 -10.98 -11.32 3.15
CA PHE E 223 -12.29 -11.88 3.47
C PHE E 223 -12.40 -12.13 4.97
N THR E 224 -13.55 -11.77 5.55
CA THR E 224 -13.81 -12.00 6.96
C THR E 224 -15.32 -11.93 7.16
N ASN E 225 -15.81 -12.66 8.15
CA ASN E 225 -17.23 -12.57 8.49
C ASN E 225 -17.51 -11.53 9.59
N THR E 226 -16.56 -10.64 9.83
CA THR E 226 -16.66 -9.68 10.94
C THR E 226 -16.87 -8.23 10.49
N LEU E 227 -16.91 -8.01 9.18
CA LEU E 227 -17.01 -6.67 8.61
CA LEU E 227 -17.02 -6.66 8.62
C LEU E 227 -18.42 -6.36 8.12
N THR E 228 -19.00 -5.30 8.66
CA THR E 228 -20.32 -4.84 8.27
C THR E 228 -20.19 -3.52 7.49
N THR E 229 -20.87 -3.44 6.35
CA THR E 229 -20.92 -2.20 5.57
C THR E 229 -22.24 -1.51 5.89
N VAL E 230 -22.16 -0.31 6.47
CA VAL E 230 -23.37 0.46 6.80
C VAL E 230 -23.93 1.08 5.53
N LEU E 231 -25.25 1.02 5.36
CA LEU E 231 -25.89 1.51 4.14
C LEU E 231 -26.69 2.79 4.34
N LEU E 232 -26.73 3.27 5.58
CA LEU E 232 -27.43 4.51 5.91
C LEU E 232 -26.71 5.71 5.31
N ASP E 233 -27.48 6.69 4.85
CA ASP E 233 -26.90 7.90 4.25
C ASP E 233 -26.57 8.92 5.35
N GLU E 234 -26.14 10.12 4.96
CA GLU E 234 -25.81 11.18 5.91
C GLU E 234 -26.95 11.54 6.89
N ASN E 235 -28.19 11.26 6.49
CA ASN E 235 -29.36 11.51 7.34
C ASN E 235 -29.86 10.27 8.10
N GLY E 236 -29.08 9.20 8.04
CA GLY E 236 -29.41 7.94 8.73
C GLY E 236 -30.48 7.11 8.06
N VAL E 237 -30.66 7.29 6.76
CA VAL E 237 -31.69 6.57 6.02
C VAL E 237 -31.02 5.65 5.01
N GLY E 238 -31.40 4.37 5.04
CA GLY E 238 -30.87 3.40 4.09
C GLY E 238 -31.73 3.33 2.83
N PRO E 239 -31.28 2.56 1.82
CA PRO E 239 -32.11 2.34 0.63
C PRO E 239 -33.51 1.85 0.99
N LEU E 240 -34.51 2.42 0.34
CA LEU E 240 -35.93 2.08 0.61
C LEU E 240 -36.46 1.23 -0.53
N CYS E 241 -36.98 0.06 -0.19
CA CYS E 241 -37.25 -0.97 -1.19
C CYS E 241 -38.59 -0.77 -1.86
N LYS E 242 -38.56 -0.16 -3.05
CA LYS E 242 -39.78 0.13 -3.80
C LYS E 242 -40.49 -1.17 -4.19
N GLY E 243 -41.76 -1.27 -3.83
CA GLY E 243 -42.56 -2.47 -4.06
C GLY E 243 -41.99 -3.73 -3.44
N GLU E 244 -41.32 -3.56 -2.29
CA GLU E 244 -40.69 -4.67 -1.55
C GLU E 244 -39.64 -5.44 -2.36
N GLY E 245 -38.98 -4.75 -3.28
CA GLY E 245 -37.91 -5.37 -4.05
C GLY E 245 -36.55 -4.86 -3.59
N LEU E 246 -35.62 -5.77 -3.36
CA LEU E 246 -34.25 -5.43 -2.98
C LEU E 246 -33.29 -5.86 -4.10
N TYR E 247 -32.46 -4.93 -4.55
CA TYR E 247 -31.57 -5.18 -5.68
C TYR E 247 -30.12 -5.33 -5.23
N LEU E 248 -29.53 -6.45 -5.63
CA LEU E 248 -28.11 -6.71 -5.39
C LEU E 248 -27.39 -6.78 -6.73
N SER E 249 -26.23 -6.13 -6.81
CA SER E 249 -25.47 -6.04 -8.06
C SER E 249 -24.00 -6.19 -7.73
N CYS E 250 -23.26 -6.88 -8.60
CA CYS E 250 -21.83 -7.01 -8.40
C CYS E 250 -21.07 -7.53 -9.61
N VAL E 251 -19.75 -7.39 -9.53
CA VAL E 251 -18.81 -8.01 -10.47
C VAL E 251 -17.50 -8.14 -9.70
N ASP E 252 -16.88 -9.32 -9.82
CA ASP E 252 -15.65 -9.61 -9.09
C ASP E 252 -14.66 -10.36 -9.96
N ILE E 253 -13.91 -9.58 -10.74
CA ILE E 253 -12.88 -10.10 -11.65
C ILE E 253 -11.55 -10.18 -10.92
N MET E 254 -10.91 -11.35 -10.97
CA MET E 254 -9.63 -11.60 -10.29
C MET E 254 -8.43 -11.48 -11.22
N GLY E 255 -8.67 -11.45 -12.53
CA GLY E 255 -7.60 -11.45 -13.53
C GLY E 255 -7.87 -12.47 -14.62
N TRP E 256 -6.80 -12.94 -15.27
CA TRP E 256 -6.91 -13.96 -16.31
C TRP E 256 -6.00 -15.13 -16.01
N ARG E 257 -6.40 -16.31 -16.49
CA ARG E 257 -5.44 -17.40 -16.70
CA ARG E 257 -5.43 -17.38 -16.69
C ARG E 257 -5.00 -17.34 -18.15
N VAL E 258 -3.82 -17.88 -18.44
CA VAL E 258 -3.23 -17.84 -19.77
C VAL E 258 -2.90 -19.27 -20.18
N THR E 259 -3.34 -19.66 -21.37
CA THR E 259 -3.13 -21.04 -21.83
C THR E 259 -1.77 -21.21 -22.50
N ARG E 260 -1.45 -22.46 -22.84
CA ARG E 260 -0.22 -22.81 -23.52
C ARG E 260 -0.31 -22.61 -25.04
N ASN E 261 -1.46 -22.16 -25.53
CA ASN E 261 -1.72 -22.00 -26.96
CA ASN E 261 -1.61 -21.96 -26.98
C ASN E 261 -1.87 -20.51 -27.31
N TYR E 262 -0.86 -19.89 -27.92
CA TYR E 262 -0.94 -18.47 -28.32
C TYR E 262 -1.37 -17.53 -27.18
N ASP E 263 -0.95 -17.85 -25.95
CA ASP E 263 -1.24 -17.02 -24.79
C ASP E 263 -2.73 -16.64 -24.68
N VAL E 264 -3.64 -17.56 -25.00
CA VAL E 264 -5.07 -17.24 -24.90
C VAL E 264 -5.42 -16.92 -23.44
N HIS E 265 -6.09 -15.78 -23.22
CA HIS E 265 -6.50 -15.37 -21.88
C HIS E 265 -7.96 -15.69 -21.61
N HIS E 266 -8.24 -16.19 -20.41
CA HIS E 266 -9.61 -16.37 -19.95
C HIS E 266 -9.80 -15.54 -18.67
N TRP E 267 -10.80 -14.66 -18.65
CA TRP E 267 -11.15 -13.96 -17.39
C TRP E 267 -11.54 -14.94 -16.28
N ARG E 268 -11.18 -14.62 -15.04
CA ARG E 268 -11.65 -15.37 -13.86
C ARG E 268 -12.47 -14.46 -12.97
N GLY E 269 -13.67 -14.93 -12.63
CA GLY E 269 -14.56 -14.24 -11.67
C GLY E 269 -14.85 -15.13 -10.47
N LEU E 270 -15.19 -14.52 -9.34
CA LEU E 270 -15.59 -15.26 -8.15
C LEU E 270 -16.96 -14.81 -7.66
N PRO E 271 -17.68 -15.70 -6.94
CA PRO E 271 -19.02 -15.36 -6.44
C PRO E 271 -18.96 -14.45 -5.23
N ARG E 272 -20.04 -13.71 -5.02
CA ARG E 272 -20.12 -12.79 -3.88
C ARG E 272 -21.34 -13.10 -3.05
N TYR E 273 -21.11 -13.19 -1.74
CA TYR E 273 -22.14 -13.39 -0.74
C TYR E 273 -22.63 -12.05 -0.22
N PHE E 274 -23.93 -11.97 0.01
CA PHE E 274 -24.57 -10.80 0.66
C PHE E 274 -25.45 -11.27 1.83
N LYS E 275 -25.32 -10.62 2.99
CA LYS E 275 -26.30 -10.78 4.05
C LYS E 275 -26.76 -9.38 4.43
N ILE E 276 -28.00 -9.07 4.09
CA ILE E 276 -28.55 -7.72 4.26
C ILE E 276 -29.49 -7.68 5.45
N THR E 277 -29.27 -6.71 6.35
CA THR E 277 -30.20 -6.46 7.43
C THR E 277 -31.14 -5.35 7.02
N LEU E 278 -32.44 -5.60 7.16
CA LEU E 278 -33.47 -4.62 6.82
C LEU E 278 -34.43 -4.42 7.97
N ARG E 279 -35.00 -3.22 8.04
CA ARG E 279 -35.94 -2.86 9.07
C ARG E 279 -37.10 -2.13 8.41
N LYS E 280 -38.28 -2.20 9.02
CA LYS E 280 -39.42 -1.50 8.47
C LYS E 280 -39.37 -0.04 8.89
N ARG E 281 -39.71 0.84 7.94
CA ARG E 281 -39.71 2.29 8.17
C ARG E 281 -41.07 2.87 7.82
N TRP E 282 -41.60 3.70 8.71
CA TRP E 282 -42.81 4.48 8.39
C TRP E 282 -42.48 5.55 7.34
N VAL E 283 -43.35 5.69 6.35
CA VAL E 283 -43.20 6.69 5.28
C VAL E 283 -44.55 7.32 4.94
N LYS E 284 -44.52 8.55 4.45
CA LYS E 284 -45.73 9.25 4.00
C LYS E 284 -45.53 9.84 2.61
C1 GAL F . 9.32 -45.91 -9.70
C2 GAL F . 9.81 -45.24 -8.41
C3 GAL F . 8.69 -45.14 -7.37
C4 GAL F . 7.47 -44.47 -8.02
C5 GAL F . 7.07 -45.32 -9.22
C6 GAL F . 5.79 -44.82 -9.90
O1 GAL F . 10.29 -45.79 -10.72
O2 GAL F . 10.89 -45.96 -7.86
O3 GAL F . 9.14 -44.46 -6.23
O4 GAL F . 7.81 -43.17 -8.46
O5 GAL F . 8.12 -45.31 -10.16
O6 GAL F . 4.66 -45.31 -9.20
C1 NGA F . 7.10 -42.17 -7.73
C2 NGA F . 7.83 -40.83 -7.87
C3 NGA F . 7.01 -39.65 -7.33
C4 NGA F . 5.56 -39.72 -7.80
C5 NGA F . 5.01 -41.10 -7.44
C6 NGA F . 3.53 -41.26 -7.77
C7 NGA F . 10.28 -41.09 -7.86
C8 NGA F . 11.52 -41.09 -7.01
N2 NGA F . 9.14 -40.86 -7.22
O3 NGA F . 7.63 -38.44 -7.79
O4 NGA F . 5.51 -39.53 -9.22
O5 NGA F . 5.75 -42.07 -8.18
O6 NGA F . 3.05 -42.40 -7.02
O7 NGA F . 10.35 -41.30 -9.07
C1 GAL F . 7.74 -37.49 -6.72
C2 GAL F . 8.84 -36.50 -7.07
C3 GAL F . 8.92 -35.43 -5.98
C4 GAL F . 7.55 -34.78 -5.77
C5 GAL F . 6.51 -35.86 -5.48
C6 GAL F . 5.10 -35.28 -5.33
O2 GAL F . 10.08 -37.17 -7.17
O3 GAL F . 9.91 -34.46 -6.32
O4 GAL F . 7.21 -34.06 -6.95
O5 GAL F . 6.49 -36.84 -6.51
O6 GAL F . 4.23 -36.32 -4.92
C1 SIA F . 10.29 -34.29 -3.85
C2 SIA F . 10.84 -34.13 -5.26
C3 SIA F . 11.25 -32.69 -5.54
C4 SIA F . 12.50 -32.33 -4.72
C5 SIA F . 13.64 -33.34 -4.96
C6 SIA F . 13.12 -34.76 -4.71
C7 SIA F . 14.16 -35.84 -5.04
C8 SIA F . 13.81 -37.19 -4.41
C9 SIA F . 12.87 -38.06 -5.24
C10 SIA F . 16.01 -32.88 -4.59
C11 SIA F . 17.07 -32.61 -3.56
N5 SIA F . 14.78 -33.05 -4.10
O1A SIA F . 9.53 -33.41 -3.40
O1B SIA F . 10.61 -35.30 -3.16
O4 SIA F . 12.93 -31.01 -5.08
O6 SIA F . 11.95 -35.02 -5.49
O7 SIA F . 14.34 -35.93 -6.46
O8 SIA F . 15.04 -37.90 -4.18
O9 SIA F . 12.27 -39.04 -4.40
O10 SIA F . 16.28 -32.92 -5.79
C1 SIA F . 15.38 -36.67 -2.10
C2 SIA F . 15.43 -38.03 -2.80
C3 SIA F . 16.86 -38.60 -2.85
C4 SIA F . 17.32 -39.17 -1.49
C5 SIA F . 16.27 -40.11 -0.90
C6 SIA F . 14.92 -39.39 -0.84
C7 SIA F . 13.79 -40.24 -0.28
C8 SIA F . 12.44 -39.53 -0.41
C9 SIA F . 11.38 -40.15 0.50
C10 SIA F . 17.18 -41.77 0.63
C11 SIA F . 17.55 -42.10 2.05
N5 SIA F . 16.67 -40.57 0.43
O1A SIA F . 16.34 -35.89 -2.25
O1B SIA F . 14.38 -36.36 -1.40
O4 SIA F . 18.55 -39.87 -1.68
O6 SIA F . 14.55 -38.96 -2.16
O7 SIA F . 13.74 -41.49 -0.99
O8 SIA F . 12.59 -38.15 -0.06
O9 SIA F . 10.09 -39.67 0.10
O10 SIA F . 17.36 -42.56 -0.28
C1 GAL G . 43.63 -19.74 1.63
C2 GAL G . 43.36 -18.26 1.89
C3 GAL G . 42.81 -18.02 3.31
C4 GAL G . 41.63 -18.95 3.56
C5 GAL G . 42.14 -20.38 3.37
C6 GAL G . 41.11 -21.42 3.80
O1 GAL G . 43.92 -19.98 0.27
O2 GAL G . 44.54 -17.51 1.70
O3 GAL G . 42.44 -16.67 3.49
O4 GAL G . 40.62 -18.70 2.59
O5 GAL G . 42.51 -20.54 2.01
O6 GAL G . 41.25 -22.60 3.02
C1 NGA G . 39.41 -18.21 3.19
C2 NGA G . 38.62 -17.47 2.12
C3 NGA G . 37.21 -17.11 2.59
C4 NGA G . 36.52 -18.33 3.18
C5 NGA G . 37.38 -18.90 4.31
C6 NGA G . 36.75 -20.11 4.97
C7 NGA G . 40.04 -16.21 0.55
C8 NGA G . 40.71 -14.89 0.28
N2 NGA G . 39.33 -16.27 1.68
O3 NGA G . 36.47 -16.59 1.47
O4 NGA G . 36.31 -19.32 2.15
O5 NGA G . 38.65 -19.27 3.76
O6 NGA G . 37.58 -20.53 6.06
O7 NGA G . 40.16 -17.15 -0.23
C1 GAL G . 35.77 -15.41 1.89
C2 GAL G . 35.42 -14.60 0.64
C3 GAL G . 34.60 -13.37 1.02
C4 GAL G . 33.39 -13.78 1.85
C5 GAL G . 33.83 -14.63 3.06
C6 GAL G . 32.66 -15.15 3.87
O2 GAL G . 36.61 -14.20 -0.02
O3 GAL G . 34.21 -12.68 -0.15
O4 GAL G . 32.52 -14.52 1.03
O5 GAL G . 34.60 -15.75 2.61
O6 GAL G . 33.15 -15.73 5.07
C1 SIA G . 34.44 -10.67 1.32
C2 SIA G . 34.49 -11.26 -0.08
C3 SIA G . 33.46 -10.61 -1.03
C4 SIA G . 33.82 -9.15 -1.29
C5 SIA G . 35.22 -9.07 -1.88
C6 SIA G . 36.21 -9.77 -0.94
C7 SIA G . 37.63 -9.80 -1.49
C8 SIA G . 38.65 -10.12 -0.40
C9 SIA G . 38.83 -11.61 -0.15
C10 SIA G . 35.96 -7.18 -3.25
C11 SIA G . 36.28 -5.73 -3.26
N5 SIA G . 35.59 -7.68 -2.07
O1A SIA G . 35.52 -10.46 1.94
O1B SIA G . 33.32 -10.40 1.82
O4 SIA G . 32.88 -8.55 -2.20
O6 SIA G . 35.81 -11.12 -0.67
O7 SIA G . 37.72 -10.73 -2.57
O8 SIA G . 39.91 -9.55 -0.80
O9 SIA G . 39.30 -11.81 1.19
O10 SIA G . 36.05 -7.87 -4.26
C1 SIA G . 39.20 -7.39 0.13
C2 SIA G . 40.33 -8.41 0.00
C3 SIA G . 41.53 -7.82 -0.74
C4 SIA G . 42.31 -6.80 0.08
C5 SIA G . 42.66 -7.37 1.44
C6 SIA G . 41.38 -7.86 2.12
C7 SIA G . 41.58 -8.43 3.53
C8 SIA G . 40.27 -8.99 4.07
C9 SIA G . 40.42 -9.37 5.54
C10 SIA G . 44.68 -6.49 2.52
C11 SIA G . 45.29 -5.39 3.34
N5 SIA G . 43.38 -6.37 2.24
O1A SIA G . 38.97 -6.60 -0.82
O1B SIA G . 38.52 -7.36 1.18
O4 SIA G . 43.50 -6.41 -0.61
O6 SIA G . 40.74 -8.85 1.30
O7 SIA G . 42.59 -9.45 3.53
O8 SIA G . 39.24 -8.01 3.93
O9 SIA G . 39.29 -10.14 5.99
O10 SIA G . 45.36 -7.45 2.16
C1 GAL H . 39.13 18.58 -20.39
C2 GAL H . 37.73 19.23 -20.48
C3 GAL H . 37.42 20.03 -19.21
C4 GAL H . 37.61 19.14 -17.99
C5 GAL H . 39.08 18.68 -18.00
C6 GAL H . 39.47 17.94 -16.73
O1 GAL H . 39.31 17.67 -21.46
O2 GAL H . 37.66 20.07 -21.60
O3 GAL H . 36.10 20.55 -19.24
O4 GAL H . 36.76 18.02 -18.12
O5 GAL H . 39.29 17.88 -19.16
O6 GAL H . 40.62 17.14 -16.95
C1 NGA H . 35.80 17.93 -17.04
C2 NGA H . 34.63 17.07 -17.53
C3 NGA H . 33.68 16.67 -16.39
C4 NGA H . 34.44 16.19 -15.15
C5 NGA H . 35.52 17.20 -14.76
C6 NGA H . 36.34 16.77 -13.55
C7 NGA H . 34.13 17.45 -19.90
C8 NGA H . 33.32 18.25 -20.88
N2 NGA H . 33.93 17.74 -18.60
O3 NGA H . 32.77 15.64 -16.86
O4 NGA H . 35.04 14.91 -15.43
O5 NGA H . 36.40 17.39 -15.87
O6 NGA H . 37.12 17.89 -13.10
O7 NGA H . 34.92 16.60 -20.25
C1 GAL H . 31.44 15.96 -16.47
C2 GAL H . 30.45 15.21 -17.36
C3 GAL H . 29.00 15.53 -16.95
C4 GAL H . 28.85 15.22 -15.45
C5 GAL H . 29.91 15.96 -14.64
C6 GAL H . 29.84 15.61 -13.16
O2 GAL H . 30.64 15.59 -18.71
O3 GAL H . 28.09 14.76 -17.72
O4 GAL H . 29.00 13.84 -15.28
O5 GAL H . 31.20 15.63 -15.11
O6 GAL H . 30.58 16.58 -12.46
C1 SIA H . 26.60 16.75 -17.49
C2 SIA H . 27.03 15.54 -18.31
C3 SIA H . 25.89 14.51 -18.50
C4 SIA H . 24.80 15.12 -19.40
C5 SIA H . 25.40 15.57 -20.74
C6 SIA H . 26.58 16.52 -20.48
C7 SIA H . 27.29 16.93 -21.78
C8 SIA H . 28.15 18.18 -21.57
C9 SIA H . 29.57 17.90 -21.07
C10 SIA H . 24.09 15.80 -22.79
C11 SIA H . 23.00 16.56 -23.50
N5 SIA H . 24.37 16.21 -21.55
O1A SIA H . 27.00 17.90 -17.82
O1B SIA H . 25.89 16.57 -16.47
O4 SIA H . 23.71 14.19 -19.59
O6 SIA H . 27.53 15.90 -19.60
O7 SIA H . 28.05 15.85 -22.31
O8 SIA H . 28.23 18.86 -22.84
O9 SIA H . 29.99 19.03 -20.30
O10 SIA H . 24.67 14.87 -23.32
C1 SIA H . 26.09 19.95 -22.40
C2 SIA H . 27.53 20.13 -22.86
C3 SIA H . 27.57 20.56 -24.34
C4 SIA H . 27.18 22.03 -24.54
C5 SIA H . 27.97 22.94 -23.60
C6 SIA H . 27.76 22.46 -22.17
C7 SIA H . 28.47 23.32 -21.11
C8 SIA H . 28.37 22.72 -19.70
C9 SIA H . 28.77 23.74 -18.65
C10 SIA H . 28.29 25.22 -24.44
C11 SIA H . 27.73 26.62 -24.50
N5 SIA H . 27.56 24.33 -23.76
O1A SIA H . 25.26 19.43 -23.18
O1B SIA H . 25.77 20.30 -21.23
O4 SIA H . 27.38 22.43 -25.89
O6 SIA H . 28.22 21.10 -22.06
O7 SIA H . 29.84 23.50 -21.48
O8 SIA H . 27.03 22.25 -19.44
O9 SIA H . 28.95 23.10 -17.38
O10 SIA H . 29.35 24.94 -24.97
C1 GAL I . 2.26 16.13 -44.89
C2 GAL I . 1.00 15.47 -44.29
C3 GAL I . 0.23 16.43 -43.38
C4 GAL I . 1.18 17.08 -42.37
C5 GAL I . 2.24 17.80 -43.19
C6 GAL I . 3.12 18.72 -42.36
O1 GAL I . 3.08 15.13 -45.45
O2 GAL I . 0.14 15.01 -45.31
O3 GAL I . -0.77 15.68 -42.72
O4 GAL I . 1.77 16.05 -41.57
O5 GAL I . 2.99 16.82 -43.90
O6 GAL I . 4.25 18.01 -41.91
C1 NGA I . 1.42 16.18 -40.18
C2 NGA I . 1.58 14.80 -39.51
C3 NGA I . 1.43 14.91 -37.99
C4 NGA I . 2.32 16.03 -37.43
C5 NGA I . 2.02 17.33 -38.15
C6 NGA I . 2.88 18.49 -37.67
C7 NGA I . 0.87 12.96 -41.01
C8 NGA I . -0.28 12.08 -41.44
N2 NGA I . 0.60 13.85 -40.06
O3 NGA I . 1.80 13.66 -37.38
O4 NGA I . 3.71 15.68 -37.59
O5 NGA I . 2.24 17.16 -39.54
O6 NGA I . 2.27 19.71 -38.14
O7 NGA I . 1.98 12.84 -41.51
C1 GAL I . 0.83 13.29 -36.38
C2 GAL I . 0.94 11.78 -36.18
C3 GAL I . -0.02 11.33 -35.07
C4 GAL I . 0.27 12.14 -33.80
C5 GAL I . 0.14 13.63 -34.13
C6 GAL I . 0.44 14.50 -32.90
O2 GAL I . 0.61 11.14 -37.38
O3 GAL I . 0.10 9.92 -34.86
O4 GAL I . 1.57 11.81 -33.32
O5 GAL I . 1.05 13.98 -35.16
O6 GAL I . 0.24 15.87 -33.23
C1 SIA I . -2.35 10.10 -34.30
C2 SIA I . -1.18 9.25 -34.78
C3 SIA I . -0.97 8.04 -33.85
C4 SIA I . -2.11 7.02 -34.02
C5 SIA I . -2.29 6.65 -35.49
C6 SIA I . -2.48 7.92 -36.33
C7 SIA I . -2.64 7.64 -37.82
C8 SIA I . -3.26 8.81 -38.58
C9 SIA I . -2.26 9.93 -38.91
C10 SIA I . -3.37 4.56 -36.17
C11 SIA I . -4.64 3.78 -36.25
N5 SIA I . -3.45 5.80 -35.64
O1A SIA I . -3.12 10.60 -35.14
O1B SIA I . -2.48 10.27 -33.07
O4 SIA I . -1.85 5.85 -33.22
O6 SIA I . -1.37 8.81 -36.13
O7 SIA I . -1.38 7.27 -38.40
O8 SIA I . -3.83 8.31 -39.78
O9 SIA I . -2.98 11.11 -39.30
O10 SIA I . -2.31 4.10 -36.56
C1 SIA I . -5.82 7.67 -38.49
C2 SIA I . -5.29 8.31 -39.78
C3 SIA I . -5.73 7.50 -41.02
C4 SIA I . -7.20 7.71 -41.36
C5 SIA I . -7.53 9.21 -41.44
C6 SIA I . -7.14 9.87 -40.12
C7 SIA I . -7.43 11.36 -40.07
C8 SIA I . -6.86 11.99 -38.80
C9 SIA I . -7.40 13.41 -38.59
C10 SIA I . -9.43 9.75 -42.91
C11 SIA I . -10.91 9.95 -42.98
N5 SIA I . -8.94 9.44 -41.71
O1A SIA I . -6.18 8.41 -37.55
O1B SIA I . -5.87 6.42 -38.40
O4 SIA I . -7.53 7.07 -42.59
O6 SIA I . -5.75 9.67 -39.91
O7 SIA I . -6.85 12.01 -41.22
O8 SIA I . -7.20 11.18 -37.67
O9 SIA I . -6.55 14.11 -37.66
O10 SIA I . -8.73 9.86 -43.90
C1 SIA I . -2.85 15.43 -41.66
C2 SIA I . -2.02 16.38 -42.51
C3 SIA I . -2.77 16.72 -43.81
C4 SIA I . -4.01 17.58 -43.59
C5 SIA I . -3.77 18.77 -42.64
C6 SIA I . -2.91 18.38 -41.43
C7 SIA I . -2.47 19.59 -40.59
C8 SIA I . -1.79 19.19 -39.28
C9 SIA I . -2.09 20.18 -38.18
C10 SIA I . -5.50 20.51 -42.34
C11 SIA I . -6.85 20.80 -41.77
N5 SIA I . -5.07 19.25 -42.17
O1A SIA I . -3.50 14.52 -42.22
O1B SIA I . -2.82 15.56 -40.42
O4 SIA I . -4.50 18.05 -44.84
O6 SIA I . -1.76 17.61 -41.80
O7 SIA I . -1.57 20.41 -41.34
O8 SIA I . -2.23 17.88 -38.87
O9 SIA I . -1.15 19.99 -37.12
O10 SIA I . -4.84 21.37 -42.92
C1 GAL J . -16.33 -23.56 -38.32
C2 GAL J . -16.41 -24.22 -36.94
C3 GAL J . -17.51 -23.60 -36.06
C4 GAL J . -17.47 -22.07 -36.09
C5 GAL J . -17.55 -21.67 -37.56
C6 GAL J . -17.71 -20.15 -37.72
O1 GAL J . -15.12 -23.93 -38.97
O2 GAL J . -16.62 -25.61 -37.04
O3 GAL J . -17.27 -24.08 -34.74
O4 GAL J . -16.27 -21.60 -35.52
O5 GAL J . -16.38 -22.14 -38.21
O6 GAL J . -17.34 -19.76 -39.02
C1 NGA J . -16.48 -20.81 -34.33
C2 NGA J . -15.17 -20.83 -33.51
C3 NGA J . -15.18 -19.82 -32.37
C4 NGA J . -15.64 -18.44 -32.86
C5 NGA J . -17.01 -18.57 -33.54
C6 NGA J . -17.51 -17.22 -34.03
C7 NGA J . -14.13 -23.05 -33.60
C8 NGA J . -13.98 -24.37 -32.91
N2 NGA J . -14.91 -22.16 -32.99
O3 NGA J . -13.84 -19.73 -31.85
O4 NGA J . -14.68 -17.94 -33.80
O5 NGA J . -16.87 -19.47 -34.65
O6 NGA J . -18.83 -17.37 -34.58
O7 NGA J . -13.54 -22.80 -34.66
C1 GAL J . -13.89 -19.73 -30.41
C2 GAL J . -12.51 -20.15 -29.88
C3 GAL J . -12.50 -20.09 -28.35
C4 GAL J . -12.96 -18.69 -27.88
C5 GAL J . -14.32 -18.33 -28.51
C6 GAL J . -14.77 -16.92 -28.19
O2 GAL J . -12.18 -21.43 -30.37
O3 GAL J . -11.22 -20.39 -27.82
O4 GAL J . -11.96 -17.76 -28.29
O5 GAL J . -14.22 -18.45 -29.92
O6 GAL J . -16.14 -16.78 -28.54
C1 SIA J . -12.48 -21.44 -25.94
C2 SIA J . -11.23 -21.41 -26.80
C3 SIA J . -9.99 -21.12 -25.95
C4 SIA J . -9.68 -22.29 -25.01
C5 SIA J . -9.52 -23.60 -25.80
C6 SIA J . -10.77 -23.81 -26.67
C7 SIA J . -10.65 -25.04 -27.57
C8 SIA J . -12.03 -25.47 -28.10
C9 SIA J . -12.48 -24.79 -29.38
C10 SIA J . -8.27 -25.51 -24.96
C11 SIA J . -8.19 -26.63 -23.97
N5 SIA J . -9.33 -24.72 -24.88
O1A SIA J . -12.62 -20.58 -25.04
O1B SIA J . -13.35 -22.32 -26.18
O4 SIA J . -8.51 -22.02 -24.24
O6 SIA J . -11.06 -22.67 -27.49
O7 SIA J . -9.70 -24.80 -28.62
O8 SIA J . -11.98 -26.89 -28.33
O9 SIA J . -13.92 -24.85 -29.49
O10 SIA J . -7.40 -25.36 -25.82
C1 SIA J . -12.42 -27.30 -25.94
C2 SIA J . -12.75 -27.68 -27.39
C3 SIA J . -12.32 -29.12 -27.67
C4 SIA J . -13.26 -30.16 -27.06
C5 SIA J . -14.71 -29.86 -27.42
C6 SIA J . -15.04 -28.41 -27.01
C7 SIA J . -16.46 -27.97 -27.35
C8 SIA J . -16.67 -26.48 -27.04
C9 SIA J . -18.14 -26.14 -27.00
C10 SIA J . -16.12 -31.89 -27.38
C11 SIA J . -17.01 -32.75 -26.54
N5 SIA J . -15.60 -30.81 -26.78
O1A SIA J . -13.23 -26.58 -25.30
O1B SIA J . -11.33 -27.69 -25.45
O4 SIA J . -12.89 -31.45 -27.55
O6 SIA J . -14.14 -27.50 -27.67
O7 SIA J . -16.70 -28.19 -28.75
O8 SIA J . -16.06 -26.14 -25.78
O9 SIA J . -18.28 -24.71 -27.03
O10 SIA J . -15.87 -32.16 -28.55
C1 SIA J . -17.90 -24.52 -32.52
C2 SIA J . -18.44 -24.28 -33.92
C3 SIA J . -19.17 -25.53 -34.46
C4 SIA J . -20.54 -25.75 -33.82
C5 SIA J . -21.39 -24.47 -33.73
C6 SIA J . -20.55 -23.30 -33.19
C7 SIA J . -21.31 -21.96 -33.14
C8 SIA J . -20.43 -20.82 -32.64
C9 SIA J . -21.27 -19.69 -32.06
C10 SIA J . -23.81 -24.62 -33.31
C11 SIA J . -24.85 -24.90 -32.27
N5 SIA J . -22.54 -24.72 -32.88
O1A SIA J . -17.98 -23.60 -31.67
O1B SIA J . -17.39 -25.63 -32.25
O4 SIA J . -21.25 -26.74 -34.58
O6 SIA J . -19.34 -23.15 -33.93
O7 SIA J . -21.81 -21.63 -34.44
O8 SIA J . -19.51 -21.28 -31.64
O9 SIA J . -20.64 -18.44 -32.36
O10 SIA J . -24.11 -24.33 -34.46
C1 GOL K . -11.90 -38.10 -11.24
O1 GOL K . -12.08 -39.51 -11.26
C2 GOL K . -13.00 -37.43 -12.06
O2 GOL K . -12.81 -37.76 -13.45
C1 GOL L . -21.70 -16.26 19.07
O1 GOL L . -22.46 -17.34 19.61
C2 GOL L . -22.65 -15.33 18.35
O2 GOL L . -21.91 -14.33 17.64
C1 GOL M . 33.66 -24.42 13.90
O1 GOL M . 33.27 -23.53 14.95
C2 GOL M . 33.06 -25.80 14.15
O2 GOL M . 31.82 -25.92 13.46
C1 GOL N . 4.43 -6.18 33.39
O1 GOL N . 5.05 -7.37 33.89
C2 GOL N . 4.40 -6.23 31.86
O2 GOL N . 3.09 -6.63 31.42
C1 GOL O . 10.04 22.24 21.84
O1 GOL O . 9.58 21.05 22.50
C2 GOL O . 10.26 23.34 22.85
O2 GOL O . 11.67 23.60 22.98
C1 GOL P . 4.19 28.31 -33.55
O1 GOL P . 4.54 28.34 -32.16
C2 GOL P . 2.74 28.72 -33.71
O2 GOL P . 1.99 28.29 -32.57
C1 GOL Q . -13.20 31.23 2.88
O1 GOL Q . -12.73 32.22 1.96
C2 GOL Q . -12.51 29.90 2.58
O2 GOL Q . -11.45 29.65 3.52
C1 GOL R . -31.88 7.70 0.67
O1 GOL R . -30.47 7.85 0.84
C2 GOL R . -32.19 6.21 0.50
O2 GOL R . -33.60 6.03 0.65
#